data_9HLI
#
_entry.id   9HLI
#
_cell.length_a   1.00
_cell.length_b   1.00
_cell.length_c   1.00
_cell.angle_alpha   90.00
_cell.angle_beta   90.00
_cell.angle_gamma   90.00
#
_symmetry.space_group_name_H-M   'P 1'
#
loop_
_entity.id
_entity.type
_entity.pdbx_description
1 polymer Neuraminidase
2 non-polymer '(3~{S},4~{R},5~{R},6~{R})-4-acetamido-3-azanyl-6-(butanoylamino)-5-pentan-3-yloxy-cyclohexene-1-carboxylic acid'
3 non-polymer 2-acetamido-2-deoxy-beta-D-glucopyranose
4 non-polymer 'CALCIUM ION'
5 water water
#
_entity_poly.entity_id   1
_entity_poly.type   'polypeptide(L)'
_entity_poly.pdbx_seq_one_letter_code
;VKLAGNSSLCPVSGWAPLSKDNSVRIGSKGDVFVIREPFISCSPLECRTFFLTQGALLNDKHSNGTIKDRSPYRTLMSVP
IGSVPSPYNARFESIAWSASACHDGINWLTIGITGPDNGAVAILKYNGIITDTIKSWRNNILRTQESECACVNGSCFTVM
TDGPSNGQASYKIFRIEKGKIVKSVEMNAPNYHYEECSCYPDSSEITCVCRDNWHGSNRPWVSFNQNLEYQIGYICSGIF
GDNPRPNDKTGSCGPVSSNGANGVKGFSFKYGNGVWIGRTKSISSRNGFEMIWDPNGWTGTDNNFSIKQDIVGINEWSGY
SGSFVMHPELTGLDCIVPCFWVELIRGRPKENTIWTSGSSISFCGVNSDTVGWSWPDGAELPFTIDK
;
_entity_poly.pdbx_strand_id   A,B,C,D
#
loop_
_chem_comp.id
_chem_comp.type
_chem_comp.name
_chem_comp.formula
A1IVX non-polymer '(3~{S},4~{R},5~{R},6~{R})-4-acetamido-3-azanyl-6-(butanoylamino)-5-pentan-3-yloxy-cyclohexene-1-carboxylic acid' 'C18 H31 N3 O5'
CA non-polymer 'CALCIUM ION' 'Ca 2'
NAG D-saccharide, beta linking 2-acetamido-2-deoxy-beta-D-glucopyranose 'C8 H15 N O6'
#
# COMPACT_ATOMS: atom_id res chain seq x y z
N VAL A 1 -10.11 -6.79 -22.72
CA VAL A 1 -11.23 -7.09 -23.61
C VAL A 1 -12.53 -6.64 -22.94
N LYS A 2 -13.44 -6.06 -23.74
CA LYS A 2 -14.73 -5.64 -23.22
C LYS A 2 -15.56 -6.85 -22.80
N LEU A 3 -16.30 -6.69 -21.71
CA LEU A 3 -17.17 -7.76 -21.24
C LEU A 3 -18.33 -7.95 -22.22
N ALA A 4 -18.54 -9.19 -22.65
CA ALA A 4 -19.60 -9.47 -23.61
C ALA A 4 -20.97 -9.26 -23.01
N GLY A 5 -21.22 -9.85 -21.84
CA GLY A 5 -22.52 -9.72 -21.19
C GLY A 5 -23.66 -10.37 -21.94
N ASN A 6 -23.39 -11.38 -22.75
CA ASN A 6 -24.42 -12.03 -23.56
C ASN A 6 -24.86 -13.37 -23.00
N SER A 7 -24.15 -13.91 -22.01
CA SER A 7 -24.62 -15.13 -21.36
C SER A 7 -25.72 -14.79 -20.36
N SER A 8 -26.48 -15.81 -20.00
CA SER A 8 -27.56 -15.63 -19.03
C SER A 8 -27.06 -15.91 -17.63
N LEU A 9 -27.88 -15.53 -16.65
CA LEU A 9 -27.65 -15.94 -15.27
C LEU A 9 -27.82 -17.45 -15.17
N CYS A 10 -26.77 -18.15 -14.73
CA CYS A 10 -27.05 -19.56 -14.47
C CYS A 10 -27.83 -19.71 -13.17
N PRO A 11 -28.79 -20.64 -13.13
CA PRO A 11 -29.67 -20.73 -11.96
C PRO A 11 -28.91 -21.15 -10.72
N VAL A 12 -29.31 -20.58 -9.58
CA VAL A 12 -28.68 -20.84 -8.30
C VAL A 12 -29.76 -21.32 -7.34
N SER A 13 -29.33 -22.08 -6.33
CA SER A 13 -30.23 -22.61 -5.33
C SER A 13 -29.94 -22.07 -3.94
N GLY A 14 -28.88 -21.27 -3.79
CA GLY A 14 -28.50 -20.74 -2.50
C GLY A 14 -27.46 -19.66 -2.69
N TRP A 15 -27.08 -19.05 -1.57
CA TRP A 15 -26.17 -17.92 -1.58
C TRP A 15 -25.05 -18.17 -0.59
N ALA A 16 -23.81 -18.11 -1.07
CA ALA A 16 -22.65 -18.37 -0.25
C ALA A 16 -21.96 -17.08 0.16
N PRO A 17 -21.50 -16.98 1.41
CA PRO A 17 -20.86 -15.74 1.86
C PRO A 17 -19.57 -15.46 1.10
N LEU A 18 -19.42 -14.21 0.65
CA LEU A 18 -18.26 -13.80 -0.12
C LEU A 18 -17.33 -12.89 0.66
N SER A 19 -17.84 -11.83 1.27
CA SER A 19 -16.98 -10.90 1.99
C SER A 19 -17.69 -10.33 3.21
N LYS A 20 -16.88 -9.92 4.17
CA LYS A 20 -17.33 -9.26 5.38
C LYS A 20 -16.22 -8.32 5.83
N ASP A 21 -16.55 -7.04 5.99
CA ASP A 21 -15.55 -6.03 6.22
C ASP A 21 -15.30 -5.70 7.69
N ASN A 22 -16.32 -5.85 8.55
CA ASN A 22 -16.24 -5.55 9.98
C ASN A 22 -15.76 -4.12 10.24
N SER A 23 -16.31 -3.17 9.47
CA SER A 23 -15.78 -1.80 9.44
C SER A 23 -15.88 -1.11 10.80
N VAL A 24 -17.05 -1.19 11.44
CA VAL A 24 -17.26 -0.45 12.68
C VAL A 24 -16.46 -1.05 13.83
N ARG A 25 -16.33 -2.37 13.86
CA ARG A 25 -15.61 -3.06 14.92
C ARG A 25 -14.13 -2.66 14.93
N ILE A 26 -13.50 -2.66 13.75
CA ILE A 26 -12.12 -2.18 13.65
C ILE A 26 -12.06 -0.68 13.87
N GLY A 27 -13.07 0.06 13.40
CA GLY A 27 -13.12 1.50 13.52
C GLY A 27 -13.30 2.01 14.93
N SER A 28 -13.62 1.13 15.89
CA SER A 28 -13.60 1.53 17.30
C SER A 28 -12.21 1.97 17.74
N LYS A 29 -11.16 1.44 17.14
CA LYS A 29 -9.79 1.86 17.42
C LYS A 29 -9.07 2.42 16.20
N GLY A 30 -9.15 1.74 15.06
CA GLY A 30 -8.43 2.17 13.88
C GLY A 30 -9.05 3.37 13.20
N ASP A 31 -8.33 3.88 12.20
CA ASP A 31 -8.76 5.03 11.42
C ASP A 31 -9.59 4.53 10.24
N VAL A 32 -10.91 4.54 10.41
CA VAL A 32 -11.85 3.99 9.43
C VAL A 32 -12.85 5.08 9.08
N PHE A 33 -13.12 5.24 7.78
CA PHE A 33 -14.10 6.21 7.32
C PHE A 33 -15.49 5.90 7.85
N VAL A 34 -16.27 6.95 8.09
CA VAL A 34 -17.71 6.81 8.29
C VAL A 34 -18.35 6.79 6.91
N ILE A 35 -18.92 5.66 6.53
CA ILE A 35 -19.34 5.44 5.16
C ILE A 35 -20.83 5.14 5.13
N ARG A 36 -21.46 5.43 3.99
CA ARG A 36 -22.84 5.05 3.77
C ARG A 36 -23.03 4.80 2.28
N GLU A 37 -24.12 4.10 1.96
CA GLU A 37 -24.41 3.61 0.62
C GLU A 37 -23.24 2.87 -0.05
N PRO A 38 -22.74 1.78 0.55
CA PRO A 38 -21.68 1.02 -0.13
C PRO A 38 -22.27 0.14 -1.21
N PHE A 39 -21.41 -0.21 -2.16
CA PHE A 39 -21.78 -1.21 -3.17
C PHE A 39 -20.51 -1.83 -3.71
N ILE A 40 -20.68 -2.94 -4.41
CA ILE A 40 -19.57 -3.75 -4.90
C ILE A 40 -19.68 -3.85 -6.41
N SER A 41 -18.56 -3.66 -7.09
CA SER A 41 -18.47 -3.86 -8.53
C SER A 41 -17.18 -4.60 -8.81
N CYS A 42 -17.21 -5.46 -9.82
CA CYS A 42 -16.08 -6.34 -10.12
C CYS A 42 -15.45 -5.97 -11.45
N SER A 43 -14.13 -5.91 -11.46
CA SER A 43 -13.35 -5.86 -12.68
C SER A 43 -13.13 -7.27 -13.19
N PRO A 44 -12.56 -7.44 -14.39
CA PRO A 44 -12.10 -8.79 -14.77
C PRO A 44 -11.00 -9.35 -13.89
N LEU A 45 -10.33 -8.52 -13.09
CA LEU A 45 -9.29 -8.97 -12.19
C LEU A 45 -9.74 -9.08 -10.73
N GLU A 46 -10.48 -8.10 -10.22
CA GLU A 46 -10.83 -8.09 -8.80
C GLU A 46 -12.15 -7.35 -8.60
N CYS A 47 -12.79 -7.62 -7.46
CA CYS A 47 -13.99 -6.93 -7.03
C CYS A 47 -13.63 -5.86 -6.01
N ARG A 48 -14.31 -4.72 -6.10
CA ARG A 48 -13.99 -3.58 -5.25
C ARG A 48 -15.25 -3.11 -4.55
N THR A 49 -15.10 -2.73 -3.28
CA THR A 49 -16.19 -2.12 -2.52
C THR A 49 -16.11 -0.62 -2.68
N PHE A 50 -17.13 -0.04 -3.31
CA PHE A 50 -17.27 1.39 -3.48
C PHE A 50 -18.12 1.94 -2.35
N PHE A 51 -17.84 3.17 -1.93
CA PHE A 51 -18.57 3.74 -0.81
C PHE A 51 -18.53 5.27 -0.89
N LEU A 52 -19.54 5.88 -0.26
CA LEU A 52 -19.59 7.33 -0.10
C LEU A 52 -19.20 7.68 1.33
N THR A 53 -18.20 8.54 1.46
CA THR A 53 -17.74 8.97 2.78
C THR A 53 -17.96 10.46 2.93
N GLN A 54 -18.22 10.87 4.17
CA GLN A 54 -18.44 12.27 4.51
C GLN A 54 -17.14 13.02 4.75
N GLY A 55 -16.00 12.41 4.44
CA GLY A 55 -14.72 12.96 4.80
C GLY A 55 -14.52 12.98 6.31
N ALA A 56 -14.88 11.89 6.98
CA ALA A 56 -14.80 11.82 8.43
C ALA A 56 -14.49 10.40 8.86
N LEU A 57 -13.97 10.27 10.08
CA LEU A 57 -13.56 8.98 10.62
C LEU A 57 -14.47 8.58 11.77
N LEU A 58 -14.53 7.28 12.03
CA LEU A 58 -15.25 6.78 13.20
C LEU A 58 -14.57 7.25 14.47
N ASN A 59 -15.38 7.60 15.47
CA ASN A 59 -14.94 8.22 16.74
C ASN A 59 -14.16 9.52 16.48
N ASP A 60 -14.77 10.40 15.69
CA ASP A 60 -14.20 11.71 15.39
C ASP A 60 -15.32 12.73 15.36
N LYS A 61 -15.01 13.97 15.76
CA LYS A 61 -16.03 15.00 15.92
C LYS A 61 -16.60 15.49 14.60
N HIS A 62 -15.97 15.19 13.46
CA HIS A 62 -16.57 15.49 12.16
C HIS A 62 -17.62 14.47 11.77
N SER A 63 -17.73 13.37 12.51
CA SER A 63 -18.72 12.34 12.24
C SER A 63 -19.88 12.43 13.23
N ASP A 69 -27.06 15.36 4.55
CA ASP A 69 -27.05 14.19 3.67
C ASP A 69 -26.25 14.46 2.41
N ARG A 70 -26.65 15.46 1.63
CA ARG A 70 -26.02 15.77 0.35
C ARG A 70 -25.08 16.96 0.54
N SER A 71 -23.90 16.67 1.08
CA SER A 71 -22.93 17.70 1.40
C SER A 71 -21.87 17.80 0.32
N PRO A 72 -21.19 18.96 0.20
CA PRO A 72 -20.07 19.06 -0.75
C PRO A 72 -18.88 18.21 -0.39
N TYR A 73 -18.74 17.80 0.86
CA TYR A 73 -17.58 17.02 1.29
C TYR A 73 -17.72 15.53 0.96
N ARG A 74 -18.88 15.09 0.48
CA ARG A 74 -19.03 13.68 0.17
C ARG A 74 -18.25 13.33 -1.10
N THR A 75 -17.52 12.23 -1.01
CA THR A 75 -16.74 11.70 -2.12
C THR A 75 -17.03 10.21 -2.26
N LEU A 76 -16.85 9.70 -3.46
CA LEU A 76 -16.89 8.27 -3.72
C LEU A 76 -15.47 7.72 -3.69
N MET A 77 -15.28 6.65 -2.92
CA MET A 77 -13.97 6.02 -2.76
C MET A 77 -14.15 4.51 -2.89
N SER A 78 -13.04 3.82 -3.16
CA SER A 78 -13.10 2.37 -3.32
C SER A 78 -11.94 1.72 -2.60
N VAL A 79 -12.19 0.50 -2.12
CA VAL A 79 -11.18 -0.39 -1.54
C VAL A 79 -11.37 -1.76 -2.16
N PRO A 80 -10.36 -2.64 -2.09
CA PRO A 80 -10.59 -4.04 -2.44
C PRO A 80 -11.64 -4.65 -1.50
N ILE A 81 -12.38 -5.62 -2.06
CA ILE A 81 -13.54 -6.17 -1.36
C ILE A 81 -13.12 -6.85 -0.06
N GLY A 82 -13.88 -6.58 1.00
CA GLY A 82 -13.59 -7.13 2.31
C GLY A 82 -12.62 -6.33 3.17
N SER A 83 -11.91 -5.37 2.58
CA SER A 83 -10.98 -4.55 3.35
C SER A 83 -11.71 -3.37 3.97
N VAL A 84 -11.14 -2.87 5.07
CA VAL A 84 -11.78 -1.78 5.80
C VAL A 84 -11.66 -0.48 5.01
N PRO A 85 -12.70 0.35 4.95
CA PRO A 85 -12.55 1.65 4.30
C PRO A 85 -11.77 2.61 5.18
N SER A 86 -10.51 2.82 4.83
CA SER A 86 -9.62 3.64 5.63
C SER A 86 -8.95 4.68 4.75
N PRO A 87 -8.54 5.80 5.32
CA PRO A 87 -7.79 6.80 4.52
C PRO A 87 -6.46 6.28 3.99
N TYR A 88 -5.89 5.23 4.57
CA TYR A 88 -4.58 4.72 4.17
C TYR A 88 -4.63 3.62 3.12
N ASN A 89 -5.82 3.15 2.72
CA ASN A 89 -5.91 2.14 1.68
C ASN A 89 -6.97 2.43 0.62
N ALA A 90 -7.76 3.49 0.77
CA ALA A 90 -8.85 3.77 -0.15
C ALA A 90 -8.39 4.58 -1.35
N ARG A 91 -8.86 4.19 -2.53
CA ARG A 91 -8.61 4.94 -3.76
C ARG A 91 -9.75 5.94 -3.96
N PHE A 92 -9.39 7.19 -4.23
CA PHE A 92 -10.39 8.19 -4.58
C PHE A 92 -10.99 7.89 -5.94
N GLU A 93 -12.31 8.08 -6.06
CA GLU A 93 -12.99 7.92 -7.34
C GLU A 93 -13.58 9.22 -7.85
N SER A 94 -14.46 9.87 -7.08
CA SER A 94 -15.13 11.07 -7.54
C SER A 94 -15.73 11.80 -6.36
N ILE A 95 -16.13 13.04 -6.60
CA ILE A 95 -16.91 13.81 -5.65
C ILE A 95 -18.38 13.51 -5.93
N ALA A 96 -19.10 12.99 -4.92
CA ALA A 96 -20.45 12.50 -5.15
C ALA A 96 -21.18 12.36 -3.82
N TRP A 97 -22.45 12.77 -3.81
CA TRP A 97 -23.38 12.31 -2.79
C TRP A 97 -24.39 11.31 -3.35
N SER A 98 -24.29 10.98 -4.63
CA SER A 98 -25.00 9.86 -5.23
C SER A 98 -24.13 9.34 -6.36
N ALA A 99 -23.97 8.03 -6.45
CA ALA A 99 -22.93 7.51 -7.32
C ALA A 99 -23.30 6.16 -7.90
N SER A 100 -22.60 5.80 -8.98
CA SER A 100 -22.63 4.46 -9.54
C SER A 100 -21.28 4.20 -10.19
N ALA A 101 -20.88 2.94 -10.24
CA ALA A 101 -19.58 2.58 -10.79
C ALA A 101 -19.64 1.20 -11.40
N CYS A 102 -18.97 1.03 -12.54
CA CYS A 102 -18.92 -0.27 -13.20
C CYS A 102 -17.66 -0.33 -14.05
N HIS A 103 -17.30 -1.55 -14.43
CA HIS A 103 -16.13 -1.81 -15.25
C HIS A 103 -16.57 -2.51 -16.53
N ASP A 104 -16.26 -1.92 -17.68
CA ASP A 104 -16.69 -2.49 -18.95
C ASP A 104 -15.76 -3.57 -19.48
N GLY A 105 -14.73 -3.92 -18.72
CA GLY A 105 -13.72 -4.87 -19.14
C GLY A 105 -12.38 -4.26 -19.47
N ILE A 106 -12.34 -2.95 -19.72
CA ILE A 106 -11.10 -2.23 -20.01
C ILE A 106 -10.76 -1.25 -18.88
N ASN A 107 -11.70 -0.39 -18.52
CA ASN A 107 -11.47 0.63 -17.51
C ASN A 107 -12.71 0.78 -16.64
N TRP A 108 -12.50 1.34 -15.45
CA TRP A 108 -13.61 1.68 -14.57
C TRP A 108 -14.39 2.88 -15.13
N LEU A 109 -15.70 2.81 -15.05
CA LEU A 109 -16.56 3.96 -15.27
C LEU A 109 -17.18 4.35 -13.93
N THR A 110 -17.00 5.61 -13.55
CA THR A 110 -17.53 6.13 -12.30
C THR A 110 -18.45 7.30 -12.61
N ILE A 111 -19.66 7.25 -12.09
CA ILE A 111 -20.64 8.32 -12.22
C ILE A 111 -20.82 8.97 -10.86
N GLY A 112 -20.58 10.26 -10.78
CA GLY A 112 -20.70 10.97 -9.52
C GLY A 112 -21.57 12.21 -9.61
N ILE A 113 -22.56 12.31 -8.73
CA ILE A 113 -23.50 13.42 -8.74
C ILE A 113 -23.16 14.35 -7.57
N THR A 114 -22.96 15.62 -7.88
CA THR A 114 -22.69 16.62 -6.87
C THR A 114 -23.31 17.94 -7.32
N GLY A 115 -23.32 18.92 -6.43
CA GLY A 115 -23.96 20.18 -6.70
C GLY A 115 -25.17 20.40 -5.82
N PRO A 116 -25.84 21.54 -5.97
CA PRO A 116 -27.04 21.81 -5.17
C PRO A 116 -28.20 20.93 -5.60
N ASP A 117 -29.22 20.88 -4.74
CA ASP A 117 -30.37 20.02 -4.98
C ASP A 117 -31.18 20.44 -6.20
N ASN A 118 -31.18 21.73 -6.52
CA ASN A 118 -31.86 22.21 -7.72
C ASN A 118 -30.93 22.39 -8.91
N GLY A 119 -29.65 22.08 -8.76
CA GLY A 119 -28.71 22.21 -9.86
C GLY A 119 -27.67 21.12 -9.95
N ALA A 120 -28.02 19.91 -9.52
CA ALA A 120 -27.05 18.83 -9.46
C ALA A 120 -26.63 18.37 -10.85
N VAL A 121 -25.37 17.98 -10.98
CA VAL A 121 -24.80 17.50 -12.23
C VAL A 121 -24.15 16.15 -11.97
N ALA A 122 -24.41 15.19 -12.85
CA ALA A 122 -23.75 13.90 -12.82
C ALA A 122 -22.42 14.00 -13.56
N ILE A 123 -21.33 13.64 -12.89
CA ILE A 123 -20.00 13.69 -13.49
C ILE A 123 -19.59 12.27 -13.83
N LEU A 124 -19.36 12.02 -15.12
CA LEU A 124 -18.94 10.71 -15.60
C LEU A 124 -17.42 10.70 -15.74
N LYS A 125 -16.79 9.69 -15.16
CA LYS A 125 -15.34 9.54 -15.18
C LYS A 125 -14.99 8.18 -15.75
N TYR A 126 -14.18 8.17 -16.80
CA TYR A 126 -13.69 6.93 -17.40
C TYR A 126 -12.17 6.91 -17.24
N ASN A 127 -11.67 5.87 -16.56
CA ASN A 127 -10.25 5.74 -16.19
C ASN A 127 -9.76 6.99 -15.43
N GLY A 128 -10.61 7.49 -14.53
CA GLY A 128 -10.27 8.67 -13.76
C GLY A 128 -10.30 9.97 -14.53
N ILE A 129 -10.75 9.95 -15.79
CA ILE A 129 -10.75 11.12 -16.65
C ILE A 129 -12.20 11.54 -16.84
N ILE A 130 -12.48 12.82 -16.63
CA ILE A 130 -13.82 13.34 -16.84
C ILE A 130 -14.14 13.32 -18.33
N THR A 131 -15.19 12.60 -18.70
CA THR A 131 -15.51 12.36 -20.10
C THR A 131 -16.85 12.95 -20.53
N ASP A 132 -17.81 13.05 -19.62
CA ASP A 132 -19.11 13.60 -19.95
C ASP A 132 -19.79 14.06 -18.66
N THR A 133 -20.70 15.02 -18.80
CA THR A 133 -21.55 15.44 -17.69
C THR A 133 -22.98 15.58 -18.21
N ILE A 134 -23.94 15.38 -17.31
CA ILE A 134 -25.34 15.71 -17.57
C ILE A 134 -25.91 16.43 -16.35
N LYS A 135 -26.53 17.57 -16.58
CA LYS A 135 -27.12 18.34 -15.49
C LYS A 135 -28.53 17.82 -15.18
N SER A 136 -29.03 18.24 -14.02
CA SER A 136 -30.40 17.90 -13.63
C SER A 136 -31.40 18.56 -14.57
N TRP A 137 -32.37 17.78 -15.04
CA TRP A 137 -33.35 18.28 -15.99
C TRP A 137 -34.69 18.61 -15.35
N ARG A 138 -34.96 18.14 -14.13
CA ARG A 138 -36.14 18.54 -13.38
C ARG A 138 -35.82 19.44 -12.20
N ASN A 139 -34.54 19.64 -11.90
CA ASN A 139 -34.06 20.52 -10.83
C ASN A 139 -34.59 20.12 -9.45
N ASN A 140 -34.77 18.81 -9.23
CA ASN A 140 -35.18 18.31 -7.92
C ASN A 140 -34.39 17.02 -7.63
N ILE A 141 -33.19 17.20 -7.06
CA ILE A 141 -32.30 16.15 -6.59
C ILE A 141 -32.09 15.05 -7.64
N LEU A 142 -31.23 15.32 -8.62
CA LEU A 142 -30.81 14.27 -9.54
C LEU A 142 -30.05 13.19 -8.78
N ARG A 143 -30.42 11.93 -9.02
CA ARG A 143 -29.87 10.84 -8.23
C ARG A 143 -29.79 9.59 -9.10
N THR A 144 -29.00 8.61 -8.65
CA THR A 144 -28.68 7.44 -9.45
C THR A 144 -28.72 6.20 -8.56
N GLN A 145 -28.12 5.11 -9.04
CA GLN A 145 -28.42 3.76 -8.55
C GLN A 145 -27.99 3.55 -7.09
N GLU A 146 -26.85 4.11 -6.70
CA GLU A 146 -26.10 3.70 -5.50
C GLU A 146 -25.75 2.21 -5.53
N SER A 147 -25.54 1.68 -6.74
CA SER A 147 -25.02 0.34 -6.95
C SER A 147 -24.38 0.31 -8.33
N GLU A 148 -23.86 -0.86 -8.69
CA GLU A 148 -23.06 -0.94 -9.92
C GLU A 148 -23.94 -0.80 -11.15
N CYS A 149 -23.42 -0.09 -12.14
CA CYS A 149 -24.09 -0.07 -13.44
C CYS A 149 -23.84 -1.40 -14.15
N ALA A 150 -24.64 -1.66 -15.17
CA ALA A 150 -24.57 -2.91 -15.91
C ALA A 150 -23.94 -2.64 -17.27
N CYS A 151 -22.97 -3.46 -17.65
CA CYS A 151 -22.23 -3.27 -18.89
C CYS A 151 -22.43 -4.48 -19.81
N VAL A 152 -22.77 -4.20 -21.07
CA VAL A 152 -22.91 -5.22 -22.09
C VAL A 152 -22.17 -4.74 -23.34
N ASN A 153 -21.20 -5.53 -23.80
CA ASN A 153 -20.53 -5.33 -25.10
C ASN A 153 -19.84 -3.96 -25.17
N GLY A 154 -19.10 -3.62 -24.13
CA GLY A 154 -18.38 -2.37 -24.11
C GLY A 154 -19.23 -1.14 -23.87
N SER A 155 -20.50 -1.32 -23.50
CA SER A 155 -21.41 -0.22 -23.23
C SER A 155 -22.07 -0.45 -21.88
N CYS A 156 -22.06 0.57 -21.03
CA CYS A 156 -22.59 0.46 -19.68
C CYS A 156 -23.87 1.28 -19.54
N PHE A 157 -24.79 0.79 -18.72
CA PHE A 157 -26.14 1.34 -18.63
C PHE A 157 -26.48 1.69 -17.19
N THR A 158 -27.20 2.80 -17.02
CA THR A 158 -27.59 3.26 -15.70
C THR A 158 -28.95 3.94 -15.79
N VAL A 159 -29.60 4.05 -14.64
CA VAL A 159 -30.91 4.68 -14.52
C VAL A 159 -30.79 5.81 -13.50
N MET A 160 -31.24 7.00 -13.87
CA MET A 160 -31.22 8.16 -12.99
C MET A 160 -32.61 8.73 -12.83
N THR A 161 -32.88 9.28 -11.65
CA THR A 161 -34.18 9.84 -11.29
C THR A 161 -34.03 11.31 -10.97
N ASP A 162 -34.92 12.13 -11.54
CA ASP A 162 -35.01 13.54 -11.22
C ASP A 162 -36.46 13.86 -10.87
N GLY A 163 -36.67 14.51 -9.74
CA GLY A 163 -37.99 14.83 -9.28
C GLY A 163 -38.22 14.52 -7.81
N PRO A 164 -39.46 14.61 -7.37
CA PRO A 164 -39.76 14.38 -5.95
C PRO A 164 -39.61 12.91 -5.56
N SER A 165 -39.35 12.69 -4.28
CA SER A 165 -39.24 11.36 -3.70
C SER A 165 -40.51 10.90 -3.02
N ASN A 166 -41.60 11.66 -3.16
CA ASN A 166 -42.89 11.25 -2.59
C ASN A 166 -44.04 11.43 -3.58
N GLY A 167 -43.73 11.60 -4.86
CA GLY A 167 -44.74 11.73 -5.88
C GLY A 167 -44.18 11.30 -7.21
N GLN A 168 -44.85 11.71 -8.28
CA GLN A 168 -44.41 11.35 -9.62
C GLN A 168 -43.13 12.09 -9.98
N ALA A 169 -42.15 11.35 -10.47
CA ALA A 169 -40.85 11.90 -10.86
C ALA A 169 -40.58 11.57 -12.32
N SER A 170 -39.36 11.88 -12.75
CA SER A 170 -38.90 11.59 -14.11
C SER A 170 -37.71 10.65 -14.05
N TYR A 171 -37.71 9.64 -14.93
CA TYR A 171 -36.72 8.58 -14.91
C TYR A 171 -36.11 8.43 -16.31
N LYS A 172 -34.78 8.35 -16.37
CA LYS A 172 -34.07 8.28 -17.64
C LYS A 172 -33.13 7.09 -17.65
N ILE A 173 -33.01 6.45 -18.81
CA ILE A 173 -32.06 5.38 -19.05
C ILE A 173 -30.91 5.95 -19.88
N PHE A 174 -29.70 5.50 -19.59
CA PHE A 174 -28.51 6.01 -20.26
C PHE A 174 -27.69 4.87 -20.84
N ARG A 175 -27.14 5.10 -22.02
CA ARG A 175 -26.14 4.22 -22.62
C ARG A 175 -24.81 4.96 -22.61
N ILE A 176 -23.80 4.36 -21.99
CA ILE A 176 -22.51 5.01 -21.78
C ILE A 176 -21.43 4.12 -22.37
N GLU A 177 -20.70 4.66 -23.36
CA GLU A 177 -19.59 3.95 -23.99
C GLU A 177 -18.32 4.78 -23.78
N LYS A 178 -17.34 4.17 -23.10
CA LYS A 178 -16.06 4.81 -22.75
C LYS A 178 -16.27 6.12 -21.99
N GLY A 179 -17.26 6.14 -21.10
CA GLY A 179 -17.55 7.31 -20.31
C GLY A 179 -18.35 8.39 -21.02
N LYS A 180 -18.73 8.18 -22.27
CA LYS A 180 -19.51 9.14 -23.03
C LYS A 180 -20.95 8.67 -23.17
N ILE A 181 -21.88 9.55 -22.86
CA ILE A 181 -23.30 9.24 -23.06
C ILE A 181 -23.60 9.29 -24.55
N VAL A 182 -24.11 8.20 -25.09
CA VAL A 182 -24.40 8.12 -26.52
C VAL A 182 -25.89 8.04 -26.81
N LYS A 183 -26.72 7.68 -25.83
CA LYS A 183 -28.16 7.63 -26.02
C LYS A 183 -28.84 7.76 -24.67
N SER A 184 -29.93 8.53 -24.63
CA SER A 184 -30.75 8.68 -23.44
C SER A 184 -32.22 8.57 -23.83
N VAL A 185 -33.00 7.91 -22.98
CA VAL A 185 -34.44 7.76 -23.18
C VAL A 185 -35.13 8.06 -21.85
N GLU A 186 -36.13 8.94 -21.89
CA GLU A 186 -36.95 9.17 -20.72
C GLU A 186 -38.04 8.12 -20.65
N MET A 187 -38.18 7.48 -19.49
CA MET A 187 -39.15 6.41 -19.31
C MET A 187 -40.55 7.01 -19.17
N ASN A 188 -41.46 6.57 -20.04
CA ASN A 188 -42.87 6.93 -19.93
C ASN A 188 -43.51 5.96 -18.93
N ALA A 189 -43.50 6.35 -17.66
CA ALA A 189 -44.01 5.52 -16.57
C ALA A 189 -44.92 6.34 -15.67
N PRO A 190 -46.15 6.61 -16.09
CA PRO A 190 -47.09 7.27 -15.19
C PRO A 190 -47.50 6.35 -14.05
N ASN A 191 -47.70 6.94 -12.87
CA ASN A 191 -48.05 6.25 -11.63
C ASN A 191 -46.99 5.23 -11.21
N TYR A 192 -45.75 5.38 -11.67
CA TYR A 192 -44.63 4.56 -11.24
C TYR A 192 -43.62 5.42 -10.51
N HIS A 193 -42.83 4.78 -9.65
CA HIS A 193 -41.75 5.47 -8.96
C HIS A 193 -40.51 4.59 -8.98
N TYR A 194 -39.41 5.13 -9.50
CA TYR A 194 -38.15 4.42 -9.60
C TYR A 194 -37.09 5.19 -8.84
N GLU A 195 -36.53 4.55 -7.81
CA GLU A 195 -35.41 5.10 -7.05
C GLU A 195 -34.39 4.01 -6.81
N GLU A 196 -33.11 4.35 -6.98
CA GLU A 196 -31.97 3.53 -6.53
C GLU A 196 -32.01 2.12 -7.14
N CYS A 197 -32.04 2.07 -8.47
CA CYS A 197 -32.20 0.82 -9.19
C CYS A 197 -30.99 -0.08 -9.02
N SER A 198 -31.25 -1.38 -8.90
CA SER A 198 -30.20 -2.40 -8.92
C SER A 198 -30.27 -3.10 -10.26
N CYS A 199 -29.29 -2.84 -11.12
CA CYS A 199 -29.28 -3.31 -12.50
C CYS A 199 -28.26 -4.41 -12.69
N TYR A 200 -28.60 -5.40 -13.50
CA TYR A 200 -27.67 -6.46 -13.87
C TYR A 200 -27.84 -6.80 -15.34
N PRO A 201 -26.77 -7.26 -16.00
CA PRO A 201 -26.89 -7.74 -17.38
C PRO A 201 -27.37 -9.18 -17.42
N ASP A 202 -28.16 -9.48 -18.47
CA ASP A 202 -28.71 -10.82 -18.63
C ASP A 202 -29.06 -11.02 -20.11
N SER A 203 -28.26 -11.83 -20.80
CA SER A 203 -28.47 -12.20 -22.20
C SER A 203 -28.57 -10.96 -23.10
N SER A 204 -27.51 -10.14 -23.04
CA SER A 204 -27.38 -8.88 -23.77
C SER A 204 -28.47 -7.87 -23.43
N GLU A 205 -29.18 -8.05 -22.33
CA GLU A 205 -30.23 -7.14 -21.88
C GLU A 205 -29.98 -6.77 -20.43
N ILE A 206 -30.52 -5.63 -20.03
CA ILE A 206 -30.35 -5.10 -18.69
C ILE A 206 -31.69 -5.19 -17.96
N THR A 207 -31.67 -5.74 -16.74
CA THR A 207 -32.84 -5.78 -15.89
C THR A 207 -32.53 -5.03 -14.61
N CYS A 208 -33.37 -4.06 -14.27
CA CYS A 208 -33.20 -3.23 -13.09
C CYS A 208 -34.40 -3.40 -12.17
N VAL A 209 -34.15 -3.60 -10.88
CA VAL A 209 -35.19 -3.66 -9.86
C VAL A 209 -34.95 -2.50 -8.89
N CYS A 210 -35.97 -1.68 -8.69
CA CYS A 210 -35.77 -0.41 -8.00
C CYS A 210 -36.69 -0.25 -6.80
N ARG A 211 -36.71 0.96 -6.23
CA ARG A 211 -37.44 1.24 -5.01
C ARG A 211 -38.56 2.24 -5.31
N ASP A 212 -39.78 1.89 -4.94
CA ASP A 212 -40.93 2.79 -5.05
C ASP A 212 -41.05 3.50 -3.71
N ASN A 213 -40.62 4.75 -3.68
CA ASN A 213 -40.73 5.56 -2.47
C ASN A 213 -42.08 6.25 -2.35
N TRP A 214 -42.93 6.17 -3.37
CA TRP A 214 -44.16 6.96 -3.41
C TRP A 214 -45.37 6.19 -2.88
N HIS A 215 -45.77 5.13 -3.60
CA HIS A 215 -46.96 4.37 -3.18
C HIS A 215 -46.80 2.88 -3.47
N GLY A 216 -45.59 2.35 -3.29
CA GLY A 216 -45.39 0.95 -3.63
C GLY A 216 -44.65 0.13 -2.61
N SER A 217 -45.28 -0.90 -2.08
CA SER A 217 -44.62 -1.86 -1.20
C SER A 217 -44.04 -3.04 -1.96
N ASN A 218 -44.35 -3.17 -3.25
CA ASN A 218 -43.65 -4.09 -4.13
C ASN A 218 -42.65 -3.32 -4.97
N ARG A 219 -41.73 -4.05 -5.58
CA ARG A 219 -40.64 -3.35 -6.26
C ARG A 219 -40.94 -3.19 -7.73
N PRO A 220 -40.85 -1.98 -8.27
CA PRO A 220 -40.96 -1.79 -9.72
C PRO A 220 -39.71 -2.29 -10.43
N TRP A 221 -39.89 -2.62 -11.70
CA TRP A 221 -38.76 -3.04 -12.52
C TRP A 221 -38.84 -2.38 -13.89
N VAL A 222 -37.68 -2.24 -14.52
CA VAL A 222 -37.56 -1.79 -15.90
C VAL A 222 -36.51 -2.66 -16.56
N SER A 223 -36.80 -3.14 -17.77
CA SER A 223 -35.88 -3.98 -18.52
C SER A 223 -35.77 -3.44 -19.94
N PHE A 224 -34.54 -3.36 -20.44
CA PHE A 224 -34.30 -2.74 -21.74
C PHE A 224 -33.12 -3.43 -22.43
N ASN A 225 -33.07 -3.26 -23.75
CA ASN A 225 -31.96 -3.77 -24.55
C ASN A 225 -30.94 -2.65 -24.75
N GLN A 226 -29.95 -2.90 -25.63
CA GLN A 226 -28.91 -1.92 -25.86
C GLN A 226 -29.40 -0.69 -26.62
N ASN A 227 -30.57 -0.76 -27.26
CA ASN A 227 -31.17 0.39 -27.92
C ASN A 227 -32.11 1.15 -27.00
N LEU A 228 -32.13 0.82 -25.71
CA LEU A 228 -32.99 1.42 -24.67
C LEU A 228 -34.47 1.25 -24.97
N GLU A 229 -34.84 0.25 -25.77
CA GLU A 229 -36.25 -0.14 -25.88
C GLU A 229 -36.65 -0.87 -24.63
N TYR A 230 -37.56 -0.29 -23.85
CA TYR A 230 -37.77 -0.71 -22.48
C TYR A 230 -39.19 -1.22 -22.25
N GLN A 231 -39.31 -2.11 -21.27
CA GLN A 231 -40.59 -2.53 -20.70
C GLN A 231 -40.55 -2.29 -19.21
N ILE A 232 -41.71 -1.96 -18.63
CA ILE A 232 -41.80 -1.59 -17.23
C ILE A 232 -42.89 -2.39 -16.55
N GLY A 233 -42.79 -2.46 -15.22
CA GLY A 233 -43.78 -3.17 -14.43
C GLY A 233 -43.32 -3.29 -13.01
N TYR A 234 -44.14 -3.95 -12.22
CA TYR A 234 -43.83 -4.28 -10.83
C TYR A 234 -43.68 -5.78 -10.69
N ILE A 235 -42.99 -6.20 -9.64
CA ILE A 235 -42.86 -7.62 -9.34
C ILE A 235 -44.20 -8.09 -8.76
N CYS A 236 -44.80 -9.08 -9.40
CA CYS A 236 -46.18 -9.42 -9.09
C CYS A 236 -46.31 -10.34 -7.88
N SER A 237 -45.20 -10.73 -7.26
CA SER A 237 -45.23 -11.65 -6.13
C SER A 237 -45.94 -11.06 -4.93
N GLY A 238 -46.68 -11.89 -4.22
CA GLY A 238 -47.23 -11.52 -2.93
C GLY A 238 -46.20 -11.44 -1.82
N ILE A 239 -45.00 -11.95 -2.07
CA ILE A 239 -43.85 -11.71 -1.20
C ILE A 239 -43.33 -10.32 -1.54
N PHE A 240 -43.76 -9.31 -0.78
CA PHE A 240 -43.39 -7.94 -1.06
C PHE A 240 -41.93 -7.69 -0.67
N GLY A 241 -41.23 -6.93 -1.51
CA GLY A 241 -39.79 -6.79 -1.34
C GLY A 241 -39.31 -5.52 -0.68
N ASP A 242 -40.20 -4.56 -0.46
CA ASP A 242 -39.78 -3.27 0.08
C ASP A 242 -39.86 -3.26 1.60
N ASN A 243 -39.36 -2.19 2.19
CA ASN A 243 -39.40 -1.95 3.63
C ASN A 243 -39.59 -0.46 3.88
N PRO A 244 -40.73 -0.02 4.43
CA PRO A 244 -41.84 -0.79 5.02
C PRO A 244 -42.76 -1.51 4.04
N ARG A 245 -43.48 -2.51 4.54
CA ARG A 245 -44.35 -3.35 3.74
C ARG A 245 -45.40 -3.96 4.66
N PRO A 246 -46.53 -4.39 4.12
CA PRO A 246 -47.49 -5.14 4.92
C PRO A 246 -47.09 -6.61 4.99
N ASN A 247 -47.94 -7.40 5.64
CA ASN A 247 -47.72 -8.84 5.69
C ASN A 247 -47.94 -9.46 4.33
N ASP A 248 -47.36 -10.65 4.14
CA ASP A 248 -47.48 -11.36 2.88
C ASP A 248 -48.91 -11.77 2.62
N LYS A 249 -49.51 -11.20 1.58
CA LYS A 249 -50.88 -11.49 1.19
C LYS A 249 -50.89 -11.66 -0.32
N THR A 250 -52.08 -11.67 -0.93
CA THR A 250 -52.18 -11.75 -2.37
C THR A 250 -51.66 -10.45 -2.98
N GLY A 251 -50.58 -10.55 -3.74
CA GLY A 251 -49.89 -9.38 -4.25
C GLY A 251 -50.52 -8.84 -5.51
N SER A 252 -49.88 -7.80 -6.04
CA SER A 252 -50.32 -7.16 -7.27
C SER A 252 -49.11 -6.50 -7.90
N CYS A 253 -49.16 -6.36 -9.22
CA CYS A 253 -48.12 -5.61 -9.90
C CYS A 253 -48.62 -4.44 -10.74
N GLY A 254 -49.61 -3.73 -10.21
CA GLY A 254 -49.54 -2.29 -10.15
C GLY A 254 -48.88 -2.00 -8.81
N PRO A 255 -48.61 -0.74 -8.49
CA PRO A 255 -48.04 -0.43 -7.18
C PRO A 255 -48.97 -0.76 -6.02
N VAL A 256 -48.47 -1.46 -5.02
CA VAL A 256 -49.28 -1.83 -3.85
C VAL A 256 -49.20 -0.71 -2.82
N SER A 257 -50.32 -0.04 -2.59
CA SER A 257 -50.32 1.21 -1.82
C SER A 257 -50.15 0.97 -0.32
N SER A 258 -50.49 -0.21 0.17
CA SER A 258 -50.45 -0.48 1.60
C SER A 258 -49.01 -0.48 2.08
N ASN A 259 -48.69 0.45 3.00
CA ASN A 259 -47.33 0.73 3.47
C ASN A 259 -46.39 1.06 2.31
N GLY A 260 -46.93 1.63 1.23
CA GLY A 260 -46.14 1.91 0.04
C GLY A 260 -45.28 3.15 0.13
N ALA A 261 -45.61 4.07 1.03
CA ALA A 261 -44.82 5.26 1.23
C ALA A 261 -43.44 4.89 1.77
N ASN A 262 -42.44 5.67 1.35
CA ASN A 262 -41.02 5.44 1.64
C ASN A 262 -40.57 4.09 1.10
N GLY A 263 -39.44 3.59 1.58
CA GLY A 263 -38.91 2.33 1.09
C GLY A 263 -37.45 2.19 1.44
N VAL A 264 -36.81 1.22 0.77
CA VAL A 264 -35.40 0.96 0.94
C VAL A 264 -34.86 0.47 -0.41
N LYS A 265 -33.59 0.75 -0.66
CA LYS A 265 -32.93 0.24 -1.85
C LYS A 265 -32.87 -1.28 -1.82
N GLY A 266 -33.25 -1.92 -2.92
CA GLY A 266 -33.26 -3.37 -2.97
C GLY A 266 -32.97 -3.93 -4.34
N PHE A 267 -33.07 -5.24 -4.48
CA PHE A 267 -32.72 -5.93 -5.71
C PHE A 267 -33.63 -7.13 -5.88
N SER A 268 -33.70 -7.62 -7.11
CA SER A 268 -34.31 -8.92 -7.39
C SER A 268 -33.67 -9.49 -8.65
N PHE A 269 -33.57 -10.81 -8.70
CA PHE A 269 -33.02 -11.52 -9.86
C PHE A 269 -34.15 -12.28 -10.53
N LYS A 270 -34.38 -11.98 -11.81
CA LYS A 270 -35.46 -12.60 -12.57
C LYS A 270 -34.96 -13.87 -13.24
N TYR A 271 -35.71 -14.96 -13.09
CA TYR A 271 -35.37 -16.25 -13.69
C TYR A 271 -36.62 -16.74 -14.41
N GLY A 272 -36.80 -16.32 -15.66
CA GLY A 272 -38.03 -16.60 -16.37
C GLY A 272 -39.19 -15.93 -15.68
N ASN A 273 -40.20 -16.72 -15.32
CA ASN A 273 -41.29 -16.23 -14.50
C ASN A 273 -40.99 -16.28 -13.01
N GLY A 274 -39.86 -16.88 -12.62
CA GLY A 274 -39.44 -16.90 -11.23
C GLY A 274 -38.65 -15.67 -10.85
N VAL A 275 -38.45 -15.50 -9.54
CA VAL A 275 -37.67 -14.38 -9.02
C VAL A 275 -37.00 -14.78 -7.72
N TRP A 276 -35.73 -14.40 -7.58
CA TRP A 276 -35.04 -14.40 -6.30
C TRP A 276 -35.22 -13.03 -5.68
N ILE A 277 -35.81 -12.97 -4.48
CA ILE A 277 -36.16 -11.73 -3.81
C ILE A 277 -35.29 -11.57 -2.59
N GLY A 278 -34.62 -10.42 -2.47
CA GLY A 278 -33.92 -10.04 -1.26
C GLY A 278 -34.67 -8.95 -0.53
N ARG A 279 -34.91 -9.17 0.76
CA ARG A 279 -35.71 -8.23 1.53
C ARG A 279 -35.34 -8.32 3.01
N THR A 280 -35.74 -7.28 3.74
CA THR A 280 -35.60 -7.27 5.18
C THR A 280 -36.55 -8.29 5.82
N LYS A 281 -36.17 -8.80 6.99
CA LYS A 281 -37.06 -9.69 7.72
C LYS A 281 -38.19 -8.92 8.39
N SER A 282 -37.90 -7.76 8.96
CA SER A 282 -38.93 -6.92 9.57
C SER A 282 -39.72 -6.19 8.49
N ILE A 283 -41.03 -6.07 8.71
CA ILE A 283 -41.89 -5.41 7.74
C ILE A 283 -42.02 -3.92 7.99
N SER A 284 -41.46 -3.41 9.08
CA SER A 284 -41.56 -1.99 9.42
C SER A 284 -40.22 -1.29 9.58
N SER A 285 -39.13 -2.02 9.76
CA SER A 285 -37.82 -1.42 9.95
C SER A 285 -36.78 -2.20 9.17
N ARG A 286 -35.58 -1.62 9.08
CA ARG A 286 -34.48 -2.25 8.33
C ARG A 286 -33.70 -3.18 9.25
N ASN A 287 -34.36 -4.28 9.63
CA ASN A 287 -33.80 -5.27 10.52
C ASN A 287 -33.87 -6.64 9.85
N GLY A 288 -32.75 -7.33 9.82
CA GLY A 288 -32.68 -8.66 9.24
C GLY A 288 -32.69 -8.64 7.73
N PHE A 289 -32.37 -9.79 7.15
CA PHE A 289 -32.38 -9.95 5.71
C PHE A 289 -32.61 -11.41 5.37
N GLU A 290 -33.23 -11.65 4.21
CA GLU A 290 -33.52 -13.01 3.78
C GLU A 290 -33.54 -13.07 2.26
N MET A 291 -33.20 -14.24 1.73
CA MET A 291 -33.23 -14.52 0.30
C MET A 291 -34.37 -15.49 0.04
N ILE A 292 -35.34 -15.07 -0.77
CA ILE A 292 -36.54 -15.85 -1.02
C ILE A 292 -36.63 -16.16 -2.51
N TRP A 293 -36.83 -17.43 -2.83
CA TRP A 293 -37.02 -17.88 -4.20
C TRP A 293 -38.50 -18.12 -4.45
N ASP A 294 -39.07 -17.37 -5.38
CA ASP A 294 -40.47 -17.53 -5.77
C ASP A 294 -40.54 -18.05 -7.19
N PRO A 295 -40.93 -19.32 -7.41
CA PRO A 295 -40.88 -19.89 -8.76
C PRO A 295 -41.80 -19.21 -9.78
N ASN A 296 -42.83 -18.48 -9.32
CA ASN A 296 -43.69 -17.74 -10.24
C ASN A 296 -43.89 -16.30 -9.80
N GLY A 297 -42.96 -15.76 -9.00
CA GLY A 297 -43.19 -14.47 -8.38
C GLY A 297 -43.09 -13.27 -9.30
N TRP A 298 -42.42 -13.42 -10.45
CA TRP A 298 -42.29 -12.28 -11.35
C TRP A 298 -43.62 -11.93 -12.01
N THR A 299 -44.50 -12.91 -12.19
CA THR A 299 -45.78 -12.68 -12.85
C THR A 299 -46.99 -13.17 -12.06
N GLY A 300 -46.83 -14.02 -11.07
CA GLY A 300 -47.95 -14.55 -10.31
C GLY A 300 -48.16 -13.80 -9.01
N THR A 301 -49.42 -13.65 -8.64
CA THR A 301 -49.82 -12.79 -7.52
C THR A 301 -49.96 -13.53 -6.20
N ASP A 302 -49.68 -14.83 -6.16
CA ASP A 302 -49.78 -15.56 -4.90
C ASP A 302 -48.59 -15.25 -4.00
N ASN A 303 -48.74 -15.57 -2.72
CA ASN A 303 -47.69 -15.37 -1.73
C ASN A 303 -46.97 -16.67 -1.39
N ASN A 304 -46.98 -17.63 -2.30
CA ASN A 304 -46.29 -18.91 -2.09
C ASN A 304 -44.87 -18.84 -2.64
N PHE A 305 -43.92 -19.40 -1.90
CA PHE A 305 -42.53 -19.46 -2.30
C PHE A 305 -42.00 -20.86 -2.00
N SER A 306 -40.76 -21.12 -2.41
CA SER A 306 -40.14 -22.43 -2.26
C SER A 306 -38.95 -22.44 -1.32
N ILE A 307 -37.99 -21.53 -1.52
CA ILE A 307 -36.74 -21.53 -0.79
C ILE A 307 -36.60 -20.22 -0.04
N LYS A 308 -36.28 -20.29 1.25
CA LYS A 308 -35.96 -19.13 2.05
C LYS A 308 -34.61 -19.36 2.72
N GLN A 309 -33.69 -18.42 2.54
CA GLN A 309 -32.38 -18.48 3.14
C GLN A 309 -32.19 -17.28 4.07
N ASP A 310 -31.81 -17.56 5.31
CA ASP A 310 -31.51 -16.49 6.25
C ASP A 310 -30.17 -15.87 5.92
N ILE A 311 -30.10 -14.54 6.01
CA ILE A 311 -28.88 -13.78 5.78
C ILE A 311 -28.48 -12.98 7.01
N VAL A 312 -29.38 -12.15 7.51
CA VAL A 312 -29.17 -11.37 8.73
C VAL A 312 -30.35 -11.65 9.65
N GLY A 313 -30.06 -11.89 10.93
CA GLY A 313 -31.13 -12.17 11.89
C GLY A 313 -31.99 -10.94 12.16
N ILE A 314 -33.24 -11.20 12.53
CA ILE A 314 -34.24 -10.15 12.70
C ILE A 314 -33.94 -9.22 13.87
N ASN A 315 -33.03 -9.58 14.77
CA ASN A 315 -32.63 -8.72 15.86
C ASN A 315 -31.43 -7.84 15.51
N GLU A 316 -30.95 -7.88 14.28
CA GLU A 316 -29.75 -7.17 13.88
C GLU A 316 -30.07 -6.19 12.75
N TRP A 317 -29.26 -5.15 12.67
CA TRP A 317 -29.52 -4.02 11.78
C TRP A 317 -29.07 -4.33 10.36
N SER A 318 -30.01 -4.30 9.42
CA SER A 318 -29.75 -4.34 7.99
C SER A 318 -29.95 -2.93 7.41
N GLY A 319 -30.00 -2.84 6.08
CA GLY A 319 -30.17 -1.56 5.42
C GLY A 319 -30.31 -1.70 3.93
N TYR A 320 -29.55 -0.89 3.18
CA TYR A 320 -29.55 -1.00 1.73
C TYR A 320 -29.03 -2.35 1.27
N SER A 321 -29.56 -2.81 0.15
CA SER A 321 -29.05 -4.01 -0.51
C SER A 321 -29.11 -3.79 -2.01
N GLY A 322 -28.13 -4.36 -2.71
CA GLY A 322 -28.06 -4.19 -4.15
C GLY A 322 -27.42 -5.38 -4.82
N SER A 323 -27.66 -5.50 -6.12
CA SER A 323 -27.13 -6.60 -6.90
C SER A 323 -25.79 -6.23 -7.53
N PHE A 324 -24.96 -7.25 -7.73
CA PHE A 324 -23.79 -7.12 -8.59
C PHE A 324 -23.51 -8.48 -9.21
N VAL A 325 -22.75 -8.48 -10.30
CA VAL A 325 -22.54 -9.69 -11.06
C VAL A 325 -21.05 -9.94 -11.24
N MET A 326 -20.72 -11.21 -11.48
CA MET A 326 -19.38 -11.63 -11.88
C MET A 326 -19.48 -12.23 -13.27
N HIS A 327 -18.83 -11.58 -14.22
CA HIS A 327 -18.89 -11.95 -15.63
C HIS A 327 -18.01 -13.18 -15.90
N PRO A 328 -18.26 -13.90 -17.00
CA PRO A 328 -17.38 -15.03 -17.37
C PRO A 328 -15.92 -14.66 -17.58
N GLU A 329 -15.63 -13.40 -17.94
CA GLU A 329 -14.24 -12.97 -18.09
C GLU A 329 -13.47 -13.01 -16.77
N LEU A 330 -14.16 -12.92 -15.64
CA LEU A 330 -13.54 -13.02 -14.31
C LEU A 330 -13.63 -14.41 -13.72
N THR A 331 -14.74 -15.12 -13.95
CA THR A 331 -14.94 -16.44 -13.37
C THR A 331 -14.42 -17.57 -14.26
N GLY A 332 -14.38 -17.37 -15.58
CA GLY A 332 -14.09 -18.46 -16.48
C GLY A 332 -15.25 -19.40 -16.72
N LEU A 333 -16.44 -19.07 -16.23
CA LEU A 333 -17.60 -19.93 -16.32
C LEU A 333 -18.35 -19.70 -17.63
N ASP A 334 -19.49 -20.37 -17.77
CA ASP A 334 -20.33 -20.26 -18.94
C ASP A 334 -21.53 -19.35 -18.72
N CYS A 335 -21.59 -18.65 -17.60
CA CYS A 335 -22.76 -17.84 -17.28
C CYS A 335 -22.31 -16.61 -16.51
N ILE A 336 -23.30 -15.78 -16.17
CA ILE A 336 -23.09 -14.62 -15.30
C ILE A 336 -23.58 -14.99 -13.91
N VAL A 337 -22.67 -14.97 -12.94
CA VAL A 337 -23.02 -15.37 -11.57
C VAL A 337 -23.71 -14.19 -10.88
N PRO A 338 -24.91 -14.38 -10.33
CA PRO A 338 -25.54 -13.30 -9.57
C PRO A 338 -25.01 -13.23 -8.15
N CYS A 339 -24.83 -12.00 -7.67
CA CYS A 339 -24.31 -11.75 -6.34
C CYS A 339 -25.03 -10.54 -5.75
N PHE A 340 -24.90 -10.36 -4.44
CA PHE A 340 -25.52 -9.20 -3.81
C PHE A 340 -24.77 -8.80 -2.55
N TRP A 341 -24.89 -7.53 -2.20
CA TRP A 341 -24.36 -6.99 -0.97
C TRP A 341 -25.50 -6.49 -0.10
N VAL A 342 -25.26 -6.45 1.21
CA VAL A 342 -26.18 -5.86 2.18
C VAL A 342 -25.40 -4.88 3.04
N GLU A 343 -25.95 -3.68 3.24
CA GLU A 343 -25.36 -2.70 4.13
C GLU A 343 -26.00 -2.85 5.51
N LEU A 344 -25.16 -2.98 6.54
CA LEU A 344 -25.62 -3.08 7.92
C LEU A 344 -25.38 -1.73 8.58
N ILE A 345 -26.45 -0.95 8.73
CA ILE A 345 -26.35 0.43 9.20
C ILE A 345 -26.23 0.44 10.72
N ARG A 346 -25.23 1.17 11.23
CA ARG A 346 -25.04 1.37 12.65
C ARG A 346 -25.07 2.85 12.99
N GLY A 347 -25.58 3.16 14.18
CA GLY A 347 -25.68 4.53 14.63
C GLY A 347 -27.07 5.12 14.44
N TRP A 355 -22.52 9.63 15.04
CA TRP A 355 -22.28 9.33 13.63
C TRP A 355 -23.31 8.34 13.10
N THR A 356 -23.25 8.08 11.79
CA THR A 356 -24.09 7.07 11.17
C THR A 356 -23.27 6.41 10.06
N SER A 357 -22.83 5.19 10.29
CA SER A 357 -21.99 4.46 9.35
C SER A 357 -22.57 3.08 9.13
N GLY A 358 -21.98 2.36 8.19
CA GLY A 358 -22.43 1.02 7.87
C GLY A 358 -21.27 0.12 7.52
N SER A 359 -21.46 -1.17 7.77
CA SER A 359 -20.58 -2.22 7.27
C SER A 359 -21.32 -3.03 6.22
N SER A 360 -20.57 -3.81 5.45
CA SER A 360 -21.14 -4.50 4.31
C SER A 360 -20.79 -5.98 4.35
N ILE A 361 -21.75 -6.80 3.92
CA ILE A 361 -21.54 -8.22 3.69
C ILE A 361 -21.97 -8.52 2.26
N SER A 362 -21.33 -9.51 1.65
CA SER A 362 -21.64 -9.84 0.26
C SER A 362 -21.79 -11.35 0.11
N PHE A 363 -22.68 -11.73 -0.80
CA PHE A 363 -23.01 -13.12 -1.05
C PHE A 363 -23.04 -13.34 -2.56
N CYS A 364 -22.78 -14.57 -2.98
CA CYS A 364 -22.82 -14.91 -4.39
C CYS A 364 -23.65 -16.17 -4.59
N GLY A 365 -24.32 -16.23 -5.73
CA GLY A 365 -25.19 -17.37 -6.03
C GLY A 365 -24.37 -18.57 -6.43
N VAL A 366 -24.69 -19.71 -5.82
CA VAL A 366 -24.10 -20.99 -6.21
C VAL A 366 -25.22 -22.00 -6.37
N ASN A 367 -24.93 -23.04 -7.14
CA ASN A 367 -25.79 -24.21 -7.22
C ASN A 367 -25.34 -25.31 -6.27
N SER A 368 -24.32 -25.06 -5.47
CA SER A 368 -23.81 -25.99 -4.48
C SER A 368 -24.50 -25.74 -3.13
N ASP A 369 -23.98 -26.40 -2.09
CA ASP A 369 -24.69 -26.48 -0.82
C ASP A 369 -24.45 -25.24 0.03
N THR A 370 -25.51 -24.70 0.62
CA THR A 370 -25.44 -23.46 1.38
C THR A 370 -26.07 -23.67 2.76
N VAL A 371 -25.98 -22.63 3.59
CA VAL A 371 -26.61 -22.60 4.91
C VAL A 371 -27.03 -21.17 5.19
N GLY A 372 -28.18 -21.01 5.83
CA GLY A 372 -28.57 -19.72 6.36
C GLY A 372 -27.98 -19.48 7.75
N TRP A 373 -27.60 -18.23 7.99
CA TRP A 373 -27.02 -17.83 9.28
C TRP A 373 -27.24 -16.33 9.45
N SER A 374 -26.57 -15.76 10.44
CA SER A 374 -26.60 -14.32 10.68
C SER A 374 -25.15 -13.82 10.71
N TRP A 375 -24.81 -12.94 9.77
CA TRP A 375 -23.51 -12.29 9.77
C TRP A 375 -23.70 -10.80 10.02
N PRO A 376 -23.92 -10.39 11.27
CA PRO A 376 -24.27 -8.98 11.53
C PRO A 376 -23.03 -8.11 11.67
N ASP A 377 -23.23 -6.81 11.88
CA ASP A 377 -22.11 -5.90 12.09
C ASP A 377 -21.38 -6.24 13.38
N GLY A 378 -22.11 -6.38 14.49
CA GLY A 378 -21.54 -6.85 15.73
C GLY A 378 -20.57 -5.91 16.42
N ALA A 379 -20.80 -4.61 16.37
CA ALA A 379 -19.99 -3.65 17.10
C ALA A 379 -20.77 -3.13 18.30
N GLU A 380 -20.14 -3.16 19.47
CA GLU A 380 -20.76 -2.66 20.70
C GLU A 380 -20.80 -1.14 20.66
N LEU A 381 -22.01 -0.59 20.54
CA LEU A 381 -22.19 0.86 20.47
C LEU A 381 -22.80 1.37 21.76
N VAL B 1 2.57 -21.32 -14.35
CA VAL B 1 2.67 -22.77 -14.50
C VAL B 1 2.27 -23.45 -13.18
N LYS B 2 1.52 -24.54 -13.29
CA LYS B 2 1.13 -25.30 -12.10
C LYS B 2 2.36 -25.92 -11.44
N LEU B 3 2.35 -25.95 -10.12
CA LEU B 3 3.44 -26.58 -9.37
C LEU B 3 3.42 -28.09 -9.60
N ALA B 4 4.56 -28.64 -9.99
CA ALA B 4 4.64 -30.07 -10.26
C ALA B 4 4.47 -30.89 -8.98
N GLY B 5 5.23 -30.55 -7.94
CA GLY B 5 5.16 -31.29 -6.69
C GLY B 5 5.64 -32.72 -6.77
N ASN B 6 6.51 -33.06 -7.73
CA ASN B 6 6.97 -34.42 -7.91
C ASN B 6 8.37 -34.67 -7.36
N SER B 7 9.09 -33.62 -6.98
CA SER B 7 10.37 -33.82 -6.33
C SER B 7 10.16 -34.17 -4.87
N SER B 8 11.19 -34.76 -4.27
CA SER B 8 11.13 -35.13 -2.87
C SER B 8 11.65 -34.01 -1.99
N LEU B 9 11.40 -34.14 -0.68
CA LEU B 9 12.05 -33.29 0.29
C LEU B 9 13.55 -33.59 0.29
N CYS B 10 14.36 -32.59 -0.05
CA CYS B 10 15.78 -32.88 0.14
C CYS B 10 16.12 -32.80 1.63
N PRO B 11 17.00 -33.68 2.11
CA PRO B 11 17.22 -33.78 3.56
C PRO B 11 17.87 -32.53 4.13
N VAL B 12 17.48 -32.23 5.38
CA VAL B 12 17.97 -31.06 6.08
C VAL B 12 18.56 -31.52 7.40
N SER B 13 19.50 -30.73 7.92
CA SER B 13 20.14 -31.03 9.19
C SER B 13 19.84 -29.99 10.25
N GLY B 14 19.12 -28.94 9.91
CA GLY B 14 18.82 -27.87 10.85
C GLY B 14 17.77 -26.95 10.26
N TRP B 15 17.38 -25.98 11.06
CA TRP B 15 16.30 -25.08 10.70
C TRP B 15 16.76 -23.64 10.90
N ALA B 16 16.66 -22.84 9.84
CA ALA B 16 17.12 -21.46 9.86
C ALA B 16 15.94 -20.51 9.98
N PRO B 17 16.06 -19.45 10.78
CA PRO B 17 14.94 -18.51 10.96
C PRO B 17 14.59 -17.80 9.66
N LEU B 18 13.30 -17.75 9.36
CA LEU B 18 12.81 -17.12 8.13
C LEU B 18 12.08 -15.82 8.40
N SER B 19 11.11 -15.80 9.31
CA SER B 19 10.36 -14.59 9.55
C SER B 19 9.96 -14.48 11.00
N LYS B 20 9.75 -13.23 11.43
CA LYS B 20 9.28 -12.90 12.76
C LYS B 20 8.48 -11.61 12.65
N ASP B 21 7.23 -11.66 13.07
CA ASP B 21 6.29 -10.57 12.84
C ASP B 21 6.22 -9.55 13.96
N ASN B 22 6.47 -9.98 15.21
CA ASN B 22 6.39 -9.11 16.40
C ASN B 22 5.05 -8.41 16.51
N SER B 23 3.96 -9.16 16.30
CA SER B 23 2.63 -8.57 16.16
C SER B 23 2.19 -7.85 17.43
N VAL B 24 2.35 -8.49 18.59
CA VAL B 24 1.82 -7.93 19.83
C VAL B 24 2.61 -6.72 20.26
N ARG B 25 3.94 -6.75 20.06
CA ARG B 25 4.80 -5.64 20.46
C ARG B 25 4.47 -4.36 19.70
N ILE B 26 4.26 -4.47 18.38
CA ILE B 26 3.81 -3.31 17.61
C ILE B 26 2.37 -2.96 17.99
N GLY B 27 1.53 -3.98 18.22
CA GLY B 27 0.12 -3.74 18.49
C GLY B 27 -0.16 -3.13 19.85
N SER B 28 0.85 -3.04 20.72
CA SER B 28 0.69 -2.26 21.94
C SER B 28 0.46 -0.79 21.65
N LYS B 29 0.93 -0.29 20.51
CA LYS B 29 0.64 1.07 20.07
C LYS B 29 -0.07 1.12 18.71
N GLY B 30 0.39 0.36 17.73
CA GLY B 30 -0.19 0.42 16.41
C GLY B 30 -1.52 -0.29 16.29
N ASP B 31 -2.15 -0.13 15.13
CA ASP B 31 -3.44 -0.75 14.84
C ASP B 31 -3.18 -2.13 14.24
N VAL B 32 -3.21 -3.15 15.09
CA VAL B 32 -2.87 -4.52 14.71
C VAL B 32 -4.04 -5.42 15.09
N PHE B 33 -4.42 -6.31 14.16
CA PHE B 33 -5.50 -7.24 14.41
C PHE B 33 -5.17 -8.18 15.56
N VAL B 34 -6.21 -8.58 16.29
CA VAL B 34 -6.12 -9.70 17.22
C VAL B 34 -6.34 -10.97 16.41
N ILE B 35 -5.29 -11.75 16.22
CA ILE B 35 -5.32 -12.89 15.31
C ILE B 35 -5.10 -14.18 16.08
N ARG B 36 -5.60 -15.27 15.50
CA ARG B 36 -5.33 -16.60 16.02
C ARG B 36 -5.32 -17.58 14.85
N GLU B 37 -4.73 -18.74 15.10
CA GLU B 37 -4.47 -19.76 14.09
C GLU B 37 -3.81 -19.22 12.82
N PRO B 38 -2.62 -18.63 12.92
CA PRO B 38 -1.94 -18.19 11.70
C PRO B 38 -1.27 -19.37 11.00
N PHE B 39 -1.04 -19.19 9.70
CA PHE B 39 -0.25 -20.15 8.95
C PHE B 39 0.34 -19.44 7.73
N ILE B 40 1.31 -20.09 7.12
CA ILE B 40 2.07 -19.51 6.01
C ILE B 40 1.92 -20.41 4.80
N SER B 41 1.66 -19.80 3.66
CA SER B 41 1.63 -20.50 2.39
C SER B 41 2.37 -19.65 1.36
N CYS B 42 3.05 -20.32 0.44
CA CYS B 42 3.91 -19.64 -0.52
C CYS B 42 3.36 -19.76 -1.93
N SER B 43 3.35 -18.65 -2.64
CA SER B 43 3.12 -18.63 -4.07
C SER B 43 4.45 -18.88 -4.78
N PRO B 44 4.45 -19.05 -6.11
CA PRO B 44 5.73 -19.04 -6.83
C PRO B 44 6.47 -17.71 -6.76
N LEU B 45 5.82 -16.63 -6.35
CA LEU B 45 6.45 -15.33 -6.20
C LEU B 45 6.78 -14.96 -4.76
N GLU B 46 5.87 -15.21 -3.82
CA GLU B 46 6.06 -14.75 -2.45
C GLU B 46 5.32 -15.65 -1.48
N CYS B 47 5.75 -15.61 -0.22
CA CYS B 47 5.09 -16.32 0.86
C CYS B 47 4.22 -15.35 1.65
N ARG B 48 3.05 -15.83 2.07
CA ARG B 48 2.08 -14.98 2.74
C ARG B 48 1.67 -15.61 4.06
N THR B 49 1.51 -14.77 5.08
CA THR B 49 0.99 -15.23 6.37
C THR B 49 -0.53 -15.06 6.37
N PHE B 50 -1.23 -16.17 6.48
CA PHE B 50 -2.69 -16.20 6.58
C PHE B 50 -3.07 -16.26 8.06
N PHE B 51 -4.21 -15.67 8.39
CA PHE B 51 -4.61 -15.60 9.80
C PHE B 51 -6.11 -15.37 9.89
N LEU B 52 -6.67 -15.75 11.04
CA LEU B 52 -8.07 -15.54 11.33
C LEU B 52 -8.21 -14.38 12.31
N THR B 53 -9.06 -13.42 11.98
CA THR B 53 -9.28 -12.25 12.80
C THR B 53 -10.68 -12.31 13.38
N GLN B 54 -10.83 -11.86 14.62
CA GLN B 54 -12.15 -11.66 15.22
C GLN B 54 -12.79 -10.35 14.80
N GLY B 55 -12.20 -9.64 13.84
CA GLY B 55 -12.61 -8.30 13.52
C GLY B 55 -12.34 -7.32 14.63
N ALA B 56 -11.18 -7.40 15.26
CA ALA B 56 -10.87 -6.55 16.41
C ALA B 56 -9.37 -6.25 16.42
N LEU B 57 -9.02 -5.17 17.11
CA LEU B 57 -7.65 -4.71 17.20
C LEU B 57 -7.11 -4.93 18.61
N LEU B 58 -5.78 -4.98 18.71
CA LEU B 58 -5.14 -5.05 20.01
C LEU B 58 -5.36 -3.75 20.78
N ASN B 59 -5.62 -3.89 22.08
CA ASN B 59 -6.01 -2.79 22.98
C ASN B 59 -7.29 -2.10 22.48
N ASP B 60 -8.36 -2.90 22.39
CA ASP B 60 -9.64 -2.41 21.89
C ASP B 60 -10.74 -3.15 22.63
N LYS B 61 -11.92 -2.51 22.70
CA LYS B 61 -13.05 -3.07 23.44
C LYS B 61 -13.53 -4.39 22.84
N HIS B 62 -13.55 -4.49 21.51
CA HIS B 62 -14.02 -5.70 20.85
C HIS B 62 -13.07 -6.88 20.99
N SER B 63 -11.86 -6.66 21.48
CA SER B 63 -10.92 -7.73 21.72
C SER B 63 -10.94 -8.17 23.18
N ASP B 69 -15.53 -18.50 20.16
CA ASP B 69 -14.53 -19.10 19.27
C ASP B 69 -14.97 -19.04 17.82
N ARG B 70 -16.10 -19.67 17.51
CA ARG B 70 -16.59 -19.78 16.13
C ARG B 70 -17.69 -18.74 15.92
N SER B 71 -17.26 -17.50 15.70
CA SER B 71 -18.17 -16.37 15.57
C SER B 71 -18.42 -16.03 14.10
N PRO B 72 -19.56 -15.40 13.79
CA PRO B 72 -19.79 -14.95 12.41
C PRO B 72 -18.84 -13.85 11.94
N TYR B 73 -18.23 -13.12 12.87
CA TYR B 73 -17.34 -12.03 12.51
C TYR B 73 -15.94 -12.52 12.14
N ARG B 74 -15.64 -13.80 12.28
CA ARG B 74 -14.31 -14.28 11.94
C ARG B 74 -14.11 -14.32 10.44
N THR B 75 -12.97 -13.78 10.00
CA THR B 75 -12.59 -13.76 8.60
C THR B 75 -11.15 -14.25 8.47
N LEU B 76 -10.84 -14.79 7.30
CA LEU B 76 -9.48 -15.16 6.95
C LEU B 76 -8.85 -14.01 6.16
N MET B 77 -7.66 -13.59 6.57
CA MET B 77 -6.96 -12.47 5.96
C MET B 77 -5.51 -12.87 5.75
N SER B 78 -4.82 -12.17 4.85
CA SER B 78 -3.44 -12.47 4.57
C SER B 78 -2.62 -11.20 4.47
N VAL B 79 -1.35 -11.31 4.85
CA VAL B 79 -0.34 -10.26 4.69
C VAL B 79 0.90 -10.91 4.11
N PRO B 80 1.81 -10.14 3.52
CA PRO B 80 3.14 -10.69 3.20
C PRO B 80 3.84 -11.15 4.47
N ILE B 81 4.68 -12.19 4.30
CA ILE B 81 5.29 -12.87 5.44
C ILE B 81 6.19 -11.91 6.21
N GLY B 82 6.07 -11.95 7.55
CA GLY B 82 6.84 -11.11 8.43
C GLY B 82 6.24 -9.74 8.71
N SER B 83 5.23 -9.31 7.96
CA SER B 83 4.61 -8.02 8.20
C SER B 83 3.50 -8.15 9.24
N VAL B 84 3.23 -7.04 9.92
CA VAL B 84 2.25 -7.07 11.01
C VAL B 84 0.85 -7.22 10.43
N PRO B 85 -0.03 -8.02 11.03
CA PRO B 85 -1.41 -8.08 10.56
C PRO B 85 -2.18 -6.85 10.97
N SER B 86 -2.41 -5.95 10.03
CA SER B 86 -3.05 -4.68 10.32
C SER B 86 -4.19 -4.47 9.33
N PRO B 87 -5.20 -3.68 9.72
CA PRO B 87 -6.27 -3.34 8.77
C PRO B 87 -5.81 -2.57 7.54
N TYR B 88 -4.64 -1.92 7.60
CA TYR B 88 -4.17 -1.09 6.51
C TYR B 88 -3.26 -1.81 5.52
N ASN B 89 -2.91 -3.08 5.77
CA ASN B 89 -2.09 -3.83 4.83
C ASN B 89 -2.58 -5.24 4.55
N ALA B 90 -3.64 -5.69 5.22
CA ALA B 90 -4.10 -7.07 5.08
C ALA B 90 -5.09 -7.20 3.92
N ARG B 91 -4.92 -8.27 3.15
CA ARG B 91 -5.85 -8.62 2.08
C ARG B 91 -6.91 -9.55 2.63
N PHE B 92 -8.18 -9.24 2.37
CA PHE B 92 -9.26 -10.14 2.74
C PHE B 92 -9.21 -11.40 1.89
N GLU B 93 -9.47 -12.55 2.51
CA GLU B 93 -9.55 -13.81 1.79
C GLU B 93 -10.95 -14.42 1.82
N SER B 94 -11.49 -14.68 3.02
CA SER B 94 -12.79 -15.34 3.14
C SER B 94 -13.33 -15.13 4.53
N ILE B 95 -14.61 -15.43 4.69
CA ILE B 95 -15.24 -15.50 6.01
C ILE B 95 -15.05 -16.92 6.53
N ALA B 96 -14.41 -17.06 7.68
CA ALA B 96 -14.02 -18.37 8.16
C ALA B 96 -13.68 -18.32 9.64
N TRP B 97 -14.15 -19.31 10.39
CA TRP B 97 -13.57 -19.62 11.69
C TRP B 97 -12.71 -20.89 11.66
N SER B 98 -12.59 -21.51 10.49
CA SER B 98 -11.63 -22.58 10.24
C SER B 98 -11.26 -22.49 8.77
N ALA B 99 -9.97 -22.57 8.45
CA ALA B 99 -9.56 -22.22 7.11
C ALA B 99 -8.34 -23.01 6.66
N SER B 100 -8.14 -23.03 5.35
CA SER B 100 -6.91 -23.51 4.74
C SER B 100 -6.71 -22.75 3.44
N ALA B 101 -5.45 -22.60 3.04
CA ALA B 101 -5.14 -21.83 1.84
C ALA B 101 -3.86 -22.38 1.20
N CYS B 102 -3.86 -22.43 -0.13
CA CYS B 102 -2.69 -22.89 -0.86
C CYS B 102 -2.73 -22.29 -2.26
N HIS B 103 -1.57 -22.34 -2.91
CA HIS B 103 -1.40 -21.82 -4.25
C HIS B 103 -0.93 -22.95 -5.16
N ASP B 104 -1.68 -23.22 -6.23
CA ASP B 104 -1.35 -24.32 -7.12
C ASP B 104 -0.33 -23.94 -8.19
N GLY B 105 0.18 -22.71 -8.15
CA GLY B 105 1.08 -22.20 -9.15
C GLY B 105 0.47 -21.17 -10.08
N ILE B 106 -0.85 -21.12 -10.17
CA ILE B 106 -1.57 -20.15 -10.99
C ILE B 106 -2.32 -19.15 -10.12
N ASN B 107 -3.16 -19.64 -9.20
CA ASN B 107 -3.97 -18.78 -8.36
C ASN B 107 -4.03 -19.35 -6.95
N TRP B 108 -4.38 -18.49 -6.01
CA TRP B 108 -4.62 -18.91 -4.64
C TRP B 108 -5.91 -19.71 -4.55
N LEU B 109 -5.89 -20.78 -3.78
CA LEU B 109 -7.10 -21.48 -3.36
C LEU B 109 -7.29 -21.24 -1.88
N THR B 110 -8.46 -20.73 -1.50
CA THR B 110 -8.80 -20.45 -0.12
C THR B 110 -10.03 -21.25 0.26
N ILE B 111 -9.95 -22.00 1.34
CA ILE B 111 -11.07 -22.78 1.88
C ILE B 111 -11.49 -22.12 3.19
N GLY B 112 -12.75 -21.72 3.28
CA GLY B 112 -13.25 -21.07 4.47
C GLY B 112 -14.51 -21.70 5.00
N ILE B 113 -14.51 -22.06 6.27
CA ILE B 113 -15.65 -22.71 6.92
C ILE B 113 -16.35 -21.71 7.81
N THR B 114 -17.65 -21.54 7.60
CA THR B 114 -18.46 -20.66 8.42
C THR B 114 -19.85 -21.26 8.51
N GLY B 115 -20.68 -20.67 9.38
CA GLY B 115 -21.99 -21.20 9.64
C GLY B 115 -22.12 -21.73 11.06
N PRO B 116 -23.29 -22.23 11.43
CA PRO B 116 -23.47 -22.78 12.77
C PRO B 116 -22.73 -24.09 12.94
N ASP B 117 -22.59 -24.51 14.20
CA ASP B 117 -21.83 -25.70 14.53
C ASP B 117 -22.48 -26.98 13.98
N ASN B 118 -23.81 -26.99 13.86
CA ASN B 118 -24.50 -28.13 13.28
C ASN B 118 -24.83 -27.95 11.81
N GLY B 119 -24.42 -26.85 11.19
CA GLY B 119 -24.71 -26.59 9.80
C GLY B 119 -23.60 -25.91 9.02
N ALA B 120 -22.35 -26.12 9.45
CA ALA B 120 -21.23 -25.42 8.84
C ALA B 120 -20.99 -25.89 7.41
N VAL B 121 -20.57 -24.94 6.56
CA VAL B 121 -20.26 -25.21 5.16
C VAL B 121 -18.88 -24.65 4.86
N ALA B 122 -18.06 -25.46 4.18
CA ALA B 122 -16.76 -25.02 3.70
C ALA B 122 -16.95 -24.28 2.38
N ILE B 123 -16.46 -23.05 2.31
CA ILE B 123 -16.54 -22.23 1.10
C ILE B 123 -15.18 -22.25 0.43
N LEU B 124 -15.14 -22.76 -0.80
CA LEU B 124 -13.91 -22.82 -1.58
C LEU B 124 -13.85 -21.62 -2.51
N LYS B 125 -12.74 -20.90 -2.48
CA LYS B 125 -12.54 -19.71 -3.30
C LYS B 125 -11.27 -19.90 -4.13
N TYR B 126 -11.41 -19.76 -5.44
CA TYR B 126 -10.27 -19.81 -6.35
C TYR B 126 -10.16 -18.46 -7.04
N ASN B 127 -9.00 -17.80 -6.86
CA ASN B 127 -8.75 -16.43 -7.33
C ASN B 127 -9.82 -15.47 -6.81
N GLY B 128 -10.21 -15.65 -5.55
CA GLY B 128 -11.23 -14.81 -4.95
C GLY B 128 -12.64 -15.08 -5.43
N ILE B 129 -12.85 -16.11 -6.22
CA ILE B 129 -14.15 -16.44 -6.81
C ILE B 129 -14.66 -17.70 -6.15
N ILE B 130 -15.90 -17.67 -5.67
CA ILE B 130 -16.50 -18.85 -5.05
C ILE B 130 -16.72 -19.90 -6.13
N THR B 131 -16.14 -21.08 -5.95
CA THR B 131 -16.15 -22.13 -6.96
C THR B 131 -16.87 -23.39 -6.53
N ASP B 132 -16.84 -23.73 -5.24
CA ASP B 132 -17.50 -24.93 -4.76
C ASP B 132 -17.75 -24.78 -3.27
N THR B 133 -18.77 -25.50 -2.78
CA THR B 133 -19.06 -25.58 -1.35
C THR B 133 -19.39 -27.03 -1.00
N ILE B 134 -19.22 -27.36 0.27
CA ILE B 134 -19.64 -28.66 0.81
C ILE B 134 -20.12 -28.45 2.24
N LYS B 135 -21.31 -28.98 2.55
CA LYS B 135 -21.91 -28.82 3.87
C LYS B 135 -21.22 -29.76 4.84
N SER B 136 -21.44 -29.52 6.13
CA SER B 136 -21.11 -30.51 7.15
C SER B 136 -21.95 -31.76 6.96
N TRP B 137 -21.31 -32.93 6.99
CA TRP B 137 -22.01 -34.19 6.77
C TRP B 137 -22.30 -34.95 8.06
N ARG B 138 -21.63 -34.63 9.17
CA ARG B 138 -21.97 -35.18 10.46
C ARG B 138 -22.67 -34.17 11.38
N ASN B 139 -22.75 -32.90 10.96
CA ASN B 139 -23.41 -31.81 11.68
C ASN B 139 -22.81 -31.60 13.07
N ASN B 140 -21.50 -31.82 13.22
CA ASN B 140 -20.80 -31.55 14.48
C ASN B 140 -19.47 -30.87 14.14
N ILE B 141 -19.52 -29.54 13.96
CA ILE B 141 -18.37 -28.67 13.74
C ILE B 141 -17.45 -29.17 12.63
N LEU B 142 -17.83 -28.91 11.38
CA LEU B 142 -16.93 -29.17 10.26
C LEU B 142 -15.71 -28.26 10.38
N ARG B 143 -14.52 -28.85 10.24
CA ARG B 143 -13.28 -28.13 10.47
C ARG B 143 -12.20 -28.67 9.57
N THR B 144 -11.13 -27.89 9.41
CA THR B 144 -10.09 -28.19 8.42
C THR B 144 -8.72 -27.91 9.04
N GLN B 145 -7.70 -27.80 8.19
CA GLN B 145 -6.30 -27.95 8.60
C GLN B 145 -5.84 -26.85 9.56
N GLU B 146 -6.28 -25.61 9.33
CA GLU B 146 -5.64 -24.40 9.89
C GLU B 146 -4.16 -24.32 9.51
N SER B 147 -3.82 -24.83 8.32
CA SER B 147 -2.51 -24.68 7.72
C SER B 147 -2.69 -24.86 6.21
N GLU B 148 -1.57 -24.76 5.48
CA GLU B 148 -1.67 -24.74 4.03
C GLU B 148 -2.05 -26.11 3.49
N CYS B 149 -2.89 -26.11 2.46
CA CYS B 149 -3.15 -27.35 1.75
C CYS B 149 -1.94 -27.67 0.86
N ALA B 150 -1.89 -28.92 0.41
CA ALA B 150 -0.77 -29.41 -0.40
C ALA B 150 -1.23 -29.56 -1.84
N CYS B 151 -0.44 -29.03 -2.77
CA CYS B 151 -0.80 -29.04 -4.18
C CYS B 151 0.23 -29.84 -4.97
N VAL B 152 -0.26 -30.76 -5.81
CA VAL B 152 0.57 -31.55 -6.72
C VAL B 152 -0.09 -31.52 -8.09
N ASN B 153 0.66 -31.05 -9.10
CA ASN B 153 0.28 -31.13 -10.51
C ASN B 153 -1.06 -30.43 -10.79
N GLY B 154 -1.19 -29.21 -10.29
CA GLY B 154 -2.39 -28.44 -10.50
C GLY B 154 -3.60 -28.88 -9.70
N SER B 155 -3.41 -29.77 -8.74
CA SER B 155 -4.49 -30.26 -7.88
C SER B 155 -4.06 -30.13 -6.43
N CYS B 156 -4.92 -29.55 -5.61
CA CYS B 156 -4.63 -29.30 -4.20
C CYS B 156 -5.47 -30.21 -3.32
N PHE B 157 -4.89 -30.60 -2.19
CA PHE B 157 -5.47 -31.63 -1.33
C PHE B 157 -5.60 -31.12 0.10
N THR B 158 -6.69 -31.50 0.75
CA THR B 158 -6.95 -31.07 2.12
C THR B 158 -7.69 -32.18 2.86
N VAL B 159 -7.63 -32.12 4.18
CA VAL B 159 -8.30 -33.07 5.07
C VAL B 159 -9.22 -32.29 5.99
N MET B 160 -10.48 -32.71 6.05
CA MET B 160 -11.47 -32.09 6.93
C MET B 160 -12.07 -33.13 7.87
N THR B 161 -12.43 -32.66 9.06
CA THR B 161 -12.96 -33.50 10.12
C THR B 161 -14.37 -33.04 10.48
N ASP B 162 -15.30 -33.98 10.59
CA ASP B 162 -16.65 -33.71 11.06
C ASP B 162 -16.97 -34.71 12.17
N GLY B 163 -17.43 -34.20 13.31
CA GLY B 163 -17.73 -35.04 14.44
C GLY B 163 -17.20 -34.49 15.75
N PRO B 164 -17.26 -35.29 16.81
CA PRO B 164 -16.81 -34.83 18.12
C PRO B 164 -15.29 -34.68 18.20
N SER B 165 -14.86 -33.80 19.09
CA SER B 165 -13.45 -33.57 19.35
C SER B 165 -12.93 -34.35 20.55
N ASN B 166 -13.76 -35.24 21.12
CA ASN B 166 -13.32 -36.07 22.23
C ASN B 166 -13.70 -37.54 22.04
N GLY B 167 -14.07 -37.93 20.83
CA GLY B 167 -14.40 -39.32 20.54
C GLY B 167 -14.17 -39.60 19.08
N GLN B 168 -14.78 -40.67 18.60
CA GLN B 168 -14.63 -41.04 17.20
C GLN B 168 -15.36 -40.06 16.30
N ALA B 169 -14.68 -39.58 15.27
CA ALA B 169 -15.23 -38.62 14.32
C ALA B 169 -15.13 -39.19 12.91
N SER B 170 -15.45 -38.36 11.93
CA SER B 170 -15.37 -38.73 10.52
C SER B 170 -14.38 -37.82 9.81
N TYR B 171 -13.53 -38.40 8.98
CA TYR B 171 -12.44 -37.69 8.32
C TYR B 171 -12.50 -37.92 6.82
N LYS B 172 -12.37 -36.86 6.04
CA LYS B 172 -12.49 -36.94 4.60
C LYS B 172 -11.28 -36.29 3.93
N ILE B 173 -10.84 -36.88 2.82
CA ILE B 173 -9.79 -36.34 1.99
C ILE B 173 -10.43 -35.74 0.75
N PHE B 174 -9.89 -34.62 0.28
CA PHE B 174 -10.46 -33.92 -0.87
C PHE B 174 -9.39 -33.66 -1.91
N ARG B 175 -9.78 -33.79 -3.17
CA ARG B 175 -8.98 -33.38 -4.31
C ARG B 175 -9.64 -32.15 -4.93
N ILE B 176 -8.91 -31.06 -5.03
CA ILE B 176 -9.46 -29.78 -5.47
C ILE B 176 -8.64 -29.29 -6.65
N GLU B 177 -9.29 -29.13 -7.80
CA GLU B 177 -8.65 -28.61 -9.02
C GLU B 177 -9.38 -27.33 -9.43
N LYS B 178 -8.63 -26.23 -9.49
CA LYS B 178 -9.14 -24.90 -9.83
C LYS B 178 -10.30 -24.48 -8.93
N GLY B 179 -10.22 -24.85 -7.65
CA GLY B 179 -11.24 -24.54 -6.70
C GLY B 179 -12.45 -25.46 -6.70
N LYS B 180 -12.47 -26.47 -7.57
CA LYS B 180 -13.60 -27.39 -7.67
C LYS B 180 -13.22 -28.74 -7.07
N ILE B 181 -14.07 -29.25 -6.19
CA ILE B 181 -13.86 -30.58 -5.63
C ILE B 181 -14.18 -31.62 -6.70
N VAL B 182 -13.20 -32.47 -7.01
CA VAL B 182 -13.37 -33.48 -8.05
C VAL B 182 -13.40 -34.90 -7.50
N LYS B 183 -12.93 -35.12 -6.28
CA LYS B 183 -12.97 -36.44 -5.67
C LYS B 183 -12.90 -36.29 -4.16
N SER B 184 -13.70 -37.09 -3.46
CA SER B 184 -13.70 -37.15 -2.01
C SER B 184 -13.71 -38.59 -1.55
N VAL B 185 -12.96 -38.88 -0.49
CA VAL B 185 -12.89 -40.22 0.10
C VAL B 185 -13.00 -40.06 1.61
N GLU B 186 -13.92 -40.81 2.22
CA GLU B 186 -13.99 -40.86 3.67
C GLU B 186 -12.99 -41.87 4.20
N MET B 187 -12.17 -41.45 5.16
CA MET B 187 -11.14 -42.31 5.71
C MET B 187 -11.75 -43.35 6.65
N ASN B 188 -11.51 -44.62 6.36
CA ASN B 188 -11.90 -45.70 7.27
C ASN B 188 -10.81 -45.84 8.32
N ALA B 189 -10.98 -45.11 9.43
CA ALA B 189 -9.99 -45.08 10.51
C ALA B 189 -10.70 -45.25 11.84
N PRO B 190 -11.09 -46.48 12.18
CA PRO B 190 -11.64 -46.72 13.52
C PRO B 190 -10.56 -46.57 14.58
N ASN B 191 -10.96 -46.05 15.74
CA ASN B 191 -10.09 -45.78 16.90
C ASN B 191 -8.97 -44.78 16.56
N TYR B 192 -9.14 -43.98 15.51
CA TYR B 192 -8.21 -42.91 15.18
C TYR B 192 -8.90 -41.57 15.34
N HIS B 193 -8.09 -40.54 15.56
CA HIS B 193 -8.61 -39.18 15.63
C HIS B 193 -7.70 -38.25 14.86
N TYR B 194 -8.27 -37.54 13.89
CA TYR B 194 -7.53 -36.61 13.04
C TYR B 194 -8.11 -35.22 13.21
N GLU B 195 -7.30 -34.29 13.68
CA GLU B 195 -7.67 -32.89 13.78
C GLU B 195 -6.51 -32.03 13.30
N GLU B 196 -6.82 -31.00 12.51
CA GLU B 196 -5.89 -29.91 12.18
C GLU B 196 -4.61 -30.43 11.53
N CYS B 197 -4.78 -31.16 10.42
CA CYS B 197 -3.67 -31.83 9.77
C CYS B 197 -2.70 -30.83 9.14
N SER B 198 -1.41 -31.15 9.24
CA SER B 198 -0.37 -30.41 8.54
C SER B 198 0.10 -31.26 7.36
N CYS B 199 -0.25 -30.85 6.15
CA CYS B 199 -0.02 -31.63 4.95
C CYS B 199 1.07 -30.99 4.11
N TYR B 200 1.91 -31.84 3.51
CA TYR B 200 2.93 -31.37 2.58
C TYR B 200 3.02 -32.34 1.39
N PRO B 201 3.41 -31.84 0.23
CA PRO B 201 3.64 -32.73 -0.91
C PRO B 201 5.03 -33.34 -0.87
N ASP B 202 5.13 -34.57 -1.36
CA ASP B 202 6.40 -35.30 -1.35
C ASP B 202 6.33 -36.39 -2.41
N SER B 203 7.06 -36.18 -3.51
CA SER B 203 7.18 -37.14 -4.63
C SER B 203 5.81 -37.55 -5.17
N SER B 204 5.05 -36.52 -5.60
CA SER B 204 3.69 -36.65 -6.14
C SER B 204 2.72 -37.28 -5.14
N GLU B 205 3.05 -37.26 -3.86
CA GLU B 205 2.21 -37.83 -2.82
C GLU B 205 2.08 -36.82 -1.69
N ILE B 206 0.99 -36.92 -0.94
CA ILE B 206 0.69 -36.00 0.15
C ILE B 206 0.84 -36.74 1.47
N THR B 207 1.57 -36.16 2.41
CA THR B 207 1.71 -36.69 3.75
C THR B 207 1.19 -35.67 4.75
N CYS B 208 0.26 -36.09 5.60
CA CYS B 208 -0.36 -35.22 6.58
C CYS B 208 -0.09 -35.77 7.97
N VAL B 209 0.33 -34.91 8.89
CA VAL B 209 0.51 -35.25 10.30
C VAL B 209 -0.46 -34.40 11.11
N CYS B 210 -1.28 -35.04 11.92
CA CYS B 210 -2.41 -34.36 12.53
C CYS B 210 -2.41 -34.48 14.06
N ARG B 211 -3.51 -34.07 14.68
CA ARG B 211 -3.61 -33.99 16.14
C ARG B 211 -4.70 -34.97 16.59
N ASP B 212 -4.34 -35.85 17.52
CA ASP B 212 -5.29 -36.76 18.14
C ASP B 212 -5.77 -36.08 19.41
N ASN B 213 -6.96 -35.50 19.35
CA ASN B 213 -7.58 -34.88 20.52
C ASN B 213 -8.26 -35.89 21.43
N TRP B 214 -8.49 -37.11 20.95
CA TRP B 214 -9.31 -38.09 21.67
C TRP B 214 -8.48 -38.87 22.70
N HIS B 215 -7.57 -39.74 22.23
CA HIS B 215 -6.80 -40.59 23.13
C HIS B 215 -5.38 -40.81 22.63
N GLY B 216 -4.76 -39.77 22.07
CA GLY B 216 -3.43 -39.97 21.51
C GLY B 216 -2.42 -38.91 21.87
N SER B 217 -1.35 -39.30 22.55
CA SER B 217 -0.24 -38.40 22.81
C SER B 217 0.83 -38.46 21.72
N ASN B 218 0.74 -39.42 20.81
CA ASN B 218 1.53 -39.41 19.59
C ASN B 218 0.67 -38.91 18.44
N ARG B 219 1.32 -38.55 17.35
CA ARG B 219 0.57 -37.91 16.29
C ARG B 219 0.15 -38.92 15.23
N PRO B 220 -1.13 -38.96 14.87
CA PRO B 220 -1.55 -39.80 13.74
C PRO B 220 -1.12 -39.19 12.41
N TRP B 221 -1.01 -40.04 11.41
CA TRP B 221 -0.68 -39.59 10.07
C TRP B 221 -1.55 -40.28 9.05
N VAL B 222 -1.73 -39.62 7.91
CA VAL B 222 -2.39 -40.19 6.75
C VAL B 222 -1.60 -39.75 5.52
N SER B 223 -1.34 -40.69 4.61
CA SER B 223 -0.62 -40.42 3.38
C SER B 223 -1.38 -41.00 2.20
N PHE B 224 -1.51 -40.21 1.13
CA PHE B 224 -2.33 -40.61 0.00
C PHE B 224 -1.72 -40.08 -1.29
N ASN B 225 -2.09 -40.72 -2.40
CA ASN B 225 -1.67 -40.29 -3.72
C ASN B 225 -2.74 -39.38 -4.33
N GLN B 226 -2.60 -39.05 -5.62
CA GLN B 226 -3.56 -38.17 -6.26
C GLN B 226 -4.92 -38.83 -6.48
N ASN B 227 -5.00 -40.16 -6.38
CA ASN B 227 -6.26 -40.87 -6.47
C ASN B 227 -6.90 -41.08 -5.11
N LEU B 228 -6.36 -40.46 -4.07
CA LEU B 228 -6.82 -40.56 -2.68
C LEU B 228 -6.77 -41.99 -2.14
N GLU B 229 -5.93 -42.85 -2.71
CA GLU B 229 -5.64 -44.13 -2.10
C GLU B 229 -4.71 -43.90 -0.91
N TYR B 230 -5.20 -44.18 0.30
CA TYR B 230 -4.57 -43.69 1.51
C TYR B 230 -4.09 -44.83 2.39
N GLN B 231 -3.07 -44.53 3.18
CA GLN B 231 -2.61 -45.36 4.29
C GLN B 231 -2.59 -44.50 5.55
N ILE B 232 -2.84 -45.15 6.69
CA ILE B 232 -2.98 -44.44 7.95
C ILE B 232 -2.12 -45.10 9.02
N GLY B 233 -1.85 -44.35 10.08
CA GLY B 233 -1.07 -44.86 11.18
C GLY B 233 -0.71 -43.74 12.13
N TYR B 234 0.03 -44.12 13.17
CA TYR B 234 0.57 -43.19 14.15
C TYR B 234 2.08 -43.20 14.08
N ILE B 235 2.69 -42.06 14.42
CA ILE B 235 4.14 -41.96 14.47
C ILE B 235 4.62 -42.80 15.65
N CYS B 236 5.42 -43.83 15.35
CA CYS B 236 5.76 -44.82 16.36
C CYS B 236 6.85 -44.37 17.31
N SER B 237 7.42 -43.18 17.10
CA SER B 237 8.53 -42.71 17.92
C SER B 237 8.14 -42.58 19.38
N GLY B 238 9.07 -42.93 20.27
CA GLY B 238 8.89 -42.67 21.68
C GLY B 238 9.05 -41.21 22.05
N ILE B 239 9.56 -40.39 21.14
CA ILE B 239 9.50 -38.94 21.26
C ILE B 239 8.09 -38.52 20.86
N PHE B 240 7.22 -38.35 21.85
CA PHE B 240 5.83 -38.03 21.57
C PHE B 240 5.70 -36.58 21.13
N GLY B 241 4.86 -36.34 20.14
CA GLY B 241 4.79 -35.03 19.51
C GLY B 241 3.68 -34.12 19.96
N ASP B 242 2.72 -34.64 20.73
CA ASP B 242 1.57 -33.84 21.11
C ASP B 242 1.80 -33.10 22.42
N ASN B 243 0.86 -32.24 22.77
CA ASN B 243 0.87 -31.50 24.02
C ASN B 243 -0.57 -31.34 24.50
N PRO B 244 -0.96 -31.96 25.63
CA PRO B 244 -0.15 -32.67 26.63
C PRO B 244 0.36 -34.05 26.23
N ARG B 245 1.39 -34.52 26.91
CA ARG B 245 2.05 -35.78 26.62
C ARG B 245 2.76 -36.25 27.87
N PRO B 246 3.05 -37.54 27.99
CA PRO B 246 3.89 -38.02 29.09
C PRO B 246 5.37 -37.84 28.75
N ASN B 247 6.21 -38.29 29.66
CA ASN B 247 7.65 -38.27 29.42
C ASN B 247 8.02 -39.27 28.32
N ASP B 248 9.18 -39.04 27.73
CA ASP B 248 9.65 -39.88 26.64
C ASP B 248 9.94 -41.29 27.13
N LYS B 249 9.21 -42.26 26.60
CA LYS B 249 9.33 -43.67 26.97
C LYS B 249 9.21 -44.47 25.69
N THR B 250 8.97 -45.77 25.80
CA THR B 250 8.73 -46.60 24.62
C THR B 250 7.41 -46.22 23.96
N GLY B 251 7.49 -45.82 22.69
CA GLY B 251 6.32 -45.39 21.95
C GLY B 251 5.53 -46.55 21.39
N SER B 252 4.53 -46.19 20.57
CA SER B 252 3.65 -47.19 19.97
C SER B 252 3.23 -46.72 18.58
N CYS B 253 2.93 -47.69 17.72
CA CYS B 253 2.42 -47.39 16.39
C CYS B 253 0.91 -47.16 16.38
N GLY B 254 0.25 -47.31 17.52
CA GLY B 254 -1.12 -46.88 17.67
C GLY B 254 -1.20 -45.68 18.58
N PRO B 255 -2.42 -45.24 18.92
CA PRO B 255 -2.57 -44.10 19.82
C PRO B 255 -2.12 -44.45 21.24
N VAL B 256 -1.32 -43.56 21.82
CA VAL B 256 -0.81 -43.74 23.19
C VAL B 256 -1.76 -42.98 24.11
N SER B 257 -2.47 -43.72 24.97
CA SER B 257 -3.57 -43.15 25.71
C SER B 257 -3.11 -42.26 26.87
N SER B 258 -1.87 -42.43 27.32
CA SER B 258 -1.37 -41.67 28.46
C SER B 258 -1.25 -40.20 28.08
N ASN B 259 -1.99 -39.35 28.78
CA ASN B 259 -2.14 -37.91 28.47
C ASN B 259 -2.61 -37.69 27.03
N GLY B 260 -3.38 -38.64 26.49
CA GLY B 260 -3.80 -38.58 25.11
C GLY B 260 -4.98 -37.66 24.86
N ALA B 261 -5.75 -37.35 25.90
CA ALA B 261 -6.87 -36.42 25.77
C ALA B 261 -6.36 -35.03 25.44
N ASN B 262 -7.15 -34.30 24.64
CA ASN B 262 -6.81 -32.99 24.09
C ASN B 262 -5.55 -33.06 23.24
N GLY B 263 -4.94 -31.92 22.97
CA GLY B 263 -3.76 -31.90 22.14
C GLY B 263 -3.49 -30.49 21.62
N VAL B 264 -2.63 -30.44 20.60
CA VAL B 264 -2.27 -29.18 19.95
C VAL B 264 -1.99 -29.50 18.49
N LYS B 265 -2.26 -28.52 17.62
CA LYS B 265 -1.91 -28.67 16.21
C LYS B 265 -0.40 -28.78 16.04
N GLY B 266 0.03 -29.76 15.25
CA GLY B 266 1.45 -29.96 15.04
C GLY B 266 1.79 -30.51 13.67
N PHE B 267 3.06 -30.83 13.47
CA PHE B 267 3.55 -31.26 12.17
C PHE B 267 4.67 -32.28 12.38
N SER B 268 4.95 -33.05 11.34
CA SER B 268 6.15 -33.86 11.28
C SER B 268 6.52 -34.05 9.81
N PHE B 269 7.82 -34.16 9.57
CA PHE B 269 8.35 -34.41 8.23
C PHE B 269 8.94 -35.80 8.18
N LYS B 270 8.43 -36.63 7.28
CA LYS B 270 8.86 -38.01 7.14
C LYS B 270 10.04 -38.09 6.17
N TYR B 271 11.09 -38.78 6.57
CA TYR B 271 12.28 -38.98 5.74
C TYR B 271 12.61 -40.47 5.75
N GLY B 272 11.98 -41.21 4.86
CA GLY B 272 12.09 -42.67 4.88
C GLY B 272 11.49 -43.19 6.17
N ASN B 273 12.28 -43.95 6.92
CA ASN B 273 11.88 -44.38 8.25
C ASN B 273 12.19 -43.33 9.32
N GLY B 274 12.89 -42.27 8.97
CA GLY B 274 13.15 -41.20 9.91
C GLY B 274 12.04 -40.16 9.94
N VAL B 275 12.10 -39.29 10.94
CA VAL B 275 11.11 -38.22 11.09
C VAL B 275 11.75 -37.02 11.77
N TRP B 276 11.45 -35.84 11.24
CA TRP B 276 11.69 -34.58 11.94
C TRP B 276 10.43 -34.23 12.72
N ILE B 277 10.55 -34.09 14.04
CA ILE B 277 9.42 -33.86 14.92
C ILE B 277 9.52 -32.46 15.50
N GLY B 278 8.44 -31.69 15.36
CA GLY B 278 8.30 -30.41 16.04
C GLY B 278 7.31 -30.54 17.18
N ARG B 279 7.73 -30.09 18.36
CA ARG B 279 6.89 -30.25 19.54
C ARG B 279 7.21 -29.18 20.56
N THR B 280 6.30 -29.01 21.50
CA THR B 280 6.54 -28.13 22.65
C THR B 280 7.59 -28.73 23.57
N LYS B 281 8.30 -27.85 24.28
CA LYS B 281 9.26 -28.32 25.28
C LYS B 281 8.56 -28.84 26.52
N SER B 282 7.52 -28.14 26.98
CA SER B 282 6.75 -28.57 28.14
C SER B 282 5.82 -29.72 27.75
N ILE B 283 5.69 -30.70 28.65
CA ILE B 283 4.84 -31.86 28.39
C ILE B 283 3.41 -31.64 28.84
N SER B 284 3.11 -30.53 29.51
CA SER B 284 1.76 -30.27 30.01
C SER B 284 1.15 -28.97 29.51
N SER B 285 1.94 -28.05 28.98
CA SER B 285 1.44 -26.77 28.51
C SER B 285 2.13 -26.40 27.21
N ARG B 286 1.60 -25.37 26.55
CA ARG B 286 2.13 -24.92 25.26
C ARG B 286 3.24 -23.89 25.50
N ASN B 287 4.35 -24.38 26.04
CA ASN B 287 5.50 -23.57 26.37
C ASN B 287 6.74 -24.14 25.69
N GLY B 288 7.46 -23.30 24.98
CA GLY B 288 8.68 -23.71 24.31
C GLY B 288 8.41 -24.51 23.05
N PHE B 289 9.46 -24.68 22.26
CA PHE B 289 9.38 -25.47 21.04
C PHE B 289 10.75 -26.01 20.70
N GLU B 290 10.77 -27.17 20.04
CA GLU B 290 12.02 -27.81 19.66
C GLU B 290 11.81 -28.66 18.42
N MET B 291 12.88 -28.81 17.64
CA MET B 291 12.91 -29.66 16.46
C MET B 291 13.80 -30.86 16.75
N ILE B 292 13.23 -32.05 16.65
CA ILE B 292 13.92 -33.29 17.00
C ILE B 292 13.99 -34.18 15.77
N TRP B 293 15.18 -34.67 15.45
CA TRP B 293 15.40 -35.59 14.35
C TRP B 293 15.53 -37.00 14.90
N ASP B 294 14.59 -37.87 14.54
CA ASP B 294 14.63 -39.26 14.95
C ASP B 294 14.90 -40.14 13.74
N PRO B 295 16.10 -40.74 13.61
CA PRO B 295 16.43 -41.48 12.39
C PRO B 295 15.57 -42.70 12.12
N ASN B 296 14.87 -43.24 13.13
CA ASN B 296 13.95 -44.35 12.92
C ASN B 296 12.60 -44.10 13.57
N GLY B 297 12.24 -42.84 13.81
CA GLY B 297 11.06 -42.53 14.61
C GLY B 297 9.74 -42.80 13.92
N TRP B 298 9.71 -42.85 12.60
CA TRP B 298 8.44 -43.07 11.90
C TRP B 298 7.91 -44.48 12.12
N THR B 299 8.80 -45.45 12.30
CA THR B 299 8.40 -46.84 12.48
C THR B 299 8.95 -47.50 13.74
N GLY B 300 9.99 -46.95 14.37
CA GLY B 300 10.58 -47.52 15.55
C GLY B 300 10.00 -46.94 16.82
N THR B 301 9.91 -47.78 17.85
CA THR B 301 9.24 -47.42 19.10
C THR B 301 10.19 -46.96 20.19
N ASP B 302 11.48 -46.86 19.91
CA ASP B 302 12.41 -46.39 20.92
C ASP B 302 12.32 -44.87 21.06
N ASN B 303 12.85 -44.36 22.18
CA ASN B 303 12.87 -42.93 22.45
C ASN B 303 14.24 -42.31 22.20
N ASN B 304 15.04 -42.91 21.34
CA ASN B 304 16.35 -42.39 21.00
C ASN B 304 16.26 -41.48 19.78
N PHE B 305 16.98 -40.37 19.82
CA PHE B 305 17.04 -39.42 18.72
C PHE B 305 18.49 -38.98 18.53
N SER B 306 18.72 -38.17 17.49
CA SER B 306 20.07 -37.75 17.13
C SER B 306 20.26 -36.25 17.26
N ILE B 307 19.38 -35.44 16.68
CA ILE B 307 19.56 -34.00 16.61
C ILE B 307 18.39 -33.32 17.31
N LYS B 308 18.69 -32.39 18.21
CA LYS B 308 17.68 -31.57 18.86
C LYS B 308 18.07 -30.11 18.68
N GLN B 309 17.14 -29.32 18.15
CA GLN B 309 17.37 -27.89 17.93
C GLN B 309 16.35 -27.10 18.74
N ASP B 310 16.84 -26.16 19.54
CA ASP B 310 15.94 -25.27 20.27
C ASP B 310 15.34 -24.24 19.35
N ILE B 311 14.05 -23.97 19.55
CA ILE B 311 13.31 -22.97 18.78
C ILE B 311 12.75 -21.89 19.68
N VAL B 312 11.97 -22.28 20.68
CA VAL B 312 11.40 -21.37 21.67
C VAL B 312 11.79 -21.91 23.05
N GLY B 313 12.25 -21.02 23.93
CA GLY B 313 12.63 -21.44 25.27
C GLY B 313 11.44 -21.88 26.10
N ILE B 314 11.70 -22.77 27.06
CA ILE B 314 10.65 -23.39 27.86
C ILE B 314 9.94 -22.41 28.78
N ASN B 315 10.49 -21.21 29.00
CA ASN B 315 9.82 -20.19 29.81
C ASN B 315 8.95 -19.26 28.97
N GLU B 316 8.81 -19.52 27.67
CA GLU B 316 8.10 -18.63 26.78
C GLU B 316 6.93 -19.37 26.12
N TRP B 317 5.93 -18.60 25.73
CA TRP B 317 4.66 -19.15 25.26
C TRP B 317 4.75 -19.55 23.80
N SER B 318 4.53 -20.84 23.52
CA SER B 318 4.34 -21.37 22.18
C SER B 318 2.85 -21.67 21.97
N GLY B 319 2.54 -22.40 20.90
CA GLY B 319 1.16 -22.73 20.59
C GLY B 319 1.05 -23.66 19.41
N TYR B 320 0.16 -23.31 18.46
CA TYR B 320 0.02 -24.08 17.24
C TYR B 320 1.30 -24.05 16.42
N SER B 321 1.56 -25.15 15.72
CA SER B 321 2.65 -25.22 14.75
C SER B 321 2.19 -26.03 13.55
N GLY B 322 2.67 -25.64 12.37
CA GLY B 322 2.27 -26.32 11.16
C GLY B 322 3.36 -26.26 10.11
N SER B 323 3.25 -27.17 9.15
CA SER B 323 4.23 -27.28 8.08
C SER B 323 3.83 -26.44 6.87
N PHE B 324 4.83 -25.96 6.15
CA PHE B 324 4.61 -25.42 4.82
C PHE B 324 5.86 -25.68 3.99
N VAL B 325 5.71 -25.60 2.67
CA VAL B 325 6.79 -25.98 1.78
C VAL B 325 7.07 -24.85 0.80
N MET B 326 8.29 -24.85 0.28
CA MET B 326 8.70 -23.99 -0.82
C MET B 326 9.06 -24.87 -2.00
N HIS B 327 8.29 -24.75 -3.08
CA HIS B 327 8.44 -25.58 -4.26
C HIS B 327 9.63 -25.16 -5.09
N PRO B 328 10.14 -26.04 -5.98
CA PRO B 328 11.24 -25.63 -6.87
C PRO B 328 10.90 -24.47 -7.79
N GLU B 329 9.62 -24.24 -8.11
CA GLU B 329 9.24 -23.10 -8.93
C GLU B 329 9.52 -21.76 -8.25
N LEU B 330 9.59 -21.74 -6.92
CA LEU B 330 9.93 -20.54 -6.16
C LEU B 330 11.40 -20.47 -5.77
N THR B 331 12.02 -21.61 -5.45
CA THR B 331 13.41 -21.64 -5.01
C THR B 331 14.40 -21.80 -6.15
N GLY B 332 14.00 -22.46 -7.24
CA GLY B 332 14.93 -22.82 -8.28
C GLY B 332 15.76 -24.05 -8.00
N LEU B 333 15.52 -24.72 -6.87
CA LEU B 333 16.27 -25.89 -6.47
C LEU B 333 15.72 -27.13 -7.16
N ASP B 334 16.27 -28.30 -6.82
CA ASP B 334 15.81 -29.56 -7.36
C ASP B 334 14.88 -30.30 -6.40
N CYS B 335 14.58 -29.74 -5.23
CA CYS B 335 13.81 -30.44 -4.23
C CYS B 335 12.74 -29.51 -3.68
N ILE B 336 11.92 -30.06 -2.78
CA ILE B 336 10.93 -29.29 -2.04
C ILE B 336 11.50 -29.01 -0.65
N VAL B 337 11.67 -27.74 -0.33
CA VAL B 337 12.29 -27.35 0.96
C VAL B 337 11.22 -27.42 2.05
N PRO B 338 11.44 -28.17 3.13
CA PRO B 338 10.47 -28.17 4.22
C PRO B 338 10.65 -26.96 5.13
N CYS B 339 9.53 -26.41 5.58
CA CYS B 339 9.51 -25.24 6.44
C CYS B 339 8.39 -25.39 7.46
N PHE B 340 8.42 -24.58 8.50
CA PHE B 340 7.36 -24.62 9.49
C PHE B 340 7.21 -23.27 10.18
N TRP B 341 6.00 -23.04 10.69
CA TRP B 341 5.69 -21.87 11.50
C TRP B 341 5.30 -22.32 12.90
N VAL B 342 5.49 -21.42 13.86
CA VAL B 342 5.03 -21.61 15.24
C VAL B 342 4.24 -20.38 15.65
N GLU B 343 3.07 -20.60 16.26
CA GLU B 343 2.27 -19.51 16.81
C GLU B 343 2.62 -19.33 18.28
N LEU B 344 2.95 -18.10 18.67
CA LEU B 344 3.25 -17.77 20.06
C LEU B 344 2.03 -17.07 20.65
N ILE B 345 1.23 -17.81 21.42
CA ILE B 345 -0.05 -17.32 21.92
C ILE B 345 0.18 -16.43 23.13
N ARG B 346 -0.43 -15.24 23.11
CA ARG B 346 -0.37 -14.30 24.22
C ARG B 346 -1.76 -13.94 24.69
N GLY B 347 -1.89 -13.69 25.98
CA GLY B 347 -3.16 -13.34 26.58
C GLY B 347 -3.85 -14.51 27.24
N TRP B 355 -8.02 -9.88 25.78
CA TRP B 355 -7.93 -10.46 24.45
C TRP B 355 -7.07 -11.71 24.44
N THR B 356 -7.01 -12.38 23.30
CA THR B 356 -6.15 -13.54 23.11
C THR B 356 -5.65 -13.51 21.67
N SER B 357 -4.38 -13.17 21.49
CA SER B 357 -3.78 -13.04 20.17
C SER B 357 -2.47 -13.81 20.13
N GLY B 358 -1.90 -13.92 18.94
CA GLY B 358 -0.65 -14.63 18.76
C GLY B 358 0.21 -13.99 17.69
N SER B 359 1.51 -14.09 17.88
CA SER B 359 2.49 -13.74 16.86
C SER B 359 3.12 -15.02 16.32
N SER B 360 3.78 -14.90 15.18
CA SER B 360 4.25 -16.08 14.47
C SER B 360 5.73 -15.96 14.14
N ILE B 361 6.43 -17.09 14.20
CA ILE B 361 7.80 -17.20 13.72
C ILE B 361 7.84 -18.35 12.73
N SER B 362 8.75 -18.26 11.76
CA SER B 362 8.84 -19.29 10.73
C SER B 362 10.28 -19.67 10.50
N PHE B 363 10.48 -20.95 10.18
CA PHE B 363 11.79 -21.53 9.99
C PHE B 363 11.76 -22.37 8.73
N CYS B 364 12.92 -22.53 8.09
CA CYS B 364 13.03 -23.36 6.90
C CYS B 364 14.21 -24.30 7.04
N GLY B 365 14.06 -25.48 6.44
CA GLY B 365 15.09 -26.49 6.53
C GLY B 365 16.26 -26.17 5.60
N VAL B 366 17.47 -26.26 6.14
CA VAL B 366 18.69 -26.11 5.36
C VAL B 366 19.62 -27.26 5.72
N ASN B 367 20.58 -27.51 4.84
CA ASN B 367 21.65 -28.46 5.09
C ASN B 367 22.92 -27.78 5.57
N SER B 368 22.88 -26.46 5.77
CA SER B 368 24.04 -25.71 6.22
C SER B 368 24.01 -25.58 7.75
N ASP B 369 24.85 -24.72 8.30
CA ASP B 369 25.01 -24.62 9.74
C ASP B 369 23.93 -23.73 10.35
N THR B 370 23.37 -24.18 11.47
CA THR B 370 22.29 -23.49 12.18
C THR B 370 22.65 -23.37 13.66
N VAL B 371 21.78 -22.71 14.41
CA VAL B 371 21.95 -22.57 15.85
C VAL B 371 20.55 -22.62 16.48
N GLY B 372 20.46 -23.24 17.65
CA GLY B 372 19.26 -23.14 18.45
C GLY B 372 19.27 -21.90 19.32
N TRP B 373 18.11 -21.27 19.44
CA TRP B 373 17.95 -20.06 20.23
C TRP B 373 16.50 -19.96 20.68
N SER B 374 16.12 -18.81 21.20
CA SER B 374 14.74 -18.52 21.59
C SER B 374 14.31 -17.24 20.89
N TRP B 375 13.31 -17.35 20.02
CA TRP B 375 12.72 -16.18 19.39
C TRP B 375 11.28 -16.03 19.89
N PRO B 376 11.06 -15.51 21.09
CA PRO B 376 9.71 -15.48 21.64
C PRO B 376 8.92 -14.27 21.18
N ASP B 377 7.68 -14.13 21.67
CA ASP B 377 6.87 -12.98 21.27
C ASP B 377 7.46 -11.69 21.82
N GLY B 378 7.76 -11.66 23.11
CA GLY B 378 8.46 -10.54 23.70
C GLY B 378 7.64 -9.31 23.99
N ALA B 379 6.32 -9.43 24.09
CA ALA B 379 5.49 -8.31 24.49
C ALA B 379 5.28 -8.32 26.00
N GLU B 380 5.07 -7.12 26.55
CA GLU B 380 4.89 -6.92 27.98
C GLU B 380 3.39 -6.82 28.27
N LEU B 381 2.85 -7.84 28.92
CA LEU B 381 1.42 -7.89 29.19
C LEU B 381 1.17 -7.74 30.69
N VAL C 1 18.77 -8.01 -15.82
CA VAL C 1 20.17 -8.19 -16.18
C VAL C 1 21.04 -7.92 -14.94
N LYS C 2 22.07 -8.74 -14.76
CA LYS C 2 23.00 -8.53 -13.64
C LYS C 2 23.77 -7.23 -13.83
N LEU C 3 24.02 -6.54 -12.72
CA LEU C 3 24.80 -5.31 -12.76
C LEU C 3 26.25 -5.64 -13.11
N ALA C 4 26.79 -4.95 -14.12
CA ALA C 4 28.16 -5.20 -14.54
C ALA C 4 29.16 -4.77 -13.48
N GLY C 5 29.04 -3.54 -12.99
CA GLY C 5 29.96 -3.04 -11.99
C GLY C 5 31.39 -2.86 -12.47
N ASN C 6 31.58 -2.66 -13.78
CA ASN C 6 32.92 -2.54 -14.34
C ASN C 6 33.31 -1.11 -14.67
N SER C 7 32.37 -0.18 -14.63
CA SER C 7 32.73 1.23 -14.79
C SER C 7 33.31 1.76 -13.49
N SER C 8 34.03 2.88 -13.62
CA SER C 8 34.64 3.52 -12.47
C SER C 8 33.69 4.56 -11.88
N LEU C 9 34.03 5.01 -10.67
CA LEU C 9 33.38 6.19 -10.11
C LEU C 9 33.76 7.41 -10.95
N CYS C 10 32.77 8.01 -11.59
CA CYS C 10 33.13 9.28 -12.23
C CYS C 10 33.29 10.37 -11.17
N PRO C 11 34.26 11.26 -11.34
CA PRO C 11 34.60 12.19 -10.25
C PRO C 11 33.49 13.18 -9.96
N VAL C 12 33.38 13.54 -8.69
CA VAL C 12 32.36 14.46 -8.22
C VAL C 12 33.06 15.61 -7.49
N SER C 13 32.41 16.76 -7.45
CA SER C 13 32.94 17.93 -6.78
C SER C 13 32.07 18.37 -5.62
N GLY C 14 30.94 17.72 -5.39
CA GLY C 14 30.03 18.10 -4.33
C GLY C 14 28.99 17.03 -4.15
N TRP C 15 28.14 17.24 -3.15
CA TRP C 15 27.14 16.25 -2.76
C TRP C 15 25.78 16.92 -2.67
N ALA C 16 24.82 16.39 -3.41
CA ALA C 16 23.48 16.94 -3.47
C ALA C 16 22.52 16.13 -2.62
N PRO C 17 21.61 16.79 -1.90
CA PRO C 17 20.67 16.05 -1.04
C PRO C 17 19.74 15.17 -1.86
N LEU C 18 19.59 13.92 -1.40
CA LEU C 18 18.75 12.95 -2.09
C LEU C 18 17.48 12.63 -1.32
N SER C 19 17.57 12.30 -0.04
CA SER C 19 16.38 11.93 0.71
C SER C 19 16.50 12.37 2.16
N LYS C 20 15.32 12.51 2.78
CA LYS C 20 15.20 12.87 4.19
C LYS C 20 13.88 12.32 4.68
N ASP C 21 13.91 11.49 5.72
CA ASP C 21 12.72 10.74 6.11
C ASP C 21 11.91 11.42 7.21
N ASN C 22 12.56 12.21 8.07
CA ASN C 22 11.92 12.92 9.18
C ASN C 22 11.16 11.98 10.11
N SER C 23 11.71 10.78 10.34
CA SER C 23 10.95 9.70 10.96
C SER C 23 10.54 10.01 12.40
N VAL C 24 11.43 10.63 13.18
CA VAL C 24 11.11 10.90 14.58
C VAL C 24 10.04 11.98 14.70
N ARG C 25 10.12 13.00 13.85
CA ARG C 25 9.15 14.10 13.88
C ARG C 25 7.74 13.61 13.58
N ILE C 26 7.59 12.76 12.56
CA ILE C 26 6.29 12.15 12.28
C ILE C 26 5.93 11.15 13.37
N GLY C 27 6.91 10.42 13.90
CA GLY C 27 6.67 9.42 14.93
C GLY C 27 6.30 9.98 16.28
N SER C 28 6.37 11.30 16.47
CA SER C 28 5.78 11.92 17.65
C SER C 28 4.27 11.66 17.73
N LYS C 29 3.60 11.54 16.57
CA LYS C 29 2.18 11.20 16.53
C LYS C 29 1.90 9.90 15.80
N GLY C 30 2.52 9.69 14.63
CA GLY C 30 2.24 8.52 13.84
C GLY C 30 2.87 7.24 14.38
N ASP C 31 2.49 6.13 13.78
CA ASP C 31 3.01 4.81 14.16
C ASP C 31 4.28 4.56 13.36
N VAL C 32 5.43 4.85 13.96
CA VAL C 32 6.73 4.77 13.30
C VAL C 32 7.63 3.87 14.13
N PHE C 33 8.34 2.97 13.46
CA PHE C 33 9.28 2.06 14.12
C PHE C 33 10.40 2.84 14.81
N VAL C 34 10.86 2.30 15.93
CA VAL C 34 12.12 2.72 16.52
C VAL C 34 13.23 1.95 15.82
N ILE C 35 14.03 2.64 15.02
CA ILE C 35 15.00 1.99 14.15
C ILE C 35 16.41 2.42 14.53
N ARG C 36 17.37 1.57 14.19
CA ARG C 36 18.78 1.90 14.32
C ARG C 36 19.55 1.17 13.23
N GLU C 37 20.76 1.65 12.97
CA GLU C 37 21.60 1.20 11.88
C GLU C 37 20.89 1.17 10.52
N PRO C 38 20.37 2.29 10.03
CA PRO C 38 19.77 2.28 8.70
C PRO C 38 20.84 2.32 7.62
N PHE C 39 20.46 1.86 6.43
CA PHE C 39 21.31 2.01 5.26
C PHE C 39 20.44 1.95 4.02
N ILE C 40 21.02 2.37 2.90
CA ILE C 40 20.30 2.50 1.64
C ILE C 40 20.98 1.63 0.61
N SER C 41 20.18 0.88 -0.14
CA SER C 41 20.66 0.10 -1.26
C SER C 41 19.70 0.28 -2.42
N CYS C 42 20.23 0.29 -3.63
CA CYS C 42 19.43 0.60 -4.82
C CYS C 42 19.30 -0.63 -5.71
N SER C 43 18.09 -0.87 -6.17
CA SER C 43 17.83 -1.81 -7.24
C SER C 43 18.01 -1.10 -8.58
N PRO C 44 17.97 -1.82 -9.70
CA PRO C 44 17.88 -1.12 -11.00
C PRO C 44 16.62 -0.29 -11.18
N LEU C 45 15.59 -0.50 -10.36
CA LEU C 45 14.36 0.28 -10.43
C LEU C 45 14.24 1.35 -9.36
N GLU C 46 14.60 1.05 -8.11
CA GLU C 46 14.39 2.00 -7.03
C GLU C 46 15.41 1.77 -5.92
N CYS C 47 15.59 2.80 -5.09
CA CYS C 47 16.45 2.72 -3.92
C CYS C 47 15.58 2.52 -2.68
N ARG C 48 16.07 1.71 -1.75
CA ARG C 48 15.30 1.34 -0.57
C ARG C 48 16.13 1.62 0.68
N THR C 49 15.46 2.12 1.72
CA THR C 49 16.10 2.30 3.02
C THR C 49 15.87 1.05 3.85
N PHE C 50 16.95 0.37 4.19
CA PHE C 50 16.94 -0.79 5.07
C PHE C 50 17.23 -0.36 6.49
N PHE C 51 16.65 -1.06 7.45
CA PHE C 51 16.79 -0.65 8.84
C PHE C 51 16.51 -1.83 9.76
N LEU C 52 17.05 -1.75 10.97
CA LEU C 52 16.82 -2.74 12.02
C LEU C 52 15.85 -2.18 13.04
N THR C 53 14.82 -2.96 13.36
CA THR C 53 13.82 -2.56 14.34
C THR C 53 13.87 -3.49 15.54
N GLN C 54 13.67 -2.92 16.72
CA GLN C 54 13.50 -3.70 17.93
C GLN C 54 12.10 -4.29 18.06
N GLY C 55 11.28 -4.17 17.02
CA GLY C 55 9.88 -4.53 17.11
C GLY C 55 9.12 -3.59 18.03
N ALA C 56 9.36 -2.29 17.91
CA ALA C 56 8.73 -1.33 18.79
C ALA C 56 8.48 -0.03 18.02
N LEU C 57 7.55 0.76 18.55
CA LEU C 57 7.14 2.02 17.94
C LEU C 57 7.61 3.19 18.79
N LEU C 58 7.74 4.35 18.14
CA LEU C 58 8.04 5.58 18.87
C LEU C 58 6.88 5.95 19.79
N ASN C 59 7.23 6.46 20.97
CA ASN C 59 6.28 6.75 22.06
C ASN C 59 5.50 5.49 22.45
N ASP C 60 6.22 4.44 22.79
CA ASP C 60 5.62 3.17 23.19
C ASP C 60 6.51 2.51 24.22
N LYS C 61 5.89 1.77 25.14
CA LYS C 61 6.61 1.20 26.28
C LYS C 61 7.59 0.10 25.87
N HIS C 62 7.43 -0.49 24.70
CA HIS C 62 8.40 -1.46 24.20
C HIS C 62 9.67 -0.79 23.72
N SER C 63 9.66 0.52 23.54
CA SER C 63 10.83 1.27 23.09
C SER C 63 11.49 1.99 24.27
N ASP C 69 20.89 -4.76 23.04
CA ASP C 69 21.38 -4.45 21.69
C ASP C 69 21.06 -5.58 20.72
N ARG C 70 21.58 -6.77 21.00
CA ARG C 70 21.44 -7.92 20.10
C ARG C 70 20.33 -8.82 20.64
N SER C 71 19.10 -8.43 20.36
CA SER C 71 17.93 -9.13 20.88
C SER C 71 17.35 -10.06 19.83
N PRO C 72 16.62 -11.11 20.26
CA PRO C 72 15.94 -11.97 19.28
C PRO C 72 14.83 -11.28 18.51
N TYR C 73 14.29 -10.19 19.03
CA TYR C 73 13.19 -9.50 18.36
C TYR C 73 13.66 -8.58 17.26
N ARG C 74 14.96 -8.41 17.06
CA ARG C 74 15.43 -7.52 16.01
C ARG C 74 15.23 -8.16 14.64
N THR C 75 14.68 -7.36 13.74
CA THR C 75 14.44 -7.77 12.36
C THR C 75 14.97 -6.70 11.43
N LEU C 76 15.32 -7.11 10.22
CA LEU C 76 15.68 -6.19 9.15
C LEU C 76 14.45 -5.94 8.28
N MET C 77 14.15 -4.67 8.04
CA MET C 77 12.99 -4.26 7.27
C MET C 77 13.40 -3.20 6.28
N SER C 78 12.58 -3.01 5.24
CA SER C 78 12.90 -2.03 4.22
C SER C 78 11.66 -1.24 3.84
N VAL C 79 11.88 0.02 3.47
CA VAL C 79 10.87 0.91 2.90
C VAL C 79 11.47 1.58 1.68
N PRO C 80 10.64 2.12 0.79
CA PRO C 80 11.19 3.00 -0.26
C PRO C 80 11.89 4.20 0.37
N ILE C 81 12.92 4.69 -0.34
CA ILE C 81 13.80 5.72 0.20
C ILE C 81 13.02 7.01 0.48
N GLY C 82 13.27 7.60 1.65
CA GLY C 82 12.60 8.82 2.06
C GLY C 82 11.29 8.63 2.79
N SER C 83 10.69 7.44 2.74
CA SER C 83 9.44 7.20 3.43
C SER C 83 9.70 6.80 4.88
N VAL C 84 8.71 7.02 5.73
CA VAL C 84 8.88 6.76 7.16
C VAL C 84 8.90 5.26 7.41
N PRO C 85 9.75 4.77 8.31
CA PRO C 85 9.68 3.35 8.66
C PRO C 85 8.50 3.08 9.56
N SER C 86 7.44 2.51 9.00
CA SER C 86 6.21 2.29 9.72
C SER C 86 5.77 0.84 9.54
N PRO C 87 5.02 0.29 10.50
CA PRO C 87 4.49 -1.07 10.32
C PRO C 87 3.55 -1.23 9.13
N TYR C 88 2.96 -0.14 8.63
CA TYR C 88 1.98 -0.22 7.56
C TYR C 88 2.57 -0.07 6.16
N ASN C 89 3.87 0.21 6.04
CA ASN C 89 4.49 0.33 4.72
C ASN C 89 5.81 -0.43 4.58
N ALA C 90 6.32 -1.02 5.66
CA ALA C 90 7.63 -1.65 5.63
C ALA C 90 7.53 -3.11 5.18
N ARG C 91 8.46 -3.50 4.31
CA ARG C 91 8.59 -4.88 3.89
C ARG C 91 9.57 -5.60 4.82
N PHE C 92 9.15 -6.77 5.31
CA PHE C 92 10.05 -7.60 6.09
C PHE C 92 11.16 -8.17 5.21
N GLU C 93 12.38 -8.20 5.75
CA GLU C 93 13.51 -8.80 5.04
C GLU C 93 14.05 -10.03 5.75
N SER C 94 14.48 -9.90 7.01
CA SER C 94 15.10 -11.01 7.73
C SER C 94 15.09 -10.70 9.21
N ILE C 95 15.37 -11.74 9.99
CA ILE C 95 15.63 -11.58 11.42
C ILE C 95 17.12 -11.33 11.59
N ALA C 96 17.47 -10.19 12.19
CA ALA C 96 18.85 -9.77 12.23
C ALA C 96 19.06 -8.70 13.29
N TRP C 97 20.14 -8.83 14.05
CA TRP C 97 20.69 -7.70 14.79
C TRP C 97 21.96 -7.15 14.15
N SER C 98 22.40 -7.73 13.04
CA SER C 98 23.44 -7.19 12.19
C SER C 98 23.14 -7.65 10.77
N ALA C 99 23.21 -6.73 9.81
CA ALA C 99 22.66 -7.05 8.50
C ALA C 99 23.42 -6.35 7.39
N SER C 100 23.23 -6.88 6.18
CA SER C 100 23.66 -6.23 4.95
C SER C 100 22.71 -6.64 3.85
N ALA C 101 22.54 -5.77 2.85
CA ALA C 101 21.61 -6.05 1.77
C ALA C 101 22.09 -5.38 0.49
N CYS C 102 21.92 -6.09 -0.63
CA CYS C 102 22.30 -5.55 -1.92
C CYS C 102 21.48 -6.22 -3.00
N HIS C 103 21.46 -5.60 -4.18
CA HIS C 103 20.74 -6.11 -5.33
C HIS C 103 21.73 -6.33 -6.47
N ASP C 104 21.79 -7.56 -6.99
CA ASP C 104 22.75 -7.88 -8.04
C ASP C 104 22.24 -7.54 -9.43
N GLY C 105 21.05 -6.94 -9.54
CA GLY C 105 20.42 -6.64 -10.80
C GLY C 105 19.24 -7.52 -11.12
N ILE C 106 19.12 -8.67 -10.48
CA ILE C 106 17.99 -9.58 -10.66
C ILE C 106 17.12 -9.64 -9.41
N ASN C 107 17.71 -9.91 -8.25
CA ASN C 107 16.97 -10.06 -7.02
C ASN C 107 17.76 -9.44 -5.88
N TRP C 108 17.05 -9.12 -4.80
CA TRP C 108 17.68 -8.66 -3.58
C TRP C 108 18.43 -9.80 -2.90
N LEU C 109 19.62 -9.51 -2.39
CA LEU C 109 20.32 -10.40 -1.47
C LEU C 109 20.32 -9.75 -0.10
N THR C 110 19.83 -10.47 0.90
CA THR C 110 19.77 -9.99 2.26
C THR C 110 20.56 -10.93 3.15
N ILE C 111 21.49 -10.38 3.93
CA ILE C 111 22.29 -11.14 4.89
C ILE C 111 21.85 -10.72 6.28
N GLY C 112 21.42 -11.69 7.09
CA GLY C 112 20.94 -11.40 8.42
C GLY C 112 21.60 -12.26 9.48
N ILE C 113 22.16 -11.63 10.50
CA ILE C 113 22.86 -12.33 11.57
C ILE C 113 21.99 -12.33 12.81
N THR C 114 21.74 -13.52 13.35
CA THR C 114 20.96 -13.66 14.57
C THR C 114 21.51 -14.86 15.34
N GLY C 115 21.04 -15.02 16.57
CA GLY C 115 21.56 -16.05 17.44
C GLY C 115 22.29 -15.46 18.63
N PRO C 116 22.80 -16.32 19.51
CA PRO C 116 23.56 -15.83 20.67
C PRO C 116 24.91 -15.29 20.25
N ASP C 117 25.54 -14.57 21.19
CA ASP C 117 26.80 -13.90 20.90
C ASP C 117 27.94 -14.89 20.65
N ASN C 118 27.87 -16.08 21.25
CA ASN C 118 28.88 -17.11 21.01
C ASN C 118 28.43 -18.14 19.98
N GLY C 119 27.26 -17.98 19.38
CA GLY C 119 26.76 -18.93 18.40
C GLY C 119 26.02 -18.32 17.25
N ALA C 120 26.34 -17.08 16.89
CA ALA C 120 25.59 -16.36 15.86
C ALA C 120 25.84 -16.98 14.48
N VAL C 121 24.80 -16.94 13.65
CA VAL C 121 24.85 -17.43 12.28
C VAL C 121 24.32 -16.36 11.36
N ALA C 122 25.03 -16.13 10.25
CA ALA C 122 24.57 -15.24 9.20
C ALA C 122 23.61 -16.00 8.29
N ILE C 123 22.41 -15.47 8.10
CA ILE C 123 21.41 -16.08 7.25
C ILE C 123 21.37 -15.30 5.94
N LEU C 124 21.66 -15.98 4.84
CA LEU C 124 21.64 -15.36 3.52
C LEU C 124 20.31 -15.65 2.84
N LYS C 125 19.65 -14.61 2.35
CA LYS C 125 18.36 -14.72 1.70
C LYS C 125 18.46 -14.11 0.31
N TYR C 126 18.11 -14.89 -0.70
CA TYR C 126 18.06 -14.42 -2.09
C TYR C 126 16.62 -14.52 -2.56
N ASN C 127 16.04 -13.37 -2.94
CA ASN C 127 14.62 -13.25 -3.31
C ASN C 127 13.72 -13.76 -2.19
N GLY C 128 14.08 -13.44 -0.95
CA GLY C 128 13.32 -13.88 0.20
C GLY C 128 13.44 -15.35 0.53
N ILE C 129 14.32 -16.08 -0.15
CA ILE C 129 14.48 -17.51 0.02
C ILE C 129 15.82 -17.74 0.70
N ILE C 130 15.81 -18.53 1.77
CA ILE C 130 17.05 -18.85 2.48
C ILE C 130 17.89 -19.76 1.58
N THR C 131 19.10 -19.30 1.26
CA THR C 131 19.96 -19.98 0.30
C THR C 131 21.26 -20.51 0.88
N ASP C 132 21.80 -19.87 1.92
CA ASP C 132 23.03 -20.31 2.55
C ASP C 132 23.09 -19.73 3.95
N THR C 133 23.84 -20.40 4.82
CA THR C 133 24.15 -19.89 6.14
C THR C 133 25.63 -20.13 6.44
N ILE C 134 26.21 -19.26 7.26
CA ILE C 134 27.53 -19.48 7.83
C ILE C 134 27.50 -19.13 9.31
N LYS C 135 28.00 -20.04 10.14
CA LYS C 135 28.01 -19.82 11.58
C LYS C 135 29.26 -19.04 11.99
N SER C 136 29.23 -18.52 13.20
CA SER C 136 30.38 -17.83 13.77
C SER C 136 31.55 -18.79 13.94
N TRP C 137 32.73 -18.36 13.48
CA TRP C 137 33.91 -19.21 13.55
C TRP C 137 34.86 -18.87 14.69
N ARG C 138 34.73 -17.68 15.29
CA ARG C 138 35.47 -17.34 16.49
C ARG C 138 34.59 -17.31 17.74
N ASN C 139 33.27 -17.44 17.57
CA ASN C 139 32.29 -17.48 18.67
C ASN C 139 32.32 -16.22 19.53
N ASN C 140 32.63 -15.07 18.91
CA ASN C 140 32.59 -13.79 19.63
C ASN C 140 31.93 -12.75 18.71
N ILE C 141 30.58 -12.73 18.74
CA ILE C 141 29.74 -11.77 18.03
C ILE C 141 30.09 -11.65 16.56
N LEU C 142 29.62 -12.59 15.75
CA LEU C 142 29.72 -12.45 14.30
C LEU C 142 28.90 -11.25 13.85
N ARG C 143 29.50 -10.39 13.02
CA ARG C 143 28.88 -9.14 12.63
C ARG C 143 29.32 -8.77 11.21
N THR C 144 28.56 -7.86 10.61
CA THR C 144 28.75 -7.53 9.19
C THR C 144 28.63 -6.02 9.02
N GLN C 145 28.43 -5.59 7.76
CA GLN C 145 28.70 -4.22 7.35
C GLN C 145 27.79 -3.20 8.02
N GLU C 146 26.51 -3.53 8.21
CA GLU C 146 25.43 -2.56 8.46
C GLU C 146 25.34 -1.51 7.36
N SER C 147 25.67 -1.91 6.13
CA SER C 147 25.48 -1.10 4.93
C SER C 147 25.41 -2.06 3.75
N GLU C 148 25.24 -1.49 2.55
CA GLU C 148 24.97 -2.34 1.40
C GLU C 148 26.22 -3.11 0.99
N CYS C 149 26.01 -4.36 0.58
CA CYS C 149 27.10 -5.10 -0.03
C CYS C 149 27.33 -4.59 -1.46
N ALA C 150 28.49 -4.93 -2.01
CA ALA C 150 28.88 -4.48 -3.33
C ALA C 150 28.78 -5.64 -4.31
N CYS C 151 28.14 -5.41 -5.45
CA CYS C 151 27.91 -6.45 -6.43
C CYS C 151 28.61 -6.11 -7.74
N VAL C 152 29.35 -7.07 -8.28
CA VAL C 152 30.01 -6.94 -9.57
C VAL C 152 29.73 -8.22 -10.36
N ASN C 153 29.14 -8.06 -11.55
CA ASN C 153 28.97 -9.14 -12.54
C ASN C 153 28.18 -10.32 -11.97
N GLY C 154 27.05 -10.02 -11.33
CA GLY C 154 26.21 -11.05 -10.77
C GLY C 154 26.72 -11.69 -9.50
N SER C 155 27.77 -11.13 -8.91
CA SER C 155 28.35 -11.66 -7.67
C SER C 155 28.47 -10.52 -6.68
N CYS C 156 28.00 -10.74 -5.45
CA CYS C 156 27.99 -9.72 -4.42
C CYS C 156 29.00 -10.07 -3.33
N PHE C 157 29.60 -9.05 -2.74
CA PHE C 157 30.73 -9.20 -1.83
C PHE C 157 30.45 -8.52 -0.51
N THR C 158 30.90 -9.15 0.58
CA THR C 158 30.68 -8.61 1.91
C THR C 158 31.87 -8.96 2.79
N VAL C 159 32.02 -8.20 3.87
CA VAL C 159 33.07 -8.40 4.86
C VAL C 159 32.42 -8.60 6.22
N MET C 160 32.79 -9.68 6.91
CA MET C 160 32.29 -9.96 8.24
C MET C 160 33.43 -10.11 9.23
N THR C 161 33.15 -9.73 10.47
CA THR C 161 34.14 -9.73 11.55
C THR C 161 33.67 -10.67 12.66
N ASP C 162 34.58 -11.50 13.14
CA ASP C 162 34.34 -12.36 14.29
C ASP C 162 35.48 -12.18 15.28
N GLY C 163 35.15 -11.90 16.53
CA GLY C 163 36.16 -11.66 17.54
C GLY C 163 35.85 -10.45 18.40
N PRO C 164 36.82 -10.05 19.22
CA PRO C 164 36.59 -8.92 20.14
C PRO C 164 36.52 -7.59 19.40
N SER C 165 35.82 -6.64 20.02
CA SER C 165 35.68 -5.29 19.50
C SER C 165 36.68 -4.31 20.13
N ASN C 166 37.62 -4.82 20.95
CA ASN C 166 38.64 -3.97 21.54
C ASN C 166 40.04 -4.57 21.42
N GLY C 167 40.21 -5.56 20.57
CA GLY C 167 41.51 -6.16 20.35
C GLY C 167 41.56 -6.77 18.96
N GLN C 168 42.52 -7.68 18.77
CA GLN C 168 42.66 -8.32 17.47
C GLN C 168 41.52 -9.30 17.23
N ALA C 169 40.90 -9.20 16.06
CA ALA C 169 39.78 -10.05 15.67
C ALA C 169 40.12 -10.78 14.38
N SER C 170 39.12 -11.47 13.83
CA SER C 170 39.25 -12.18 12.57
C SER C 170 38.27 -11.61 11.56
N TYR C 171 38.75 -11.41 10.32
CA TYR C 171 37.99 -10.74 9.28
C TYR C 171 37.97 -11.62 8.02
N LYS C 172 36.80 -11.78 7.43
CA LYS C 172 36.64 -12.65 6.27
C LYS C 172 35.94 -11.90 5.15
N ILE C 173 36.36 -12.19 3.92
CA ILE C 173 35.73 -11.67 2.71
C ILE C 173 34.90 -12.79 2.09
N PHE C 174 33.74 -12.44 1.55
CA PHE C 174 32.85 -13.43 0.97
C PHE C 174 32.47 -13.05 -0.45
N ARG C 175 32.37 -14.07 -1.30
CA ARG C 175 31.81 -13.94 -2.63
C ARG C 175 30.49 -14.67 -2.66
N ILE C 176 29.41 -13.97 -3.01
CA ILE C 176 28.06 -14.52 -2.93
C ILE C 176 27.41 -14.38 -4.29
N GLU C 177 27.05 -15.51 -4.89
CA GLU C 177 26.36 -15.55 -6.18
C GLU C 177 25.00 -16.22 -5.99
N LYS C 178 23.93 -15.47 -6.29
CA LYS C 178 22.54 -15.92 -6.12
C LYS C 178 22.26 -16.38 -4.69
N GLY C 179 22.83 -15.68 -3.72
CA GLY C 179 22.63 -16.02 -2.33
C GLY C 179 23.47 -17.15 -1.81
N LYS C 180 24.33 -17.75 -2.64
CA LYS C 180 25.18 -18.86 -2.25
C LYS C 180 26.61 -18.39 -2.11
N ILE C 181 27.23 -18.71 -0.98
CA ILE C 181 28.64 -18.40 -0.78
C ILE C 181 29.47 -19.35 -1.62
N VAL C 182 30.30 -18.81 -2.50
CA VAL C 182 31.11 -19.62 -3.40
C VAL C 182 32.60 -19.53 -3.09
N LYS C 183 33.04 -18.51 -2.35
CA LYS C 183 34.45 -18.39 -1.98
C LYS C 183 34.55 -17.52 -0.73
N SER C 184 35.42 -17.92 0.19
CA SER C 184 35.70 -17.16 1.39
C SER C 184 37.20 -17.11 1.61
N VAL C 185 37.70 -15.95 2.05
CA VAL C 185 39.10 -15.76 2.36
C VAL C 185 39.20 -15.04 3.70
N GLU C 186 39.99 -15.59 4.62
CA GLU C 186 40.28 -14.88 5.87
C GLU C 186 41.41 -13.88 5.64
N MET C 187 41.18 -12.64 6.05
CA MET C 187 42.17 -11.59 5.86
C MET C 187 43.31 -11.75 6.84
N ASN C 188 44.54 -11.85 6.34
CA ASN C 188 45.74 -11.83 7.17
C ASN C 188 46.08 -10.38 7.45
N ALA C 189 45.55 -9.86 8.54
CA ALA C 189 45.74 -8.45 8.92
C ALA C 189 46.10 -8.36 10.40
N PRO C 190 47.35 -8.67 10.76
CA PRO C 190 47.78 -8.46 12.14
C PRO C 190 47.85 -6.97 12.46
N ASN C 191 47.51 -6.63 13.71
CA ASN C 191 47.46 -5.27 14.22
C ASN C 191 46.48 -4.37 13.45
N TYR C 192 45.50 -4.96 12.77
CA TYR C 192 44.44 -4.23 12.11
C TYR C 192 43.10 -4.55 12.77
N HIS C 193 42.17 -3.63 12.65
CA HIS C 193 40.82 -3.86 13.14
C HIS C 193 39.81 -3.39 12.11
N TYR C 194 38.92 -4.29 11.69
CA TYR C 194 37.91 -4.00 10.69
C TYR C 194 36.54 -4.24 11.30
N GLU C 195 35.73 -3.18 11.37
CA GLU C 195 34.35 -3.27 11.82
C GLU C 195 33.48 -2.43 10.89
N GLU C 196 32.32 -2.98 10.52
CA GLU C 196 31.23 -2.24 9.87
C GLU C 196 31.68 -1.57 8.57
N CYS C 197 32.22 -2.38 7.66
CA CYS C 197 32.83 -1.87 6.44
C CYS C 197 31.79 -1.26 5.51
N SER C 198 32.16 -0.17 4.86
CA SER C 198 31.35 0.43 3.80
C SER C 198 32.02 0.10 2.47
N CYS C 199 31.40 -0.78 1.69
CA CYS C 199 31.98 -1.31 0.47
C CYS C 199 31.28 -0.75 -0.74
N TYR C 200 32.04 -0.48 -1.80
CA TYR C 200 31.47 -0.05 -3.07
C TYR C 200 32.22 -0.70 -4.22
N PRO C 201 31.56 -0.94 -5.35
CA PRO C 201 32.26 -1.45 -6.53
C PRO C 201 32.92 -0.33 -7.31
N ASP C 202 34.06 -0.66 -7.90
CA ASP C 202 34.84 0.32 -8.66
C ASP C 202 35.74 -0.43 -9.64
N SER C 203 35.38 -0.37 -10.94
CA SER C 203 36.15 -0.97 -12.03
C SER C 203 36.40 -2.46 -11.80
N SER C 204 35.29 -3.19 -11.63
CA SER C 204 35.26 -4.63 -11.35
C SER C 204 35.99 -5.01 -10.07
N GLU C 205 36.23 -4.04 -9.18
CA GLU C 205 36.93 -4.28 -7.92
C GLU C 205 36.10 -3.68 -6.79
N ILE C 206 36.28 -4.21 -5.59
CA ILE C 206 35.54 -3.78 -4.41
C ILE C 206 36.50 -3.05 -3.48
N THR C 207 36.10 -1.87 -3.03
CA THR C 207 36.86 -1.12 -2.04
C THR C 207 35.99 -0.90 -0.81
N CYS C 208 36.49 -1.29 0.35
CA CYS C 208 35.78 -1.18 1.60
C CYS C 208 36.56 -0.30 2.57
N VAL C 209 35.88 0.65 3.20
CA VAL C 209 36.45 1.50 4.24
C VAL C 209 35.70 1.21 5.53
N CYS C 210 36.44 0.87 6.58
CA CYS C 210 35.82 0.32 7.78
C CYS C 210 36.19 1.11 9.03
N ARG C 211 35.84 0.56 10.20
CA ARG C 211 36.00 1.25 11.48
C ARG C 211 36.99 0.46 12.32
N ASP C 212 38.02 1.14 12.80
CA ASP C 212 38.99 0.55 13.73
C ASP C 212 38.50 0.90 15.13
N ASN C 213 37.87 -0.07 15.78
CA ASN C 213 37.42 0.11 17.16
C ASN C 213 38.54 -0.11 18.17
N TRP C 214 39.66 -0.71 17.75
CA TRP C 214 40.71 -1.13 18.68
C TRP C 214 41.69 0.01 19.00
N HIS C 215 42.50 0.41 18.02
CA HIS C 215 43.52 1.43 18.26
C HIS C 215 43.70 2.35 17.05
N GLY C 216 42.63 2.69 16.37
CA GLY C 216 42.79 3.50 15.17
C GLY C 216 41.83 4.66 15.04
N SER C 217 42.38 5.87 14.98
CA SER C 217 41.58 7.06 14.71
C SER C 217 41.50 7.39 13.22
N ASN C 218 42.30 6.70 12.39
CA ASN C 218 42.12 6.72 10.96
C ASN C 218 41.40 5.45 10.52
N ARG C 219 40.90 5.48 9.30
CA ARG C 219 40.06 4.36 8.88
C ARG C 219 40.87 3.33 8.11
N PRO C 220 40.79 2.06 8.50
CA PRO C 220 41.41 1.01 7.68
C PRO C 220 40.61 0.75 6.42
N TRP C 221 41.30 0.21 5.43
CA TRP C 221 40.64 -0.15 4.18
C TRP C 221 41.12 -1.52 3.72
N VAL C 222 40.27 -2.17 2.95
CA VAL C 222 40.60 -3.42 2.26
C VAL C 222 40.02 -3.35 0.86
N SER C 223 40.80 -3.73 -0.13
CA SER C 223 40.38 -3.72 -1.52
C SER C 223 40.72 -5.06 -2.16
N PHE C 224 39.76 -5.63 -2.89
CA PHE C 224 39.94 -6.97 -3.44
C PHE C 224 39.23 -7.07 -4.78
N ASN C 225 39.66 -8.03 -5.59
CA ASN C 225 39.03 -8.32 -6.88
C ASN C 225 38.00 -9.44 -6.70
N GLN C 226 37.47 -9.94 -7.82
CA GLN C 226 36.45 -10.99 -7.74
C GLN C 226 37.01 -12.33 -7.28
N ASN C 227 38.32 -12.52 -7.30
CA ASN C 227 38.96 -13.72 -6.77
C ASN C 227 39.36 -13.57 -5.31
N LEU C 228 38.94 -12.48 -4.66
CA LEU C 228 39.25 -12.15 -3.26
C LEU C 228 40.74 -11.99 -3.01
N GLU C 229 41.52 -11.70 -4.04
CA GLU C 229 42.91 -11.29 -3.83
C GLU C 229 42.91 -9.86 -3.32
N TYR C 230 43.37 -9.67 -2.09
CA TYR C 230 43.12 -8.44 -1.36
C TYR C 230 44.41 -7.71 -1.01
N GLN C 231 44.27 -6.39 -0.85
CA GLN C 231 45.29 -5.54 -0.27
C GLN C 231 44.66 -4.75 0.87
N ILE C 232 45.47 -4.45 1.89
CA ILE C 232 44.98 -3.82 3.10
C ILE C 232 45.84 -2.62 3.46
N GLY C 233 45.28 -1.74 4.27
CA GLY C 233 46.00 -0.56 4.72
C GLY C 233 45.07 0.39 5.44
N TYR C 234 45.65 1.51 5.86
CA TYR C 234 44.91 2.59 6.49
C TYR C 234 44.97 3.84 5.61
N ILE C 235 43.93 4.65 5.71
CA ILE C 235 43.90 5.92 4.99
C ILE C 235 44.94 6.84 5.61
N CYS C 236 45.94 7.23 4.82
CA CYS C 236 47.10 7.92 5.35
C CYS C 236 46.85 9.40 5.61
N SER C 237 45.68 9.91 5.27
CA SER C 237 45.38 11.34 5.41
C SER C 237 45.48 11.80 6.87
N GLY C 238 46.02 13.00 7.05
CA GLY C 238 45.98 13.62 8.36
C GLY C 238 44.62 14.13 8.77
N ILE C 239 43.68 14.18 7.81
CA ILE C 239 42.26 14.37 8.11
C ILE C 239 41.73 13.03 8.58
N PHE C 240 41.69 12.83 9.90
CA PHE C 240 41.27 11.55 10.45
C PHE C 240 39.76 11.40 10.32
N GLY C 241 39.32 10.19 9.97
CA GLY C 241 37.94 9.97 9.64
C GLY C 241 37.06 9.37 10.73
N ASP C 242 37.65 8.93 11.82
CA ASP C 242 36.88 8.24 12.85
C ASP C 242 36.38 9.22 13.90
N ASN C 243 35.54 8.72 14.81
CA ASN C 243 35.01 9.47 15.93
C ASN C 243 34.88 8.54 17.13
N PRO C 244 35.65 8.73 18.21
CA PRO C 244 36.55 9.85 18.53
C PRO C 244 37.87 9.88 17.75
N ARG C 245 38.48 11.06 17.71
CA ARG C 245 39.70 11.30 16.96
C ARG C 245 40.40 12.50 17.57
N PRO C 246 41.70 12.65 17.37
CA PRO C 246 42.38 13.88 17.77
C PRO C 246 42.21 14.96 16.70
N ASN C 247 42.78 16.12 16.95
CA ASN C 247 42.76 17.19 15.97
C ASN C 247 43.64 16.83 14.78
N ASP C 248 43.39 17.51 13.66
CA ASP C 248 44.07 17.22 12.40
C ASP C 248 45.55 17.55 12.52
N LYS C 249 46.38 16.53 12.35
CA LYS C 249 47.84 16.66 12.43
C LYS C 249 48.41 15.79 11.33
N THR C 250 49.70 15.47 11.42
CA THR C 250 50.32 14.56 10.46
C THR C 250 49.78 13.15 10.66
N GLY C 251 49.20 12.59 9.61
CA GLY C 251 48.60 11.27 9.66
C GLY C 251 49.60 10.15 9.49
N SER C 252 49.09 8.94 9.37
CA SER C 252 49.94 7.75 9.24
C SER C 252 49.24 6.73 8.36
N CYS C 253 50.05 5.91 7.68
CA CYS C 253 49.51 4.81 6.88
C CYS C 253 49.20 3.57 7.70
N GLY C 254 49.51 3.59 9.00
CA GLY C 254 49.06 2.57 9.92
C GLY C 254 48.02 3.12 10.86
N PRO C 255 47.60 2.32 11.84
CA PRO C 255 46.61 2.81 12.81
C PRO C 255 47.20 3.88 13.71
N VAL C 256 46.45 4.98 13.87
CA VAL C 256 46.87 6.11 14.71
C VAL C 256 46.24 5.90 16.08
N SER C 257 47.08 5.64 17.08
CA SER C 257 46.59 5.20 18.39
C SER C 257 45.94 6.31 19.19
N SER C 258 46.23 7.58 18.87
CA SER C 258 45.67 8.69 19.62
C SER C 258 44.17 8.76 19.42
N ASN C 259 43.42 8.59 20.51
CA ASN C 259 41.95 8.48 20.51
C ASN C 259 41.48 7.35 19.60
N GLY C 260 42.30 6.31 19.44
CA GLY C 260 41.98 5.23 18.53
C GLY C 260 40.98 4.23 19.07
N ALA C 261 40.81 4.17 20.38
CA ALA C 261 39.83 3.28 20.99
C ALA C 261 38.43 3.70 20.59
N ASN C 262 37.55 2.71 20.44
CA ASN C 262 36.18 2.86 19.95
C ASN C 262 36.16 3.47 18.55
N GLY C 263 35.02 3.99 18.13
CA GLY C 263 34.90 4.54 16.80
C GLY C 263 33.46 4.67 16.39
N VAL C 264 33.27 4.88 15.09
CA VAL C 264 31.94 4.98 14.50
C VAL C 264 32.03 4.41 13.08
N LYS C 265 30.90 3.85 12.62
CA LYS C 265 30.84 3.37 11.24
C LYS C 265 30.98 4.54 10.28
N GLY C 266 31.84 4.37 9.27
CA GLY C 266 32.06 5.43 8.30
C GLY C 266 32.39 4.92 6.91
N PHE C 267 32.73 5.84 6.02
CA PHE C 267 32.96 5.52 4.62
C PHE C 267 34.04 6.44 4.08
N SER C 268 34.64 6.04 2.97
CA SER C 268 35.48 6.92 2.18
C SER C 268 35.44 6.44 0.73
N PHE C 269 35.57 7.39 -0.19
CA PHE C 269 35.60 7.11 -1.62
C PHE C 269 37.01 7.41 -2.14
N LYS C 270 37.65 6.40 -2.71
CA LYS C 270 39.01 6.53 -3.22
C LYS C 270 38.98 6.98 -4.67
N TYR C 271 39.76 8.01 -4.99
CA TYR C 271 39.87 8.54 -6.34
C TYR C 271 41.35 8.64 -6.68
N GLY C 272 41.91 7.54 -7.17
CA GLY C 272 43.35 7.47 -7.37
C GLY C 272 44.07 7.58 -6.04
N ASN C 273 44.97 8.55 -5.93
CA ASN C 273 45.59 8.86 -4.66
C ASN C 273 44.75 9.81 -3.81
N GLY C 274 43.67 10.36 -4.35
CA GLY C 274 42.78 11.21 -3.58
C GLY C 274 41.72 10.41 -2.84
N VAL C 275 41.02 11.09 -1.94
CA VAL C 275 39.95 10.46 -1.16
C VAL C 275 38.91 11.51 -0.79
N TRP C 276 37.64 11.12 -0.94
CA TRP C 276 36.53 11.85 -0.34
C TRP C 276 36.26 11.24 1.03
N ILE C 277 36.35 12.05 2.08
CA ILE C 277 36.23 11.59 3.46
C ILE C 277 34.95 12.15 4.07
N GLY C 278 34.14 11.25 4.63
CA GLY C 278 32.98 11.64 5.42
C GLY C 278 33.25 11.41 6.89
N ARG C 279 33.01 12.43 7.70
CA ARG C 279 33.33 12.33 9.11
C ARG C 279 32.44 13.28 9.91
N THR C 280 32.39 13.03 11.22
CA THR C 280 31.72 13.93 12.13
C THR C 280 32.50 15.24 12.26
N LYS C 281 31.78 16.32 12.57
CA LYS C 281 32.44 17.59 12.83
C LYS C 281 33.13 17.61 14.19
N SER C 282 32.47 17.06 15.20
CA SER C 282 33.07 16.96 16.54
C SER C 282 34.09 15.84 16.57
N ILE C 283 35.20 16.07 17.30
CA ILE C 283 36.26 15.07 17.40
C ILE C 283 36.07 14.12 18.57
N SER C 284 35.07 14.36 19.42
CA SER C 284 34.83 13.53 20.59
C SER C 284 33.44 12.90 20.65
N SER C 285 32.48 13.42 19.89
CA SER C 285 31.12 12.89 19.92
C SER C 285 30.58 12.84 18.50
N ARG C 286 29.42 12.17 18.36
CA ARG C 286 28.79 12.01 17.04
C ARG C 286 27.87 13.18 16.77
N ASN C 287 28.49 14.34 16.57
CA ASN C 287 27.78 15.59 16.31
C ASN C 287 28.29 16.20 15.02
N GLY C 288 27.37 16.54 14.13
CA GLY C 288 27.72 17.16 12.86
C GLY C 288 28.29 16.17 11.87
N PHE C 289 28.37 16.62 10.62
CA PHE C 289 28.95 15.81 9.56
C PHE C 289 29.49 16.73 8.48
N GLU C 290 30.54 16.26 7.79
CA GLU C 290 31.15 17.05 6.74
C GLU C 290 31.76 16.12 5.68
N MET C 291 31.81 16.62 4.45
CA MET C 291 32.41 15.92 3.33
C MET C 291 33.69 16.65 2.96
N ILE C 292 34.83 15.95 3.06
CA ILE C 292 36.14 16.55 2.84
C ILE C 292 36.82 15.84 1.67
N TRP C 293 37.31 16.62 0.72
CA TRP C 293 38.05 16.10 -0.42
C TRP C 293 39.54 16.34 -0.18
N ASP C 294 40.31 15.26 -0.12
CA ASP C 294 41.75 15.33 0.05
C ASP C 294 42.42 14.81 -1.22
N PRO C 295 43.05 15.68 -2.02
CA PRO C 295 43.60 15.24 -3.32
C PRO C 295 44.71 14.21 -3.21
N ASN C 296 45.38 14.09 -2.06
CA ASN C 296 46.41 13.07 -1.87
C ASN C 296 46.22 12.31 -0.56
N GLY C 297 44.99 12.28 -0.03
CA GLY C 297 44.78 11.74 1.30
C GLY C 297 44.88 10.24 1.42
N TRP C 298 44.71 9.51 0.32
CA TRP C 298 44.75 8.05 0.41
C TRP C 298 46.16 7.55 0.70
N THR C 299 47.19 8.27 0.26
CA THR C 299 48.56 7.86 0.46
C THR C 299 49.44 8.90 1.13
N GLY C 300 49.04 10.16 1.17
CA GLY C 300 49.83 11.22 1.76
C GLY C 300 49.44 11.48 3.20
N THR C 301 50.44 11.83 4.02
CA THR C 301 50.26 11.97 5.46
C THR C 301 50.02 13.40 5.91
N ASP C 302 49.93 14.36 5.00
CA ASP C 302 49.67 15.73 5.40
C ASP C 302 48.20 15.90 5.76
N ASN C 303 47.90 17.01 6.45
CA ASN C 303 46.53 17.34 6.84
C ASN C 303 45.93 18.44 5.97
N ASN C 304 46.42 18.58 4.74
CA ASN C 304 45.89 19.57 3.81
C ASN C 304 44.79 18.96 2.95
N PHE C 305 43.73 19.73 2.73
CA PHE C 305 42.62 19.32 1.90
C PHE C 305 42.22 20.49 1.00
N SER C 306 41.28 20.25 0.09
CA SER C 306 40.84 21.24 -0.88
C SER C 306 39.39 21.66 -0.71
N ILE C 307 38.47 20.71 -0.63
CA ILE C 307 37.04 21.00 -0.61
C ILE C 307 36.45 20.47 0.69
N LYS C 308 35.69 21.30 1.38
CA LYS C 308 34.95 20.91 2.57
C LYS C 308 33.49 21.31 2.38
N GLN C 309 32.59 20.35 2.51
CA GLN C 309 31.15 20.60 2.38
C GLN C 309 30.47 20.27 3.70
N ASP C 310 29.69 21.22 4.21
CA ASP C 310 28.91 20.96 5.41
C ASP C 310 27.72 20.08 5.08
N ILE C 311 27.42 19.14 5.98
CA ILE C 311 26.28 18.24 5.84
C ILE C 311 25.34 18.38 7.02
N VAL C 312 25.85 18.20 8.24
CA VAL C 312 25.10 18.36 9.47
C VAL C 312 25.87 19.34 10.35
N GLY C 313 25.16 20.30 10.94
CA GLY C 313 25.81 21.28 11.80
C GLY C 313 26.33 20.65 13.09
N ILE C 314 27.37 21.27 13.64
CA ILE C 314 28.07 20.73 14.81
C ILE C 314 27.23 20.73 16.07
N ASN C 315 26.10 21.45 16.10
CA ASN C 315 25.20 21.45 17.24
C ASN C 315 24.11 20.39 17.12
N GLU C 316 24.14 19.56 16.09
CA GLU C 316 23.09 18.59 15.83
C GLU C 316 23.66 17.18 15.82
N TRP C 317 22.79 16.22 16.13
CA TRP C 317 23.21 14.84 16.35
C TRP C 317 23.38 14.10 15.04
N SER C 318 24.58 13.61 14.78
CA SER C 318 24.89 12.68 13.70
C SER C 318 25.08 11.28 14.29
N GLY C 319 25.61 10.36 13.48
CA GLY C 319 25.83 9.00 13.92
C GLY C 319 26.54 8.16 12.88
N TYR C 320 26.01 6.97 12.62
CA TYR C 320 26.57 6.11 11.59
C TYR C 320 26.46 6.77 10.21
N SER C 321 27.43 6.47 9.36
CA SER C 321 27.38 6.87 7.96
C SER C 321 27.96 5.76 7.12
N GLY C 322 27.41 5.59 5.92
CA GLY C 322 27.87 4.53 5.04
C GLY C 322 27.69 4.91 3.59
N SER C 323 28.42 4.19 2.73
CA SER C 323 28.39 4.45 1.31
C SER C 323 27.35 3.57 0.61
N PHE C 324 26.81 4.10 -0.48
CA PHE C 324 26.04 3.28 -1.42
C PHE C 324 26.21 3.86 -2.80
N VAL C 325 25.92 3.06 -3.81
CA VAL C 325 26.18 3.45 -5.19
C VAL C 325 24.92 3.31 -6.02
N MET C 326 24.89 4.07 -7.12
CA MET C 326 23.88 3.93 -8.15
C MET C 326 24.56 3.50 -9.43
N HIS C 327 24.23 2.31 -9.90
CA HIS C 327 24.87 1.71 -11.06
C HIS C 327 24.35 2.32 -12.36
N PRO C 328 25.11 2.19 -13.46
CA PRO C 328 24.60 2.69 -14.75
C PRO C 328 23.30 2.06 -15.22
N GLU C 329 22.97 0.84 -14.76
CA GLU C 329 21.70 0.24 -15.11
C GLU C 329 20.51 0.99 -14.54
N LEU C 330 20.70 1.75 -13.46
CA LEU C 330 19.65 2.58 -12.87
C LEU C 330 19.72 4.04 -13.33
N THR C 331 20.91 4.58 -13.54
CA THR C 331 21.07 5.98 -13.91
C THR C 331 21.10 6.20 -15.42
N GLY C 332 21.54 5.21 -16.19
CA GLY C 332 21.76 5.40 -17.60
C GLY C 332 23.06 6.10 -17.95
N LEU C 333 23.90 6.39 -16.96
CA LEU C 333 25.15 7.10 -17.18
C LEU C 333 26.24 6.11 -17.60
N ASP C 334 27.46 6.62 -17.75
CA ASP C 334 28.60 5.80 -18.10
C ASP C 334 29.45 5.41 -16.90
N CYS C 335 29.06 5.82 -15.69
CA CYS C 335 29.88 5.61 -14.51
C CYS C 335 29.02 5.15 -13.36
N ILE C 336 29.66 4.88 -12.24
CA ILE C 336 28.99 4.53 -10.99
C ILE C 336 28.97 5.77 -10.11
N VAL C 337 27.78 6.24 -9.78
CA VAL C 337 27.64 7.47 -8.99
C VAL C 337 27.84 7.13 -7.51
N PRO C 338 28.76 7.79 -6.82
CA PRO C 338 28.90 7.56 -5.37
C PRO C 338 27.86 8.34 -4.58
N CYS C 339 27.35 7.69 -3.54
CA CYS C 339 26.33 8.28 -2.68
C CYS C 339 26.60 7.85 -1.23
N PHE C 340 25.97 8.54 -0.30
CA PHE C 340 26.13 8.15 1.11
C PHE C 340 24.91 8.56 1.92
N TRP C 341 24.71 7.84 3.02
CA TRP C 341 23.69 8.14 4.00
C TRP C 341 24.33 8.50 5.32
N VAL C 342 23.62 9.27 6.13
CA VAL C 342 24.01 9.58 7.50
C VAL C 342 22.82 9.28 8.41
N GLU C 343 23.09 8.59 9.52
CA GLU C 343 22.08 8.35 10.54
C GLU C 343 22.16 9.44 11.60
N LEU C 344 21.03 10.06 11.89
CA LEU C 344 20.95 11.09 12.92
C LEU C 344 20.29 10.47 14.15
N ILE C 345 21.11 10.11 15.13
CA ILE C 345 20.63 9.37 16.29
C ILE C 345 19.95 10.31 17.27
N ARG C 346 18.75 9.95 17.70
CA ARG C 346 18.01 10.69 18.72
C ARG C 346 17.69 9.80 19.91
N GLY C 347 17.68 10.40 21.09
CA GLY C 347 17.38 9.68 22.31
C GLY C 347 18.63 9.31 23.09
N TRP C 355 13.64 5.67 24.69
CA TRP C 355 13.99 4.96 23.46
C TRP C 355 15.27 5.50 22.85
N THR C 356 15.73 4.85 21.78
CA THR C 356 16.88 5.33 21.02
C THR C 356 16.62 4.99 19.56
N SER C 357 16.30 6.00 18.76
CA SER C 357 16.00 5.82 17.35
C SER C 357 16.81 6.81 16.53
N GLY C 358 16.73 6.66 15.21
CA GLY C 358 17.45 7.54 14.31
C GLY C 358 16.70 7.74 13.01
N SER C 359 16.86 8.94 12.46
CA SER C 359 16.41 9.24 11.10
C SER C 359 17.61 9.24 10.17
N SER C 360 17.33 9.29 8.87
CA SER C 360 18.38 9.17 7.87
C SER C 360 18.27 10.29 6.85
N ILE C 361 19.42 10.77 6.40
CA ILE C 361 19.53 11.66 5.26
C ILE C 361 20.50 11.04 4.27
N SER C 362 20.29 11.29 2.99
CA SER C 362 21.14 10.70 1.96
C SER C 362 21.55 11.75 0.95
N PHE C 363 22.77 11.59 0.43
CA PHE C 363 23.36 12.52 -0.51
C PHE C 363 23.98 11.72 -1.65
N CYS C 364 24.08 12.34 -2.82
CA CYS C 364 24.71 11.70 -3.96
C CYS C 364 25.71 12.65 -4.59
N GLY C 365 26.77 12.07 -5.15
CA GLY C 365 27.82 12.85 -5.76
C GLY C 365 27.40 13.39 -7.11
N VAL C 366 27.63 14.68 -7.33
CA VAL C 366 27.41 15.32 -8.62
C VAL C 366 28.64 16.14 -8.96
N ASN C 367 28.78 16.46 -10.24
CA ASN C 367 29.82 17.35 -10.71
C ASN C 367 29.29 18.77 -10.94
N SER C 368 28.07 19.04 -10.52
CA SER C 368 27.43 20.34 -10.68
C SER C 368 27.49 21.11 -9.36
N ASP C 369 26.80 22.25 -9.32
CA ASP C 369 26.88 23.17 -8.20
C ASP C 369 26.09 22.65 -7.00
N THR C 370 26.69 22.72 -5.81
CA THR C 370 26.09 22.27 -4.57
C THR C 370 26.23 23.36 -3.52
N VAL C 371 25.67 23.10 -2.34
CA VAL C 371 25.77 24.01 -1.21
C VAL C 371 25.86 23.17 0.05
N GLY C 372 26.65 23.63 1.02
CA GLY C 372 26.65 23.05 2.34
C GLY C 372 25.56 23.67 3.21
N TRP C 373 24.91 22.84 4.01
CA TRP C 373 23.84 23.27 4.89
C TRP C 373 23.76 22.29 6.05
N SER C 374 22.69 22.39 6.83
CA SER C 374 22.41 21.47 7.92
C SER C 374 21.02 20.91 7.73
N TRP C 375 20.93 19.59 7.52
CA TRP C 375 19.65 18.91 7.46
C TRP C 375 19.52 17.98 8.66
N PRO C 376 19.18 18.50 9.84
CA PRO C 376 19.20 17.66 11.04
C PRO C 376 17.91 16.91 11.25
N ASP C 377 17.82 16.15 12.34
CA ASP C 377 16.61 15.39 12.64
C ASP C 377 15.44 16.31 12.93
N GLY C 378 15.62 17.27 13.83
CA GLY C 378 14.62 18.30 14.04
C GLY C 378 13.42 17.90 14.88
N ALA C 379 13.51 16.82 15.65
CA ALA C 379 12.44 16.47 16.56
C ALA C 379 12.69 17.07 17.94
N GLU C 380 11.61 17.48 18.59
CA GLU C 380 11.66 18.10 19.91
C GLU C 380 11.52 17.02 20.97
N LEU C 381 12.57 16.81 21.76
CA LEU C 381 12.57 15.74 22.77
C LEU C 381 12.64 16.33 24.17
N VAL D 1 6.09 6.49 -24.25
CA VAL D 1 6.27 7.46 -25.32
C VAL D 1 6.24 8.88 -24.72
N LYS D 2 7.12 9.74 -25.21
CA LYS D 2 7.14 11.13 -24.76
C LYS D 2 5.86 11.84 -25.18
N LEU D 3 5.37 12.72 -24.31
CA LEU D 3 4.19 13.51 -24.62
C LEU D 3 4.51 14.51 -25.73
N ALA D 4 3.69 14.50 -26.78
CA ALA D 4 3.92 15.40 -27.90
C ALA D 4 3.72 16.86 -27.51
N GLY D 5 2.58 17.17 -26.89
CA GLY D 5 2.28 18.53 -26.50
C GLY D 5 2.08 19.49 -27.64
N ASN D 6 1.69 19.00 -28.82
CA ASN D 6 1.54 19.85 -29.99
C ASN D 6 0.09 20.19 -30.31
N SER D 7 -0.87 19.54 -29.65
CA SER D 7 -2.26 19.92 -29.82
C SER D 7 -2.56 21.16 -28.99
N SER D 8 -3.65 21.83 -29.35
CA SER D 8 -4.07 23.02 -28.63
C SER D 8 -5.03 22.66 -27.51
N LEU D 9 -5.28 23.63 -26.64
CA LEU D 9 -6.36 23.51 -25.66
C LEU D 9 -7.69 23.51 -26.40
N CYS D 10 -8.47 22.44 -26.23
CA CYS D 10 -9.81 22.55 -26.80
C CYS D 10 -10.65 23.46 -25.93
N PRO D 11 -11.52 24.30 -26.53
CA PRO D 11 -12.26 25.28 -25.75
C PRO D 11 -13.25 24.63 -24.80
N VAL D 12 -13.39 25.23 -23.63
CA VAL D 12 -14.27 24.73 -22.59
C VAL D 12 -15.24 25.84 -22.21
N SER D 13 -16.41 25.44 -21.73
CA SER D 13 -17.43 26.38 -21.30
C SER D 13 -17.70 26.33 -19.81
N GLY D 14 -17.07 25.40 -19.10
CA GLY D 14 -17.30 25.25 -17.67
C GLY D 14 -16.25 24.32 -17.10
N TRP D 15 -16.33 24.16 -15.78
CA TRP D 15 -15.33 23.41 -15.04
C TRP D 15 -16.03 22.39 -14.16
N ALA D 16 -15.66 21.12 -14.31
CA ALA D 16 -16.28 20.03 -13.58
C ALA D 16 -15.38 19.56 -12.44
N PRO D 17 -15.95 19.26 -11.28
CA PRO D 17 -15.12 18.83 -10.14
C PRO D 17 -14.42 17.51 -10.42
N LEU D 18 -13.13 17.46 -10.11
CA LEU D 18 -12.32 16.28 -10.35
C LEU D 18 -11.93 15.56 -9.07
N SER D 19 -11.39 16.28 -8.08
CA SER D 19 -10.96 15.62 -6.86
C SER D 19 -11.17 16.54 -5.66
N LYS D 20 -11.31 15.89 -4.50
CA LYS D 20 -11.42 16.57 -3.22
C LYS D 20 -10.83 15.64 -2.17
N ASP D 21 -9.85 16.15 -1.42
CA ASP D 21 -9.07 15.30 -0.53
C ASP D 21 -9.58 15.27 0.91
N ASN D 22 -10.20 16.36 1.38
CA ASN D 22 -10.72 16.48 2.75
C ASN D 22 -9.64 16.22 3.79
N SER D 23 -8.45 16.78 3.56
CA SER D 23 -7.26 16.42 4.33
C SER D 23 -7.42 16.77 5.82
N VAL D 24 -7.89 17.98 6.11
CA VAL D 24 -7.93 18.44 7.50
C VAL D 24 -9.02 17.69 8.28
N ARG D 25 -10.14 17.41 7.63
CA ARG D 25 -11.26 16.74 8.29
C ARG D 25 -10.88 15.33 8.74
N ILE D 26 -10.21 14.57 7.87
CA ILE D 26 -9.69 13.27 8.25
C ILE D 26 -8.54 13.42 9.24
N GLY D 27 -7.71 14.45 9.06
CA GLY D 27 -6.56 14.68 9.92
C GLY D 27 -6.90 15.09 11.34
N SER D 28 -8.17 15.41 11.62
CA SER D 28 -8.59 15.61 13.01
C SER D 28 -8.41 14.36 13.85
N LYS D 29 -8.49 13.17 13.23
CA LYS D 29 -8.22 11.92 13.92
C LYS D 29 -7.08 11.12 13.31
N GLY D 30 -7.04 11.00 11.99
CA GLY D 30 -6.02 10.19 11.34
C GLY D 30 -4.66 10.86 11.32
N ASP D 31 -3.67 10.09 10.87
CA ASP D 31 -2.29 10.56 10.76
C ASP D 31 -2.12 11.19 9.38
N VAL D 32 -2.28 12.50 9.30
CA VAL D 32 -2.26 13.24 8.05
C VAL D 32 -1.21 14.33 8.16
N PHE D 33 -0.39 14.47 7.11
CA PHE D 33 0.64 15.48 7.06
C PHE D 33 0.05 16.89 7.12
N VAL D 34 0.79 17.80 7.73
CA VAL D 34 0.52 19.23 7.58
C VAL D 34 1.23 19.69 6.32
N ILE D 35 0.45 20.03 5.29
CA ILE D 35 0.98 20.30 3.96
C ILE D 35 0.69 21.74 3.57
N ARG D 36 1.52 22.26 2.67
CA ARG D 36 1.28 23.55 2.05
C ARG D 36 1.84 23.54 0.65
N GLU D 37 1.38 24.49 -0.16
CA GLU D 37 1.67 24.57 -1.58
C GLU D 37 1.46 23.26 -2.34
N PRO D 38 0.24 22.70 -2.33
CA PRO D 38 0.01 21.49 -3.12
C PRO D 38 -0.16 21.83 -4.59
N PHE D 39 0.09 20.83 -5.43
CA PHE D 39 -0.22 20.95 -6.85
C PHE D 39 -0.40 19.56 -7.43
N ILE D 40 -0.97 19.51 -8.62
CA ILE D 40 -1.34 18.26 -9.27
C ILE D 40 -0.62 18.18 -10.60
N SER D 41 -0.04 17.02 -10.88
CA SER D 41 0.57 16.74 -12.17
C SER D 41 0.15 15.34 -12.59
N CYS D 42 -0.03 15.15 -13.89
CA CYS D 42 -0.56 13.90 -14.42
C CYS D 42 0.50 13.16 -15.23
N SER D 43 0.61 11.87 -14.99
CA SER D 43 1.35 10.97 -15.85
C SER D 43 0.43 10.51 -16.99
N PRO D 44 0.95 9.79 -17.98
CA PRO D 44 0.05 9.13 -18.94
C PRO D 44 -0.85 8.08 -18.32
N LEU D 45 -0.55 7.62 -17.10
CA LEU D 45 -1.38 6.64 -16.40
C LEU D 45 -2.27 7.23 -15.32
N GLU D 46 -1.75 8.16 -14.51
CA GLU D 46 -2.52 8.66 -13.38
C GLU D 46 -2.07 10.08 -13.03
N CYS D 47 -2.94 10.79 -12.32
CA CYS D 47 -2.64 12.12 -11.81
C CYS D 47 -2.27 12.02 -10.33
N ARG D 48 -1.29 12.81 -9.92
CA ARG D 48 -0.77 12.74 -8.56
C ARG D 48 -0.80 14.13 -7.93
N THR D 49 -1.16 14.18 -6.64
CA THR D 49 -1.10 15.41 -5.88
C THR D 49 0.27 15.50 -5.20
N PHE D 50 1.03 16.52 -5.58
CA PHE D 50 2.32 16.81 -4.98
C PHE D 50 2.13 17.86 -3.90
N PHE D 51 2.97 17.79 -2.86
CA PHE D 51 2.81 18.72 -1.74
C PHE D 51 4.13 18.82 -0.97
N LEU D 52 4.26 19.93 -0.25
CA LEU D 52 5.41 20.17 0.61
C LEU D 52 5.01 19.95 2.05
N THR D 53 5.82 19.19 2.79
CA THR D 53 5.53 18.87 4.19
C THR D 53 6.65 19.37 5.08
N GLN D 54 6.28 19.91 6.23
CA GLN D 54 7.22 20.30 7.26
C GLN D 54 7.72 19.11 8.07
N GLY D 55 7.41 17.89 7.65
CA GLY D 55 7.69 16.71 8.45
C GLY D 55 6.88 16.65 9.73
N ALA D 56 5.59 16.97 9.66
CA ALA D 56 4.75 17.03 10.85
C ALA D 56 3.35 16.60 10.49
N LEU D 57 2.60 16.18 11.51
CA LEU D 57 1.24 15.69 11.36
C LEU D 57 0.26 16.68 11.95
N LEU D 58 -0.99 16.60 11.48
CA LEU D 58 -2.06 17.39 12.06
C LEU D 58 -2.31 16.93 13.49
N ASN D 59 -2.59 17.90 14.37
CA ASN D 59 -2.73 17.69 15.82
C ASN D 59 -1.46 17.08 16.42
N ASP D 60 -0.33 17.73 16.16
CA ASP D 60 0.96 17.27 16.66
C ASP D 60 1.80 18.50 16.99
N LYS D 61 2.68 18.35 18.00
CA LYS D 61 3.43 19.49 18.51
C LYS D 61 4.47 20.01 17.53
N HIS D 62 4.92 19.20 16.56
CA HIS D 62 5.81 19.70 15.53
C HIS D 62 5.08 20.55 14.49
N SER D 63 3.75 20.57 14.52
CA SER D 63 2.98 21.39 13.61
C SER D 63 2.49 22.65 14.31
N ASP D 69 9.34 29.11 7.43
CA ASP D 69 8.84 28.85 6.08
C ASP D 69 9.77 27.93 5.31
N ARG D 70 11.02 28.37 5.12
CA ARG D 70 11.99 27.63 4.31
C ARG D 70 12.93 26.87 5.25
N SER D 71 12.45 25.74 5.73
CA SER D 71 13.17 24.94 6.72
C SER D 71 13.90 23.79 6.04
N PRO D 72 14.97 23.27 6.67
CA PRO D 72 15.63 22.08 6.12
C PRO D 72 14.78 20.82 6.15
N TYR D 73 13.77 20.77 7.01
CA TYR D 73 12.93 19.59 7.13
C TYR D 73 11.86 19.51 6.06
N ARG D 74 11.72 20.53 5.22
CA ARG D 74 10.70 20.48 4.19
C ARG D 74 11.08 19.52 3.08
N THR D 75 10.12 18.68 2.70
CA THR D 75 10.30 17.70 1.64
C THR D 75 9.10 17.78 0.70
N LEU D 76 9.32 17.39 -0.55
CA LEU D 76 8.26 17.24 -1.53
C LEU D 76 7.83 15.79 -1.56
N MET D 77 6.52 15.55 -1.45
CA MET D 77 5.95 14.22 -1.41
C MET D 77 4.75 14.18 -2.35
N SER D 78 4.36 12.98 -2.76
CA SER D 78 3.23 12.82 -3.66
C SER D 78 2.34 11.68 -3.21
N VAL D 79 1.05 11.83 -3.51
CA VAL D 79 0.04 10.79 -3.32
C VAL D 79 -0.79 10.73 -4.59
N PRO D 80 -1.51 9.64 -4.82
CA PRO D 80 -2.53 9.66 -5.88
C PRO D 80 -3.58 10.72 -5.61
N ILE D 81 -4.14 11.27 -6.70
CA ILE D 81 -5.03 12.42 -6.60
C ILE D 81 -6.28 12.07 -5.79
N GLY D 82 -6.66 12.97 -4.88
CA GLY D 82 -7.82 12.77 -4.04
C GLY D 82 -7.57 12.02 -2.75
N SER D 83 -6.43 11.36 -2.61
CA SER D 83 -6.13 10.64 -1.38
C SER D 83 -5.48 11.57 -0.36
N VAL D 84 -5.61 11.20 0.90
CA VAL D 84 -5.11 12.06 1.98
C VAL D 84 -3.59 12.02 2.00
N PRO D 85 -2.91 13.14 2.24
CA PRO D 85 -1.46 13.10 2.42
C PRO D 85 -1.10 12.54 3.78
N SER D 86 -0.67 11.28 3.81
CA SER D 86 -0.38 10.60 5.04
C SER D 86 1.00 9.97 4.96
N PRO D 87 1.66 9.75 6.10
CA PRO D 87 2.95 9.05 6.08
C PRO D 87 2.87 7.62 5.57
N TYR D 88 1.69 6.99 5.59
CA TYR D 88 1.55 5.59 5.21
C TYR D 88 1.17 5.38 3.75
N ASN D 89 0.95 6.44 2.97
CA ASN D 89 0.66 6.29 1.56
C ASN D 89 1.42 7.25 0.65
N ALA D 90 2.20 8.17 1.20
CA ALA D 90 2.88 9.18 0.40
C ALA D 90 4.23 8.68 -0.09
N ARG D 91 4.52 8.96 -1.36
CA ARG D 91 5.82 8.67 -1.94
C ARG D 91 6.72 9.88 -1.78
N PHE D 92 7.93 9.66 -1.28
CA PHE D 92 8.92 10.73 -1.21
C PHE D 92 9.37 11.12 -2.60
N GLU D 93 9.55 12.43 -2.83
CA GLU D 93 10.07 12.93 -4.09
C GLU D 93 11.42 13.61 -3.93
N SER D 94 11.51 14.65 -3.10
CA SER D 94 12.75 15.41 -2.96
C SER D 94 12.69 16.23 -1.69
N ILE D 95 13.86 16.74 -1.30
CA ILE D 95 13.94 17.73 -0.22
C ILE D 95 13.78 19.11 -0.85
N ALA D 96 12.78 19.85 -0.40
CA ALA D 96 12.44 21.10 -1.08
C ALA D 96 11.56 21.96 -0.18
N TRP D 97 11.86 23.26 -0.14
CA TRP D 97 10.88 24.24 0.32
C TRP D 97 10.29 25.05 -0.84
N SER D 98 10.70 24.75 -2.07
CA SER D 98 10.07 25.25 -3.28
C SER D 98 10.28 24.19 -4.35
N ALA D 99 9.22 23.86 -5.10
CA ALA D 99 9.30 22.67 -5.92
C ALA D 99 8.46 22.81 -7.18
N SER D 100 8.77 21.95 -8.15
CA SER D 100 7.94 21.75 -9.33
C SER D 100 8.13 20.31 -9.79
N ALA D 101 7.11 19.76 -10.43
CA ALA D 101 7.16 18.37 -10.86
C ALA D 101 6.31 18.18 -12.11
N CYS D 102 6.82 17.37 -13.03
CA CYS D 102 6.09 17.07 -14.25
C CYS D 102 6.54 15.73 -14.80
N HIS D 103 5.75 15.19 -15.70
CA HIS D 103 6.02 13.90 -16.32
C HIS D 103 6.09 14.11 -17.83
N ASP D 104 7.22 13.73 -18.44
CA ASP D 104 7.41 13.95 -19.87
C ASP D 104 6.82 12.83 -20.72
N GLY D 105 6.16 11.85 -20.10
CA GLY D 105 5.63 10.69 -20.78
C GLY D 105 6.39 9.41 -20.51
N ILE D 106 7.63 9.51 -20.04
CA ILE D 106 8.45 8.35 -19.70
C ILE D 106 8.67 8.27 -18.19
N ASN D 107 9.16 9.34 -17.58
CA ASN D 107 9.48 9.35 -16.16
C ASN D 107 9.08 10.70 -15.56
N TRP D 108 8.92 10.70 -14.24
CA TRP D 108 8.69 11.93 -13.51
C TRP D 108 9.96 12.78 -13.48
N LEU D 109 9.81 14.08 -13.66
CA LEU D 109 10.86 15.04 -13.38
C LEU D 109 10.44 15.85 -12.16
N THR D 110 11.30 15.87 -11.15
CA THR D 110 11.05 16.60 -9.92
C THR D 110 12.15 17.62 -9.71
N ILE D 111 11.78 18.87 -9.50
CA ILE D 111 12.72 19.96 -9.21
C ILE D 111 12.52 20.37 -7.76
N GLY D 112 13.59 20.31 -6.97
CA GLY D 112 13.50 20.65 -5.57
C GLY D 112 14.55 21.65 -5.14
N ILE D 113 14.12 22.74 -4.52
CA ILE D 113 15.02 23.80 -4.09
C ILE D 113 15.18 23.72 -2.58
N THR D 114 16.43 23.65 -2.13
CA THR D 114 16.74 23.62 -0.71
C THR D 114 18.06 24.33 -0.51
N GLY D 115 18.41 24.57 0.75
CA GLY D 115 19.59 25.33 1.09
C GLY D 115 19.23 26.65 1.75
N PRO D 116 20.24 27.43 2.11
CA PRO D 116 19.99 28.74 2.72
C PRO D 116 19.43 29.72 1.71
N ASP D 117 18.90 30.84 2.24
CA ASP D 117 18.26 31.83 1.40
C ASP D 117 19.24 32.54 0.46
N ASN D 118 20.51 32.65 0.86
CA ASN D 118 21.53 33.23 0.00
C ASN D 118 22.36 32.19 -0.74
N GLY D 119 22.06 30.91 -0.57
CA GLY D 119 22.81 29.87 -1.26
C GLY D 119 21.97 28.70 -1.74
N ALA D 120 20.71 28.95 -2.09
CA ALA D 120 19.81 27.87 -2.47
C ALA D 120 20.20 27.26 -3.81
N VAL D 121 19.98 25.95 -3.93
CA VAL D 121 20.24 25.22 -5.16
C VAL D 121 19.01 24.42 -5.52
N ALA D 122 18.63 24.46 -6.79
CA ALA D 122 17.56 23.63 -7.32
C ALA D 122 18.12 22.26 -7.65
N ILE D 123 17.52 21.21 -7.10
CA ILE D 123 17.94 19.84 -7.34
C ILE D 123 16.95 19.22 -8.32
N LEU D 124 17.45 18.80 -9.48
CA LEU D 124 16.62 18.16 -10.50
C LEU D 124 16.75 16.66 -10.38
N LYS D 125 15.62 15.98 -10.32
CA LYS D 125 15.56 14.53 -10.18
C LYS D 125 14.73 13.96 -11.33
N TYR D 126 15.32 13.03 -12.07
CA TYR D 126 14.63 12.32 -13.14
C TYR D 126 14.59 10.85 -12.77
N ASN D 127 13.37 10.30 -12.65
CA ASN D 127 13.13 8.93 -12.17
C ASN D 127 13.78 8.70 -10.81
N GLY D 128 13.68 9.70 -9.93
CA GLY D 128 14.27 9.60 -8.61
C GLY D 128 15.78 9.69 -8.58
N ILE D 129 16.42 9.99 -9.71
CA ILE D 129 17.87 10.04 -9.81
C ILE D 129 18.28 11.50 -9.99
N ILE D 130 19.23 11.96 -9.19
CA ILE D 130 19.72 13.33 -9.31
C ILE D 130 20.48 13.45 -10.61
N THR D 131 20.04 14.36 -11.47
CA THR D 131 20.58 14.49 -12.82
C THR D 131 21.25 15.83 -13.09
N ASP D 132 20.81 16.90 -12.44
CA ASP D 132 21.41 18.21 -12.64
C ASP D 132 21.06 19.08 -11.44
N THR D 133 21.90 20.09 -11.20
CA THR D 133 21.63 21.12 -10.19
C THR D 133 21.97 22.47 -10.77
N ILE D 134 21.28 23.50 -10.29
CA ILE D 134 21.64 24.89 -10.56
C ILE D 134 21.53 25.68 -9.26
N LYS D 135 22.59 26.42 -8.94
CA LYS D 135 22.60 27.23 -7.72
C LYS D 135 21.96 28.58 -7.97
N SER D 136 21.65 29.25 -6.86
CA SER D 136 21.11 30.61 -6.94
C SER D 136 22.13 31.56 -7.54
N TRP D 137 21.68 32.37 -8.50
CA TRP D 137 22.58 33.29 -9.18
C TRP D 137 22.47 34.73 -8.70
N ARG D 138 21.39 35.09 -7.99
CA ARG D 138 21.28 36.38 -7.34
C ARG D 138 21.42 36.30 -5.83
N ASN D 139 21.47 35.09 -5.27
CA ASN D 139 21.65 34.83 -3.83
C ASN D 139 20.55 35.46 -2.99
N ASN D 140 19.32 35.55 -3.53
CA ASN D 140 18.18 36.04 -2.77
C ASN D 140 16.98 35.13 -3.06
N ILE D 141 16.91 34.02 -2.31
CA ILE D 141 15.81 33.06 -2.33
C ILE D 141 15.46 32.59 -3.74
N LEU D 142 16.24 31.65 -4.26
CA LEU D 142 15.86 30.99 -5.51
C LEU D 142 14.57 30.22 -5.32
N ARG D 143 13.62 30.40 -6.24
CA ARG D 143 12.30 29.82 -6.07
C ARG D 143 11.72 29.49 -7.44
N THR D 144 10.69 28.64 -7.45
CA THR D 144 10.15 28.09 -8.68
C THR D 144 8.62 28.08 -8.59
N GLN D 145 7.99 27.31 -9.48
CA GLN D 145 6.58 27.48 -9.83
C GLN D 145 5.64 27.20 -8.66
N GLU D 146 5.94 26.19 -7.84
CA GLU D 146 4.98 25.54 -6.93
C GLU D 146 3.75 25.02 -7.69
N SER D 147 3.96 24.59 -8.93
CA SER D 147 2.96 23.90 -9.73
C SER D 147 3.71 23.10 -10.79
N GLU D 148 2.95 22.40 -11.63
CA GLU D 148 3.58 21.46 -12.55
C GLU D 148 4.33 22.20 -13.65
N CYS D 149 5.49 21.67 -14.03
CA CYS D 149 6.17 22.17 -15.20
C CYS D 149 5.44 21.68 -16.46
N ALA D 150 5.74 22.32 -17.58
CA ALA D 150 5.09 22.01 -18.85
C ALA D 150 6.07 21.27 -19.74
N CYS D 151 5.63 20.16 -20.33
CA CYS D 151 6.49 19.31 -21.15
C CYS D 151 5.95 19.25 -22.57
N VAL D 152 6.85 19.48 -23.53
CA VAL D 152 6.54 19.37 -24.95
C VAL D 152 7.65 18.56 -25.61
N ASN D 153 7.27 17.46 -26.25
CA ASN D 153 8.16 16.66 -27.12
C ASN D 153 9.39 16.15 -26.36
N GLY D 154 9.14 15.58 -25.18
CA GLY D 154 10.22 15.03 -24.38
C GLY D 154 11.08 16.05 -23.67
N SER D 155 10.69 17.32 -23.67
CA SER D 155 11.42 18.38 -23.02
C SER D 155 10.47 19.16 -22.12
N CYS D 156 10.88 19.37 -20.87
CA CYS D 156 10.04 20.04 -19.88
C CYS D 156 10.60 21.42 -19.55
N PHE D 157 9.70 22.36 -19.28
CA PHE D 157 10.06 23.76 -19.14
C PHE D 157 9.58 24.31 -17.81
N THR D 158 10.39 25.18 -17.20
CA THR D 158 10.06 25.77 -15.92
C THR D 158 10.60 27.18 -15.87
N VAL D 159 10.05 27.98 -14.95
CA VAL D 159 10.46 29.36 -14.72
C VAL D 159 10.87 29.50 -13.26
N MET D 160 12.05 30.04 -13.02
CA MET D 160 12.55 30.27 -11.67
C MET D 160 12.89 31.73 -11.47
N THR D 161 12.70 32.20 -10.24
CA THR D 161 12.93 33.59 -9.86
C THR D 161 14.01 33.67 -8.80
N ASP D 162 14.95 34.58 -8.98
CA ASP D 162 15.96 34.89 -8.00
C ASP D 162 15.99 36.39 -7.77
N GLY D 163 15.90 36.80 -6.51
CA GLY D 163 15.88 38.21 -6.18
C GLY D 163 14.82 38.56 -5.17
N PRO D 164 14.60 39.85 -4.95
CA PRO D 164 13.63 40.28 -3.93
C PRO D 164 12.19 40.00 -4.35
N SER D 165 11.33 39.85 -3.35
CA SER D 165 9.91 39.64 -3.55
C SER D 165 9.09 40.92 -3.45
N ASN D 166 9.77 42.08 -3.33
CA ASN D 166 9.07 43.36 -3.29
C ASN D 166 9.70 44.39 -4.21
N GLY D 167 10.55 43.97 -5.13
CA GLY D 167 11.16 44.88 -6.09
C GLY D 167 11.53 44.11 -7.34
N GLN D 168 12.43 44.70 -8.12
CA GLN D 168 12.86 44.07 -9.35
C GLN D 168 13.74 42.85 -9.05
N ALA D 169 13.42 41.73 -9.69
CA ALA D 169 14.15 40.48 -9.50
C ALA D 169 14.66 39.99 -10.85
N SER D 170 15.22 38.78 -10.85
CA SER D 170 15.72 38.14 -12.06
C SER D 170 14.94 36.86 -12.31
N TYR D 171 14.57 36.63 -13.58
CA TYR D 171 13.71 35.52 -13.96
C TYR D 171 14.37 34.75 -15.10
N LYS D 172 14.38 33.42 -14.98
CA LYS D 172 15.04 32.57 -15.96
C LYS D 172 14.08 31.48 -16.44
N ILE D 173 14.19 31.15 -17.72
CA ILE D 173 13.46 30.05 -18.34
C ILE D 173 14.41 28.90 -18.53
N PHE D 174 13.93 27.67 -18.33
CA PHE D 174 14.77 26.49 -18.42
C PHE D 174 14.15 25.48 -19.38
N ARG D 175 15.01 24.82 -20.15
CA ARG D 175 14.63 23.66 -20.95
C ARG D 175 15.31 22.44 -20.34
N ILE D 176 14.52 21.45 -19.97
CA ILE D 176 15.01 20.28 -19.24
C ILE D 176 14.62 19.04 -20.01
N GLU D 177 15.63 18.27 -20.44
CA GLU D 177 15.42 17.01 -21.16
C GLU D 177 16.06 15.89 -20.34
N LYS D 178 15.22 14.93 -19.93
CA LYS D 178 15.63 13.79 -19.09
C LYS D 178 16.31 14.24 -17.80
N GLY D 179 15.81 15.32 -17.22
CA GLY D 179 16.36 15.84 -15.99
C GLY D 179 17.59 16.69 -16.15
N LYS D 180 18.09 16.89 -17.36
CA LYS D 180 19.28 17.68 -17.62
C LYS D 180 18.90 19.03 -18.22
N ILE D 181 19.42 20.10 -17.65
CA ILE D 181 19.21 21.43 -18.21
C ILE D 181 20.05 21.56 -19.47
N VAL D 182 19.40 21.86 -20.59
CA VAL D 182 20.08 21.97 -21.87
C VAL D 182 20.11 23.40 -22.40
N LYS D 183 19.25 24.29 -21.90
CA LYS D 183 19.25 25.68 -22.33
C LYS D 183 18.60 26.52 -21.24
N SER D 184 19.18 27.70 -20.98
CA SER D 184 18.64 28.66 -20.04
C SER D 184 18.69 30.05 -20.66
N VAL D 185 17.65 30.84 -20.43
CA VAL D 185 17.56 32.21 -20.92
C VAL D 185 17.08 33.08 -19.76
N GLU D 186 17.80 34.17 -19.49
CA GLU D 186 17.32 35.15 -18.52
C GLU D 186 16.35 36.10 -19.20
N MET D 187 15.18 36.29 -18.60
CA MET D 187 14.15 37.14 -19.17
C MET D 187 14.52 38.61 -18.97
N ASN D 188 14.58 39.35 -20.07
CA ASN D 188 14.76 40.80 -20.01
C ASN D 188 13.38 41.43 -19.80
N ALA D 189 13.02 41.60 -18.54
CA ALA D 189 11.71 42.14 -18.16
C ALA D 189 11.88 43.24 -17.11
N PRO D 190 12.29 44.43 -17.53
CA PRO D 190 12.32 45.55 -16.58
C PRO D 190 10.92 45.97 -16.18
N ASN D 191 10.78 46.37 -14.91
CA ASN D 191 9.51 46.77 -14.29
C ASN D 191 8.47 45.65 -14.31
N TYR D 192 8.90 44.40 -14.42
CA TYR D 192 8.02 43.25 -14.31
C TYR D 192 8.39 42.44 -13.08
N HIS D 193 7.41 41.68 -12.57
CA HIS D 193 7.67 40.78 -11.46
C HIS D 193 6.99 39.45 -11.72
N TYR D 194 7.78 38.38 -11.70
CA TYR D 194 7.28 37.03 -11.95
C TYR D 194 7.56 36.17 -10.74
N GLU D 195 6.50 35.65 -10.12
CA GLU D 195 6.60 34.72 -9.01
C GLU D 195 5.59 33.61 -9.22
N GLU D 196 6.03 32.36 -8.97
CA GLU D 196 5.14 31.19 -8.84
C GLU D 196 4.29 30.98 -10.09
N CYS D 197 4.96 30.85 -11.23
CA CYS D 197 4.29 30.77 -12.52
C CYS D 197 3.49 29.48 -12.66
N SER D 198 2.32 29.59 -13.28
CA SER D 198 1.52 28.44 -13.66
C SER D 198 1.65 28.26 -15.16
N CYS D 199 2.36 27.23 -15.58
CA CYS D 199 2.72 27.00 -16.98
C CYS D 199 1.94 25.84 -17.55
N TYR D 200 1.52 25.96 -18.80
CA TYR D 200 0.87 24.86 -19.52
C TYR D 200 1.37 24.82 -20.95
N PRO D 201 1.38 23.63 -21.57
CA PRO D 201 1.72 23.54 -22.99
C PRO D 201 0.52 23.83 -23.87
N ASP D 202 0.79 24.43 -25.01
CA ASP D 202 -0.27 24.80 -25.95
C ASP D 202 0.34 24.95 -27.34
N SER D 203 0.06 23.98 -28.22
CA SER D 203 0.50 23.97 -29.62
C SER D 203 2.02 24.13 -29.73
N SER D 204 2.73 23.20 -29.09
CA SER D 204 4.20 23.14 -29.01
C SER D 204 4.81 24.39 -28.39
N GLU D 205 4.02 25.15 -27.63
CA GLU D 205 4.48 26.37 -26.99
C GLU D 205 4.03 26.35 -25.54
N ILE D 206 4.76 27.07 -24.69
CA ILE D 206 4.49 27.12 -23.26
C ILE D 206 3.97 28.51 -22.91
N THR D 207 2.87 28.56 -22.18
CA THR D 207 2.32 29.81 -21.68
C THR D 207 2.27 29.75 -20.16
N CYS D 208 2.86 30.74 -19.51
CA CYS D 208 2.94 30.81 -18.07
C CYS D 208 2.25 32.08 -17.59
N VAL D 209 1.39 31.95 -16.57
CA VAL D 209 0.75 33.09 -15.92
C VAL D 209 1.21 33.10 -14.47
N CYS D 210 1.75 34.23 -14.03
CA CYS D 210 2.47 34.28 -12.76
C CYS D 210 1.91 35.34 -11.83
N ARG D 211 2.62 35.59 -10.72
CA ARG D 211 2.17 36.48 -9.66
C ARG D 211 3.12 37.66 -9.58
N ASP D 212 2.57 38.86 -9.65
CA ASP D 212 3.33 40.10 -9.46
C ASP D 212 3.21 40.47 -7.99
N ASN D 213 4.25 40.15 -7.21
CA ASN D 213 4.28 40.53 -5.82
C ASN D 213 4.71 41.98 -5.61
N TRP D 214 5.29 42.62 -6.63
CA TRP D 214 5.89 43.93 -6.47
C TRP D 214 4.87 45.07 -6.60
N HIS D 215 4.34 45.28 -7.79
CA HIS D 215 3.42 46.40 -8.03
C HIS D 215 2.33 46.04 -9.03
N GLY D 216 1.83 44.81 -8.97
CA GLY D 216 0.84 44.42 -9.98
C GLY D 216 -0.37 43.69 -9.43
N SER D 217 -1.55 44.27 -9.63
CA SER D 217 -2.80 43.59 -9.29
C SER D 217 -3.36 42.79 -10.46
N ASN D 218 -2.80 42.95 -11.65
CA ASN D 218 -3.06 42.05 -12.76
C ASN D 218 -1.91 41.05 -12.89
N ARG D 219 -2.15 39.99 -13.63
CA ARG D 219 -1.16 38.92 -13.65
C ARG D 219 -0.23 39.07 -14.85
N PRO D 220 1.08 39.05 -14.64
CA PRO D 220 2.00 39.02 -15.78
C PRO D 220 2.02 37.64 -16.43
N TRP D 221 2.43 37.63 -17.69
CA TRP D 221 2.56 36.37 -18.40
C TRP D 221 3.86 36.38 -19.21
N VAL D 222 4.36 35.17 -19.47
CA VAL D 222 5.47 34.95 -20.37
C VAL D 222 5.14 33.73 -21.21
N SER D 223 5.38 33.82 -22.52
CA SER D 223 5.12 32.73 -23.45
C SER D 223 6.34 32.51 -24.31
N PHE D 224 6.74 31.25 -24.48
CA PHE D 224 7.98 30.94 -25.19
C PHE D 224 7.82 29.62 -25.94
N ASN D 225 8.67 29.44 -26.96
CA ASN D 225 8.72 28.21 -27.72
C ASN D 225 9.80 27.30 -27.13
N GLN D 226 10.10 26.20 -27.82
CA GLN D 226 11.11 25.26 -27.33
C GLN D 226 12.52 25.81 -27.40
N ASN D 227 12.76 26.86 -28.17
CA ASN D 227 14.05 27.53 -28.21
C ASN D 227 14.16 28.66 -27.20
N LEU D 228 13.18 28.78 -26.29
CA LEU D 228 13.09 29.82 -25.27
C LEU D 228 13.05 31.23 -25.84
N GLU D 229 12.62 31.38 -27.09
CA GLU D 229 12.30 32.70 -27.63
C GLU D 229 10.98 33.16 -27.02
N TYR D 230 11.02 34.21 -26.22
CA TYR D 230 9.92 34.53 -25.33
C TYR D 230 9.31 35.89 -25.65
N GLN D 231 8.02 36.02 -25.32
CA GLN D 231 7.32 37.29 -25.28
C GLN D 231 6.71 37.46 -23.89
N ILE D 232 6.63 38.70 -23.43
CA ILE D 232 6.19 38.99 -22.08
C ILE D 232 5.10 40.05 -22.10
N GLY D 233 4.35 40.11 -21.00
CA GLY D 233 3.30 41.09 -20.86
C GLY D 233 2.43 40.75 -19.67
N TYR D 234 1.42 41.58 -19.47
CA TYR D 234 0.42 41.37 -18.44
C TYR D 234 -0.92 41.04 -19.11
N ILE D 235 -1.86 40.59 -18.30
CA ILE D 235 -3.21 40.35 -18.80
C ILE D 235 -3.98 41.66 -18.77
N CYS D 236 -4.45 42.10 -19.94
CA CYS D 236 -5.00 43.45 -20.05
C CYS D 236 -6.41 43.57 -19.52
N SER D 237 -7.03 42.46 -19.08
CA SER D 237 -8.40 42.46 -18.62
C SER D 237 -8.60 43.35 -17.41
N GLY D 238 -9.74 44.06 -17.39
CA GLY D 238 -10.14 44.79 -16.20
C GLY D 238 -10.61 43.90 -15.07
N ILE D 239 -10.86 42.62 -15.35
CA ILE D 239 -11.06 41.61 -14.32
C ILE D 239 -9.68 41.24 -13.79
N PHE D 240 -9.27 41.87 -12.70
CA PHE D 240 -7.94 41.65 -12.15
C PHE D 240 -7.86 40.29 -11.47
N GLY D 241 -6.75 39.59 -11.67
CA GLY D 241 -6.65 38.22 -11.23
C GLY D 241 -5.92 37.98 -9.92
N ASP D 242 -5.27 38.99 -9.37
CA ASP D 242 -4.47 38.81 -8.18
C ASP D 242 -5.28 39.07 -6.92
N ASN D 243 -4.67 38.77 -5.77
CA ASN D 243 -5.25 39.01 -4.46
C ASN D 243 -4.14 39.41 -3.50
N PRO D 244 -4.12 40.66 -3.00
CA PRO D 244 -5.13 41.72 -3.09
C PRO D 244 -5.25 42.43 -4.43
N ARG D 245 -6.38 43.07 -4.66
CA ARG D 245 -6.69 43.73 -5.92
C ARG D 245 -7.75 44.80 -5.64
N PRO D 246 -7.87 45.80 -6.50
CA PRO D 246 -8.97 46.74 -6.38
C PRO D 246 -10.23 46.18 -7.04
N ASN D 247 -11.29 46.99 -7.04
CA ASN D 247 -12.51 46.60 -7.71
C ASN D 247 -12.31 46.59 -9.23
N ASP D 248 -13.18 45.84 -9.90
CA ASP D 248 -13.11 45.72 -11.35
C ASP D 248 -13.39 47.06 -12.02
N LYS D 249 -12.37 47.59 -12.68
CA LYS D 249 -12.44 48.86 -13.39
C LYS D 249 -11.77 48.67 -14.75
N THR D 250 -11.50 49.77 -15.43
CA THR D 250 -10.76 49.69 -16.70
C THR D 250 -9.32 49.29 -16.43
N GLY D 251 -8.97 48.06 -16.81
CA GLY D 251 -7.66 47.52 -16.53
C GLY D 251 -6.62 47.94 -17.55
N SER D 252 -5.47 47.29 -17.47
CA SER D 252 -4.35 47.55 -18.37
C SER D 252 -3.43 46.34 -18.32
N CYS D 253 -2.50 46.30 -19.27
CA CYS D 253 -1.42 45.33 -19.25
C CYS D 253 -0.05 45.99 -19.27
N GLY D 254 0.06 47.09 -18.54
CA GLY D 254 1.23 47.34 -17.74
C GLY D 254 0.87 46.83 -16.36
N PRO D 255 1.82 46.85 -15.42
CA PRO D 255 1.48 46.47 -14.04
C PRO D 255 0.57 47.50 -13.40
N VAL D 256 -0.57 47.05 -12.89
CA VAL D 256 -1.56 47.92 -12.27
C VAL D 256 -1.17 48.09 -10.80
N SER D 257 -0.75 49.30 -10.44
CA SER D 257 -0.11 49.52 -9.14
C SER D 257 -1.10 49.52 -7.98
N SER D 258 -2.39 49.76 -8.25
CA SER D 258 -3.38 49.84 -7.20
C SER D 258 -3.58 48.48 -6.55
N ASN D 259 -3.28 48.39 -5.25
CA ASN D 259 -3.24 47.13 -4.49
C ASN D 259 -2.30 46.12 -5.13
N GLY D 260 -1.26 46.59 -5.82
CA GLY D 260 -0.36 45.71 -6.54
C GLY D 260 0.68 45.03 -5.67
N ALA D 261 0.95 45.58 -4.49
CA ALA D 261 1.88 44.96 -3.56
C ALA D 261 1.34 43.62 -3.08
N ASN D 262 2.26 42.68 -2.85
CA ASN D 262 1.98 41.29 -2.50
C ASN D 262 1.14 40.62 -3.59
N GLY D 263 0.52 39.50 -3.26
CA GLY D 263 -0.25 38.77 -4.25
C GLY D 263 -0.51 37.35 -3.79
N VAL D 264 -0.92 36.52 -4.76
CA VAL D 264 -1.18 35.11 -4.53
C VAL D 264 -0.85 34.38 -5.81
N LYS D 265 -0.42 33.12 -5.67
CA LYS D 265 -0.18 32.28 -6.84
C LYS D 265 -1.49 32.04 -7.59
N GLY D 266 -1.45 32.21 -8.90
CA GLY D 266 -2.64 32.01 -9.71
C GLY D 266 -2.35 31.50 -11.10
N PHE D 267 -3.39 31.43 -11.92
CA PHE D 267 -3.30 30.85 -13.25
C PHE D 267 -4.25 31.59 -14.17
N SER D 268 -4.01 31.46 -15.47
CA SER D 268 -4.97 31.85 -16.48
C SER D 268 -4.74 31.01 -17.73
N PHE D 269 -5.82 30.75 -18.45
CA PHE D 269 -5.77 29.99 -19.70
C PHE D 269 -6.10 30.93 -20.85
N LYS D 270 -5.17 31.05 -21.79
CA LYS D 270 -5.32 31.94 -22.93
C LYS D 270 -6.00 31.20 -24.07
N TYR D 271 -7.04 31.83 -24.65
CA TYR D 271 -7.79 31.27 -25.77
C TYR D 271 -7.87 32.35 -26.84
N GLY D 272 -6.85 32.44 -27.68
CA GLY D 272 -6.76 33.54 -28.63
C GLY D 272 -6.61 34.85 -27.89
N ASN D 273 -7.51 35.78 -28.18
CA ASN D 273 -7.58 37.01 -27.41
C ASN D 273 -8.42 36.88 -26.14
N GLY D 274 -9.08 35.74 -25.94
CA GLY D 274 -9.84 35.50 -24.72
C GLY D 274 -8.97 34.90 -23.62
N VAL D 275 -9.53 34.88 -22.41
CA VAL D 275 -8.82 34.30 -21.27
C VAL D 275 -9.84 33.75 -20.28
N TRP D 276 -9.54 32.56 -19.75
CA TRP D 276 -10.20 32.03 -18.58
C TRP D 276 -9.39 32.45 -17.36
N ILE D 277 -10.01 33.17 -16.44
CA ILE D 277 -9.33 33.74 -15.28
C ILE D 277 -9.83 33.05 -14.02
N GLY D 278 -8.89 32.55 -13.21
CA GLY D 278 -9.20 32.04 -11.89
C GLY D 278 -8.71 33.02 -10.83
N ARG D 279 -9.60 33.36 -9.91
CA ARG D 279 -9.26 34.36 -8.91
C ARG D 279 -10.10 34.15 -7.66
N THR D 280 -9.64 34.76 -6.57
CA THR D 280 -10.41 34.79 -5.34
C THR D 280 -11.65 35.68 -5.50
N LYS D 281 -12.69 35.37 -4.73
CA LYS D 281 -13.87 36.22 -4.72
C LYS D 281 -13.63 37.51 -3.96
N SER D 282 -12.94 37.43 -2.82
CA SER D 282 -12.61 38.61 -2.04
C SER D 282 -11.45 39.37 -2.68
N ILE D 283 -11.52 40.70 -2.65
CA ILE D 283 -10.48 41.52 -3.26
C ILE D 283 -9.36 41.86 -2.28
N SER D 284 -9.50 41.49 -1.01
CA SER D 284 -8.49 41.81 0.00
C SER D 284 -7.93 40.59 0.73
N SER D 285 -8.59 39.45 0.67
CA SER D 285 -8.14 38.25 1.36
C SER D 285 -8.34 37.05 0.47
N ARG D 286 -7.75 35.92 0.89
CA ARG D 286 -7.83 34.68 0.11
C ARG D 286 -9.07 33.90 0.52
N ASN D 287 -10.22 34.46 0.15
CA ASN D 287 -11.52 33.89 0.46
C ASN D 287 -12.32 33.71 -0.82
N GLY D 288 -12.83 32.50 -1.03
CA GLY D 288 -13.63 32.21 -2.20
C GLY D 288 -12.80 32.05 -3.45
N PHE D 289 -13.45 31.51 -4.49
CA PHE D 289 -12.80 31.34 -5.77
C PHE D 289 -13.85 31.35 -6.87
N GLU D 290 -13.46 31.80 -8.06
CA GLU D 290 -14.39 31.86 -9.18
C GLU D 290 -13.62 31.70 -10.49
N MET D 291 -14.31 31.16 -11.48
CA MET D 291 -13.78 30.99 -12.83
C MET D 291 -14.50 31.97 -13.74
N ILE D 292 -13.75 32.89 -14.35
CA ILE D 292 -14.32 33.95 -15.17
C ILE D 292 -13.79 33.82 -16.59
N TRP D 293 -14.69 33.82 -17.56
CA TRP D 293 -14.34 33.79 -18.97
C TRP D 293 -14.47 35.19 -19.55
N ASP D 294 -13.36 35.74 -20.04
CA ASP D 294 -13.35 37.06 -20.66
C ASP D 294 -13.02 36.88 -22.14
N PRO D 295 -13.98 37.09 -23.04
CA PRO D 295 -13.74 36.82 -24.48
C PRO D 295 -12.67 37.69 -25.11
N ASN D 296 -12.33 38.84 -24.52
CA ASN D 296 -11.24 39.67 -25.04
C ASN D 296 -10.29 40.11 -23.94
N GLY D 297 -10.23 39.37 -22.83
CA GLY D 297 -9.49 39.82 -21.67
C GLY D 297 -7.98 39.77 -21.80
N TRP D 298 -7.46 38.94 -22.70
CA TRP D 298 -6.01 38.84 -22.84
C TRP D 298 -5.42 40.11 -23.46
N THR D 299 -6.20 40.83 -24.26
CA THR D 299 -5.71 42.03 -24.93
C THR D 299 -6.58 43.26 -24.72
N GLY D 300 -7.84 43.12 -24.33
CA GLY D 300 -8.73 44.24 -24.13
C GLY D 300 -8.74 44.71 -22.69
N THR D 301 -8.92 46.02 -22.51
CA THR D 301 -8.80 46.65 -21.20
C THR D 301 -10.14 46.86 -20.49
N ASP D 302 -11.24 46.42 -21.08
CA ASP D 302 -12.53 46.58 -20.44
C ASP D 302 -12.70 45.55 -19.32
N ASN D 303 -13.68 45.80 -18.45
CA ASN D 303 -14.00 44.90 -17.34
C ASN D 303 -15.25 44.07 -17.62
N ASN D 304 -15.57 43.85 -18.89
CA ASN D 304 -16.73 43.04 -19.27
C ASN D 304 -16.31 41.59 -19.47
N PHE D 305 -17.16 40.67 -18.99
CA PHE D 305 -16.94 39.25 -19.12
C PHE D 305 -18.25 38.59 -19.53
N SER D 306 -18.20 37.29 -19.80
CA SER D 306 -19.35 36.54 -20.26
C SER D 306 -19.80 35.46 -19.29
N ILE D 307 -18.90 34.60 -18.84
CA ILE D 307 -19.23 33.44 -18.02
C ILE D 307 -18.53 33.56 -16.68
N LYS D 308 -19.27 33.39 -15.60
CA LYS D 308 -18.72 33.34 -14.25
C LYS D 308 -19.21 32.07 -13.58
N GLN D 309 -18.27 31.26 -13.09
CA GLN D 309 -18.60 30.01 -12.40
C GLN D 309 -18.09 30.09 -10.97
N ASP D 310 -18.97 29.82 -10.01
CA ASP D 310 -18.56 29.76 -8.62
C ASP D 310 -17.80 28.47 -8.35
N ILE D 311 -16.73 28.58 -7.57
CA ILE D 311 -15.92 27.44 -7.16
C ILE D 311 -15.89 27.28 -5.65
N VAL D 312 -15.51 28.33 -4.94
CA VAL D 312 -15.49 28.36 -3.48
C VAL D 312 -16.28 29.60 -3.05
N GLY D 313 -17.15 29.43 -2.06
CA GLY D 313 -17.94 30.55 -1.58
C GLY D 313 -17.10 31.59 -0.86
N ILE D 314 -17.57 32.83 -0.88
CA ILE D 314 -16.82 33.97 -0.35
C ILE D 314 -16.65 33.92 1.16
N ASN D 315 -17.41 33.09 1.87
CA ASN D 315 -17.25 32.92 3.31
C ASN D 315 -16.27 31.81 3.68
N GLU D 316 -15.62 31.20 2.69
CA GLU D 316 -14.76 30.06 2.93
C GLU D 316 -13.34 30.35 2.45
N TRP D 317 -12.38 29.67 3.06
CA TRP D 317 -10.97 29.97 2.87
C TRP D 317 -10.44 29.32 1.60
N SER D 318 -9.95 30.14 0.67
CA SER D 318 -9.20 29.71 -0.50
C SER D 318 -7.71 30.02 -0.27
N GLY D 319 -6.92 29.92 -1.34
CA GLY D 319 -5.50 30.17 -1.24
C GLY D 319 -4.82 30.12 -2.58
N TYR D 320 -3.71 29.38 -2.66
CA TYR D 320 -3.00 29.20 -3.93
C TYR D 320 -3.88 28.46 -4.93
N SER D 321 -3.69 28.81 -6.20
CA SER D 321 -4.32 28.07 -7.30
C SER D 321 -3.33 27.99 -8.46
N GLY D 322 -3.39 26.87 -9.18
CA GLY D 322 -2.47 26.66 -10.27
C GLY D 322 -3.09 25.80 -11.35
N SER D 323 -2.49 25.87 -12.53
CA SER D 323 -2.98 25.13 -13.68
C SER D 323 -2.27 23.78 -13.80
N PHE D 324 -2.99 22.80 -14.36
CA PHE D 324 -2.37 21.57 -14.83
C PHE D 324 -3.17 21.06 -16.00
N VAL D 325 -2.55 20.18 -16.78
CA VAL D 325 -3.14 19.74 -18.03
C VAL D 325 -3.20 18.21 -18.06
N MET D 326 -4.12 17.71 -18.87
CA MET D 326 -4.20 16.29 -19.21
C MET D 326 -3.96 16.14 -20.70
N HIS D 327 -2.88 15.47 -21.05
CA HIS D 327 -2.44 15.32 -22.42
C HIS D 327 -3.29 14.28 -23.16
N PRO D 328 -3.31 14.31 -24.49
CA PRO D 328 -4.03 13.27 -25.25
C PRO D 328 -3.55 11.85 -24.99
N GLU D 329 -2.28 11.67 -24.59
CA GLU D 329 -1.80 10.34 -24.26
C GLU D 329 -2.50 9.73 -23.05
N LEU D 330 -3.07 10.56 -22.18
CA LEU D 330 -3.83 10.09 -21.02
C LEU D 330 -5.33 10.08 -21.27
N THR D 331 -5.85 11.06 -22.02
CA THR D 331 -7.28 11.15 -22.26
C THR D 331 -7.74 10.41 -23.51
N GLY D 332 -6.87 10.25 -24.50
CA GLY D 332 -7.29 9.71 -25.78
C GLY D 332 -7.98 10.71 -26.67
N LEU D 333 -8.06 11.96 -26.27
CA LEU D 333 -8.74 13.00 -27.04
C LEU D 333 -7.80 13.57 -28.10
N ASP D 334 -8.29 14.59 -28.81
CA ASP D 334 -7.48 15.27 -29.82
C ASP D 334 -6.88 16.58 -29.32
N CYS D 335 -7.11 16.94 -28.05
CA CYS D 335 -6.67 18.23 -27.55
C CYS D 335 -6.04 18.04 -26.18
N ILE D 336 -5.56 19.14 -25.62
CA ILE D 336 -5.04 19.18 -24.26
C ILE D 336 -6.12 19.78 -23.36
N VAL D 337 -6.59 19.00 -22.39
CA VAL D 337 -7.67 19.45 -21.52
C VAL D 337 -7.09 20.36 -20.43
N PRO D 338 -7.59 21.58 -20.27
CA PRO D 338 -7.11 22.42 -19.17
C PRO D 338 -7.79 22.07 -17.86
N CYS D 339 -7.01 22.10 -16.79
CA CYS D 339 -7.50 21.77 -15.45
C CYS D 339 -6.82 22.71 -14.45
N PHE D 340 -7.37 22.75 -13.24
CA PHE D 340 -6.76 23.58 -12.21
C PHE D 340 -7.07 23.03 -10.82
N TRP D 341 -6.19 23.35 -9.88
CA TRP D 341 -6.37 23.04 -8.47
C TRP D 341 -6.47 24.32 -7.68
N VAL D 342 -7.14 24.24 -6.53
CA VAL D 342 -7.20 25.34 -5.56
C VAL D 342 -6.81 24.78 -4.20
N GLU D 343 -5.94 25.51 -3.49
CA GLU D 343 -5.57 25.16 -2.12
C GLU D 343 -6.46 25.92 -1.15
N LEU D 344 -7.08 25.20 -0.22
CA LEU D 344 -7.92 25.79 0.80
C LEU D 344 -7.13 25.82 2.11
N ILE D 345 -6.58 26.99 2.44
CA ILE D 345 -5.66 27.13 3.56
C ILE D 345 -6.46 27.19 4.86
N ARG D 346 -6.07 26.38 5.84
CA ARG D 346 -6.67 26.36 7.16
C ARG D 346 -5.62 26.60 8.23
N GLY D 347 -6.03 27.26 9.31
CA GLY D 347 -5.13 27.57 10.41
C GLY D 347 -4.59 28.97 10.36
N TRP D 355 -0.89 25.15 13.92
CA TRP D 355 -0.41 24.71 12.63
C TRP D 355 -1.01 25.53 11.49
N THR D 356 -0.53 25.29 10.27
CA THR D 356 -1.07 25.92 9.08
C THR D 356 -1.00 24.89 7.96
N SER D 357 -2.14 24.34 7.57
CA SER D 357 -2.21 23.31 6.54
C SER D 357 -3.29 23.68 5.53
N GLY D 358 -3.34 22.92 4.45
CA GLY D 358 -4.31 23.17 3.40
C GLY D 358 -4.79 21.87 2.78
N SER D 359 -6.05 21.90 2.35
CA SER D 359 -6.63 20.84 1.54
C SER D 359 -6.81 21.36 0.12
N SER D 360 -7.00 20.43 -0.82
CA SER D 360 -7.00 20.78 -2.23
C SER D 360 -8.24 20.26 -2.92
N ILE D 361 -8.74 21.04 -3.87
CA ILE D 361 -9.80 20.63 -4.77
C ILE D 361 -9.31 20.86 -6.20
N SER D 362 -9.78 20.04 -7.12
CA SER D 362 -9.34 20.14 -8.51
C SER D 362 -10.52 20.09 -9.45
N PHE D 363 -10.40 20.81 -10.56
CA PHE D 363 -11.44 20.94 -11.55
C PHE D 363 -10.81 20.77 -12.92
N CYS D 364 -11.61 20.31 -13.89
CA CYS D 364 -11.15 20.15 -15.25
C CYS D 364 -12.15 20.78 -16.21
N GLY D 365 -11.62 21.30 -17.31
CA GLY D 365 -12.45 21.97 -18.29
C GLY D 365 -13.22 20.97 -19.13
N VAL D 366 -14.52 21.22 -19.29
CA VAL D 366 -15.37 20.42 -20.17
C VAL D 366 -16.19 21.39 -21.01
N ASN D 367 -16.72 20.87 -22.12
CA ASN D 367 -17.63 21.60 -22.97
C ASN D 367 -19.08 21.22 -22.72
N SER D 368 -19.34 20.42 -21.69
CA SER D 368 -20.66 19.95 -21.34
C SER D 368 -21.23 20.79 -20.19
N ASP D 369 -22.38 20.35 -19.66
CA ASP D 369 -23.07 21.11 -18.64
C ASP D 369 -22.34 21.06 -17.30
N THR D 370 -22.22 22.21 -16.65
CA THR D 370 -21.59 22.32 -15.34
C THR D 370 -22.50 23.10 -14.41
N VAL D 371 -22.08 23.20 -13.15
CA VAL D 371 -22.76 24.01 -12.15
C VAL D 371 -21.72 24.62 -11.23
N GLY D 372 -22.01 25.82 -10.74
CA GLY D 372 -21.21 26.42 -9.70
C GLY D 372 -21.73 26.03 -8.32
N TRP D 373 -20.81 25.85 -7.39
CA TRP D 373 -21.14 25.48 -6.02
C TRP D 373 -19.98 25.91 -5.12
N SER D 374 -20.00 25.44 -3.89
CA SER D 374 -18.93 25.67 -2.93
C SER D 374 -18.45 24.32 -2.43
N TRP D 375 -17.20 23.99 -2.71
CA TRP D 375 -16.57 22.79 -2.16
C TRP D 375 -15.47 23.21 -1.20
N PRO D 376 -15.79 23.62 0.03
CA PRO D 376 -14.77 24.15 0.92
C PRO D 376 -14.05 23.06 1.67
N ASP D 377 -13.11 23.44 2.55
CA ASP D 377 -12.40 22.44 3.34
C ASP D 377 -13.34 21.75 4.32
N GLY D 378 -14.11 22.55 5.07
CA GLY D 378 -15.13 22.00 5.94
C GLY D 378 -14.66 21.36 7.21
N ALA D 379 -13.50 21.72 7.73
CA ALA D 379 -13.02 21.22 9.00
C ALA D 379 -13.29 22.25 10.10
N GLU D 380 -13.90 21.80 11.19
CA GLU D 380 -14.21 22.66 12.33
C GLU D 380 -12.94 22.84 13.16
N LEU D 381 -12.41 24.07 13.18
CA LEU D 381 -11.18 24.36 13.89
C LEU D 381 -11.47 25.14 15.16
C4 A1IVX E . -34.81 8.88 2.14
C14 A1IVX E . -33.45 9.40 -2.15
C5 A1IVX E . -32.77 8.05 1.13
C6 A1IVX E . -31.70 7.40 1.98
C11 A1IVX E . -30.09 11.24 -1.36
C7 A1IVX E . -32.12 6.51 2.96
C8 A1IVX E . -30.40 7.62 1.83
C9 A1IVX E . -29.83 8.55 0.79
C10 A1IVX E . -30.89 9.44 0.10
C12 A1IVX E . -29.52 11.56 -2.71
C13 A1IVX E . -32.19 8.68 -0.15
N1 A1IVX E . -33.50 9.01 1.95
N2 A1IVX E . -28.79 9.41 1.44
C3 A1IVX E . -35.44 9.92 3.03
N3 A1IVX E . -30.32 9.95 -1.13
C1 A1IVX E . -35.32 8.51 5.12
C15 A1IVX E . -34.38 10.53 -2.56
C16 A1IVX E . -33.75 11.90 -2.43
C17 A1IVX E . -34.00 8.01 -2.43
C18 A1IVX E . -35.37 7.76 -1.83
C2 A1IVX E . -36.19 9.33 4.20
O1 A1IVX E . -35.48 7.98 1.62
O2 A1IVX E . -33.31 6.10 2.91
O3 A1IVX E . -31.30 6.16 3.84
O4 A1IVX E . -30.33 12.10 -0.54
O5 A1IVX E . -33.18 9.53 -0.72
C1 NAG F . -20.97 -14.01 -26.51
C2 NAG F . -21.20 -15.42 -27.05
C3 NAG F . -19.87 -16.08 -27.44
C4 NAG F . -19.00 -15.15 -28.29
C5 NAG F . -18.85 -13.82 -27.56
C6 NAG F . -18.00 -12.79 -28.25
C7 NAG F . -23.16 -16.65 -26.15
C8 NAG F . -23.64 -17.46 -24.97
N2 NAG F . -21.89 -16.21 -26.07
O3 NAG F . -20.16 -17.28 -28.10
O4 NAG F . -17.76 -15.77 -28.49
O5 NAG F . -20.15 -13.27 -27.38
O6 NAG F . -18.11 -11.55 -27.60
O7 NAG F . -23.89 -16.40 -27.10
CA CA G . -42.19 1.62 -0.76
C4 A1IVX H . -10.07 -26.83 21.64
C14 A1IVX H . -11.01 -28.10 17.37
C5 A1IVX H . -9.17 -25.92 19.56
C6 A1IVX H . -8.29 -24.68 19.57
C11 A1IVX H . -12.56 -24.66 16.35
C7 A1IVX H . -7.27 -24.64 20.50
C8 A1IVX H . -8.46 -23.66 18.74
C9 A1IVX H . -9.53 -23.62 17.68
C10 A1IVX H . -10.57 -24.75 17.79
C12 A1IVX H . -13.07 -24.87 14.96
C13 A1IVX H . -9.94 -26.07 18.24
N1 A1IVX H . -10.05 -25.86 20.71
N2 A1IVX H . -10.21 -22.29 17.76
C3 A1IVX H . -11.03 -26.61 22.79
N3 A1IVX H . -11.25 -24.88 16.52
C1 A1IVX H . -9.31 -25.68 24.35
C15 A1IVX H . -12.24 -28.95 17.64
C16 A1IVX H . -13.54 -28.16 17.51
C17 A1IVX H . -9.72 -28.90 17.33
C18 A1IVX H . -9.48 -29.73 18.58
C2 A1IVX H . -10.63 -25.45 23.67
O1 A1IVX H . -9.38 -27.84 21.56
O2 A1IVX H . -6.95 -25.71 21.07
O3 A1IVX H . -6.71 -23.53 20.72
O4 A1IVX H . -13.28 -24.33 17.26
O5 A1IVX H . -10.92 -27.09 18.39
C1 NAG I . 8.58 -33.32 -12.46
C2 NAG I . 9.88 -33.97 -12.96
C3 NAG I . 10.51 -33.13 -14.07
C4 NAG I . 9.49 -32.74 -15.14
C5 NAG I . 8.31 -32.06 -14.45
C6 NAG I . 7.22 -31.57 -15.38
C7 NAG I . 11.14 -35.29 -11.29
C8 NAG I . 12.12 -35.18 -10.14
N2 NAG I . 10.79 -34.13 -11.85
O3 NAG I . 11.57 -33.87 -14.61
O4 NAG I . 10.12 -31.87 -16.04
O5 NAG I . 7.74 -32.99 -13.54
O6 NAG I . 6.09 -31.18 -14.63
O7 NAG I . 10.71 -36.38 -11.66
CA CA J . -3.49 -35.71 22.27
C4 A1IVX K . 29.58 -0.41 20.37
C14 A1IVX K . 30.08 -3.60 17.17
C5 A1IVX K . 28.37 -0.63 18.26
C6 A1IVX K . 27.19 0.27 17.94
C11 A1IVX K . 26.46 -5.01 17.55
C7 A1IVX K . 27.34 1.63 18.18
C8 A1IVX K . 26.04 -0.18 17.45
C9 A1IVX K . 25.78 -1.64 17.15
C10 A1IVX K . 26.86 -2.59 17.67
C12 A1IVX K . 26.41 -6.20 16.64
C13 A1IVX K . 28.27 -1.99 17.56
N1 A1IVX K . 28.47 -0.76 19.70
N2 A1IVX K . 24.45 -2.00 17.74
C3 A1IVX K . 29.50 -0.58 21.88
N3 A1IVX K . 26.76 -3.85 16.97
C1 A1IVX K . 28.91 1.81 22.36
C15 A1IVX K . 30.91 -4.60 17.96
C16 A1IVX K . 30.06 -5.67 18.64
C17 A1IVX K . 30.92 -2.63 16.34
C18 A1IVX K . 31.95 -1.88 17.17
C2 A1IVX K . 28.52 0.36 22.53
O1 A1IVX K . 30.58 0.01 19.81
O2 A1IVX K . 28.50 2.06 18.35
O3 A1IVX K . 26.31 2.34 18.18
O4 A1IVX K . 26.25 -5.10 18.74
O5 A1IVX K . 29.26 -2.86 18.09
C1 NAG L . 31.16 -3.45 -18.88
C2 NAG L . 31.77 -2.69 -20.07
C3 NAG L . 30.79 -2.64 -21.24
C4 NAG L . 30.18 -4.01 -21.54
C5 NAG L . 29.58 -4.57 -20.24
C6 NAG L . 28.90 -5.91 -20.38
C7 NAG L . 33.41 -0.92 -19.51
C8 NAG L . 33.52 0.52 -19.07
N2 NAG L . 32.15 -1.36 -19.66
O3 NAG L . 31.48 -2.12 -22.35
O4 NAG L . 29.21 -3.85 -22.53
O5 NAG L . 30.62 -4.68 -19.29
O6 NAG L . 28.59 -6.41 -19.10
O7 NAG L . 34.40 -1.60 -19.72
CA CA M . 38.70 4.37 16.33
C4 A1IVX N . 4.99 35.55 1.03
C14 A1IVX N . 7.63 33.90 -2.29
C5 A1IVX N . 4.81 33.40 -0.11
C6 A1IVX N . 3.82 32.35 0.36
C11 A1IVX N . 8.93 30.88 -0.19
C7 A1IVX N . 2.53 32.77 0.63
C8 A1IVX N . 4.14 31.07 0.52
C9 A1IVX N . 5.51 30.51 0.24
C10 A1IVX N . 6.58 31.58 -0.02
C12 A1IVX N . 9.95 30.21 -1.06
C13 A1IVX N . 6.03 32.77 -0.80
N1 A1IVX N . 5.17 34.22 1.02
N2 A1IVX N . 5.91 29.66 1.40
C3 A1IVX N . 5.40 36.26 2.30
N3 A1IVX N . 7.70 30.97 -0.69
C1 A1IVX N . 3.10 36.31 3.30
C15 A1IVX N . 8.78 34.88 -2.19
C16 A1IVX N . 9.91 34.40 -1.30
C17 A1IVX N . 6.57 34.29 -3.32
C18 A1IVX N . 6.01 35.68 -3.09
C2 A1IVX N . 4.54 35.90 3.49
O1 A1IVX N . 4.53 36.16 0.07
O2 A1IVX N . 2.18 33.89 0.21
O3 A1IVX N . 1.77 31.99 1.27
O4 A1IVX N . 9.21 31.31 0.91
O5 A1IVX N . 7.02 33.78 -0.99
C1 NAG O . 1.61 15.86 -32.93
C2 NAG O . 0.70 15.85 -34.17
C3 NAG O . 0.41 14.42 -34.62
C4 NAG O . 1.69 13.58 -34.69
C5 NAG O . 2.42 13.68 -33.36
C6 NAG O . 3.70 12.87 -33.25
C7 NAG O . -0.90 17.73 -34.38
C8 NAG O . -2.23 18.25 -33.90
N2 NAG O . -0.53 16.55 -33.87
O3 NAG O . -0.25 14.48 -35.85
O4 NAG O . 1.32 12.25 -34.98
O5 NAG O . 2.73 15.05 -33.13
O6 NAG O . 4.39 13.23 -32.08
O7 NAG O . -0.21 18.38 -35.16
CA CA P . 0.00 41.69 -6.71
#